data_6ZTR
#
_entry.id   6ZTR
#
_cell.length_a   172.691
_cell.length_b   77.795
_cell.length_c   133.406
_cell.angle_alpha   90.000
_cell.angle_beta   90.000
_cell.angle_gamma   90.000
#
_symmetry.space_group_name_H-M   'P 21 21 2'
#
loop_
_entity.id
_entity.type
_entity.pdbx_description
1 polymer 'CQY684 Fab heavy-chain'
2 polymer 'CQY684 Fab light-chain'
3 polymer Cadherin-3
4 non-polymer 'CALCIUM ION'
5 water water
#
loop_
_entity_poly.entity_id
_entity_poly.type
_entity_poly.pdbx_seq_one_letter_code
_entity_poly.pdbx_strand_id
1 'polypeptide(L)'
;QVQLQQSGPGLVKPSQTLSLTCAISGDSVSSQSAAWNWIRQSPSRGLEWLGRIYYRSKWYNDYALSVKSRITINPDTSKN
QFSLQLNSVTPEDTAVYYCARGEGYGREGFAIWGQGTLVTVSSASTKGPSVFPLAPSSKSTSGGTAALGCLVKDYFPEPV
TVSWNSGALTSGVHTFPAVLQSSGLYSLSSVVTVPSSSLGTQTYICNVNHKPSNTKVDKKVEPKSEFDYKDDDDKGAPHH
HHHH
;
A,H
2 'polypeptide(L)'
;DIQMTQSPSSLSASVGDRVTITCRASQTISNTLAWYQQKPGKAPKLLIYAASNLQSGVPSRFSGSGSGTDFTLTISSLQP
EDFATYYCQQYLSWFTFGQGTKVEIKRTVAAPSVFIFPPSDEQLKSGTASVVCLLNNFYPREAKVQWKVDNALQSGNSQE
SVTEQDSKDSTYSLSSTLTLSKADYEKHKVYACEVTHQGLSSPVTKSFNRGEA
;
B,L
3 'polypeptide(L)'
;GPDWVVAPISVPENGKGPFPQRLNQLKSNKDRDTKIFYSITGPGADSPPEGVFAVEKETGWLLLNKPLDREEIAKYELFG
HAVSENGASVEDPMNISIIVTDQNDHKPKFTQDTFRGSVLEGVLPGTSVMQVTATDEDDAIYTYNGVVAYSIHSQEPKDP
HDLMFTIHRSTGTISVISSGLDREKVPEYTLTIQATDMDGDGSTTTAVAVVEILDANDN
;
I,J
#
# COMPACT_ATOMS: atom_id res chain seq x y z
N GLN A 1 -26.20 15.58 3.85
CA GLN A 1 -24.78 15.74 4.18
C GLN A 1 -24.32 17.21 4.02
N VAL A 2 -23.00 17.48 4.11
CA VAL A 2 -22.44 18.83 3.95
C VAL A 2 -22.45 19.25 2.47
N GLN A 3 -23.02 20.43 2.19
CA GLN A 3 -23.06 20.97 0.84
C GLN A 3 -22.56 22.41 0.80
N LEU A 4 -21.82 22.74 -0.26
CA LEU A 4 -21.26 24.09 -0.43
C LEU A 4 -21.82 24.68 -1.71
N GLN A 5 -22.52 25.83 -1.60
CA GLN A 5 -23.18 26.50 -2.72
C GLN A 5 -22.56 27.87 -3.02
N GLN A 6 -21.92 27.97 -4.19
CA GLN A 6 -21.23 29.17 -4.63
C GLN A 6 -22.14 30.16 -5.34
N SER A 7 -21.86 31.44 -5.13
CA SER A 7 -22.56 32.56 -5.76
C SER A 7 -21.53 33.68 -5.98
N GLY A 8 -21.85 34.60 -6.87
CA GLY A 8 -20.95 35.71 -7.20
C GLY A 8 -20.75 35.91 -8.69
N PRO A 9 -20.46 37.16 -9.11
CA PRO A 9 -20.32 37.43 -10.55
C PRO A 9 -19.04 36.85 -11.18
N GLY A 10 -19.14 36.34 -12.40
CA GLY A 10 -18.00 35.77 -13.11
C GLY A 10 -17.09 36.76 -13.81
N LEU A 11 -17.70 37.70 -14.51
CA LEU A 11 -16.99 38.74 -15.25
C LEU A 11 -16.46 39.85 -14.33
N VAL A 12 -15.13 40.02 -14.32
CA VAL A 12 -14.43 41.06 -13.54
C VAL A 12 -13.54 41.81 -14.53
N LYS A 13 -13.57 43.14 -14.49
CA LYS A 13 -12.71 43.93 -15.38
C LYS A 13 -11.29 44.03 -14.78
N PRO A 14 -10.22 44.15 -15.63
CA PRO A 14 -8.85 44.30 -15.09
C PRO A 14 -8.75 45.41 -14.04
N SER A 15 -7.95 45.17 -12.94
CA SER A 15 -7.70 46.08 -11.80
C SER A 15 -8.86 46.22 -10.78
N GLN A 16 -10.01 45.63 -11.10
CA GLN A 16 -11.18 45.62 -10.25
C GLN A 16 -11.13 44.40 -9.30
N THR A 17 -12.08 44.33 -8.36
CA THR A 17 -12.16 43.30 -7.34
C THR A 17 -13.12 42.14 -7.70
N LEU A 18 -12.67 40.91 -7.46
CA LEU A 18 -13.41 39.68 -7.62
C LEU A 18 -14.05 39.39 -6.25
N SER A 19 -15.36 39.12 -6.23
CA SER A 19 -16.07 38.81 -4.98
C SER A 19 -16.95 37.59 -5.19
N LEU A 20 -16.72 36.54 -4.38
CA LEU A 20 -17.47 35.29 -4.44
C LEU A 20 -17.89 34.93 -3.02
N THR A 21 -19.00 34.18 -2.89
CA THR A 21 -19.48 33.68 -1.60
C THR A 21 -19.72 32.16 -1.67
N CYS A 22 -19.51 31.47 -0.55
CA CYS A 22 -19.73 30.03 -0.41
C CYS A 22 -20.72 29.83 0.74
N ALA A 23 -21.94 29.34 0.43
CA ALA A 23 -22.94 29.07 1.45
C ALA A 23 -22.86 27.62 1.91
N ILE A 24 -22.82 27.44 3.24
CA ILE A 24 -22.71 26.13 3.88
C ILE A 24 -24.06 25.62 4.40
N SER A 25 -24.33 24.33 4.16
CA SER A 25 -25.50 23.63 4.68
C SER A 25 -25.02 22.28 5.20
N GLY A 26 -25.57 21.84 6.32
CA GLY A 26 -25.18 20.58 6.95
C GLY A 26 -23.95 20.69 7.83
N ASP A 27 -23.44 21.93 8.02
CA ASP A 27 -22.25 22.24 8.83
C ASP A 27 -22.25 23.72 9.25
N SER A 28 -21.32 24.08 10.12
CA SER A 28 -21.14 25.44 10.60
C SER A 28 -19.81 26.02 10.08
N VAL A 29 -19.81 27.31 9.68
CA VAL A 29 -18.59 28.02 9.25
C VAL A 29 -17.61 28.12 10.48
N SER A 30 -18.18 28.13 11.71
CA SER A 30 -17.51 28.22 13.00
C SER A 30 -17.12 26.85 13.59
N SER A 31 -17.28 25.76 12.82
CA SER A 31 -16.92 24.40 13.27
C SER A 31 -15.47 24.33 13.76
N GLN A 32 -15.28 23.73 14.94
CA GLN A 32 -14.03 23.51 15.66
C GLN A 32 -13.26 22.29 15.09
N SER A 33 -13.82 21.60 14.08
CA SER A 33 -13.19 20.44 13.44
C SER A 33 -13.04 20.60 11.90
N ALA A 34 -13.17 21.85 11.39
CA ALA A 34 -13.07 22.12 9.96
C ALA A 34 -12.30 23.41 9.64
N ALA A 35 -11.85 23.55 8.38
CA ALA A 35 -11.19 24.72 7.80
C ALA A 35 -11.83 24.97 6.43
N TRP A 36 -12.06 26.25 6.10
CA TRP A 36 -12.78 26.65 4.89
C TRP A 36 -11.83 27.31 3.93
N ASN A 37 -11.74 26.76 2.71
CA ASN A 37 -10.74 27.12 1.71
C ASN A 37 -11.28 27.62 0.39
N TRP A 38 -10.42 28.37 -0.33
CA TRP A 38 -10.67 28.76 -1.71
C TRP A 38 -9.51 28.21 -2.52
N ILE A 39 -9.84 27.54 -3.62
CA ILE A 39 -8.91 26.90 -4.55
C ILE A 39 -9.32 27.30 -5.97
N ARG A 40 -8.38 27.70 -6.81
CA ARG A 40 -8.73 28.01 -8.20
C ARG A 40 -8.08 27.05 -9.16
N GLN A 41 -8.62 26.99 -10.38
CA GLN A 41 -8.12 26.12 -11.43
C GLN A 41 -8.18 26.82 -12.79
N SER A 42 -7.01 26.98 -13.42
CA SER A 42 -6.87 27.62 -14.74
C SER A 42 -6.19 26.65 -15.68
N PRO A 43 -6.47 26.67 -17.01
CA PRO A 43 -5.78 25.74 -17.92
C PRO A 43 -4.25 25.90 -17.91
N SER A 44 -3.78 27.14 -17.69
CA SER A 44 -2.37 27.48 -17.63
C SER A 44 -1.64 26.93 -16.38
N ARG A 45 -2.03 27.39 -15.17
CA ARG A 45 -1.40 27.04 -13.90
C ARG A 45 -1.98 25.85 -13.11
N GLY A 46 -3.11 25.29 -13.54
CA GLY A 46 -3.74 24.18 -12.85
C GLY A 46 -4.39 24.57 -11.53
N LEU A 47 -4.54 23.58 -10.62
CA LEU A 47 -5.16 23.74 -9.30
C LEU A 47 -4.23 24.48 -8.36
N GLU A 48 -4.75 25.52 -7.75
CA GLU A 48 -3.99 26.41 -6.90
C GLU A 48 -4.77 26.80 -5.65
N TRP A 49 -4.26 26.39 -4.48
CA TRP A 49 -4.86 26.75 -3.18
C TRP A 49 -4.60 28.26 -2.93
N LEU A 50 -5.66 29.00 -2.55
CA LEU A 50 -5.56 30.43 -2.35
C LEU A 50 -5.49 30.82 -0.87
N GLY A 51 -6.23 30.11 -0.03
CA GLY A 51 -6.24 30.40 1.40
C GLY A 51 -7.32 29.66 2.17
N ARG A 52 -7.29 29.82 3.49
CA ARG A 52 -8.26 29.19 4.39
C ARG A 52 -8.58 30.09 5.58
N ILE A 53 -9.70 29.78 6.25
CA ILE A 53 -10.13 30.38 7.50
C ILE A 53 -10.57 29.23 8.37
N TYR A 54 -10.41 29.36 9.69
CA TYR A 54 -10.84 28.35 10.64
C TYR A 54 -11.04 28.96 12.01
N TYR A 55 -12.06 28.48 12.72
CA TYR A 55 -12.43 28.98 14.04
C TYR A 55 -12.08 27.96 15.08
N ARG A 56 -11.35 28.41 16.12
CA ARG A 56 -10.95 27.61 17.28
C ARG A 56 -11.26 28.42 18.57
N SER A 57 -10.31 29.16 19.11
CA SER A 57 -10.62 30.01 20.28
C SER A 57 -11.09 31.37 19.75
N LYS A 58 -10.66 31.65 18.51
CA LYS A 58 -10.86 32.88 17.74
C LYS A 58 -10.73 32.49 16.24
N TRP A 59 -10.79 33.50 15.36
CA TRP A 59 -10.64 33.31 13.93
C TRP A 59 -9.18 33.39 13.50
N TYR A 60 -8.80 32.51 12.59
CA TYR A 60 -7.47 32.42 11.99
C TYR A 60 -7.65 32.36 10.50
N ASN A 61 -6.62 32.80 9.77
CA ASN A 61 -6.56 32.72 8.32
C ASN A 61 -5.12 32.43 7.87
N ASP A 62 -4.95 31.91 6.67
CA ASP A 62 -3.66 31.63 6.03
C ASP A 62 -3.88 31.85 4.56
N TYR A 63 -3.02 32.67 3.95
CA TYR A 63 -3.13 32.95 2.52
C TYR A 63 -1.92 32.47 1.76
N ALA A 64 -2.13 32.01 0.52
CA ALA A 64 -1.04 31.62 -0.37
C ALA A 64 -0.15 32.88 -0.55
N LEU A 65 1.20 32.72 -0.49
CA LEU A 65 2.12 33.86 -0.61
C LEU A 65 1.97 34.62 -1.92
N SER A 66 1.60 33.91 -3.00
CA SER A 66 1.40 34.47 -4.34
C SER A 66 0.28 35.52 -4.42
N VAL A 67 -0.77 35.40 -3.57
CA VAL A 67 -1.98 36.26 -3.58
C VAL A 67 -2.18 37.05 -2.28
N LYS A 68 -1.36 36.77 -1.25
CA LYS A 68 -1.42 37.40 0.08
C LYS A 68 -1.73 38.90 0.11
N SER A 69 -1.13 39.69 -0.79
CA SER A 69 -1.31 41.16 -0.84
C SER A 69 -2.65 41.61 -1.40
N ARG A 70 -3.37 40.73 -2.13
CA ARG A 70 -4.62 41.07 -2.78
C ARG A 70 -5.85 40.35 -2.21
N ILE A 71 -5.64 39.31 -1.39
CA ILE A 71 -6.71 38.42 -0.91
C ILE A 71 -7.31 38.68 0.47
N THR A 72 -8.62 38.43 0.60
CA THR A 72 -9.39 38.46 1.84
C THR A 72 -10.38 37.30 1.84
N ILE A 73 -10.38 36.53 2.93
CA ILE A 73 -11.34 35.44 3.14
C ILE A 73 -12.04 35.75 4.48
N ASN A 74 -13.35 36.05 4.43
CA ASN A 74 -14.11 36.42 5.63
C ASN A 74 -15.32 35.52 5.94
N PRO A 75 -15.52 35.14 7.23
CA PRO A 75 -16.74 34.40 7.57
C PRO A 75 -17.94 35.33 7.82
N ASP A 76 -19.15 34.80 7.61
CA ASP A 76 -20.42 35.48 7.93
C ASP A 76 -21.22 34.42 8.68
N THR A 77 -21.05 34.42 10.00
CA THR A 77 -21.69 33.49 10.94
C THR A 77 -23.23 33.54 10.93
N SER A 78 -23.81 34.76 10.73
CA SER A 78 -25.26 34.94 10.65
C SER A 78 -25.89 34.27 9.43
N LYS A 79 -25.21 34.31 8.28
CA LYS A 79 -25.64 33.69 7.02
C LYS A 79 -25.00 32.31 6.78
N ASN A 80 -24.15 31.83 7.72
CA ASN A 80 -23.39 30.57 7.64
C ASN A 80 -22.63 30.42 6.31
N GLN A 81 -21.87 31.47 5.96
CA GLN A 81 -21.10 31.51 4.73
C GLN A 81 -19.72 32.13 4.91
N PHE A 82 -18.89 32.08 3.86
CA PHE A 82 -17.56 32.68 3.80
C PHE A 82 -17.31 33.22 2.42
N SER A 83 -16.63 34.36 2.35
CA SER A 83 -16.40 35.03 1.08
C SER A 83 -14.96 34.97 0.59
N LEU A 84 -14.78 35.27 -0.72
CA LEU A 84 -13.50 35.43 -1.37
C LEU A 84 -13.48 36.84 -1.94
N GLN A 85 -12.42 37.59 -1.62
CA GLN A 85 -12.22 38.93 -2.16
C GLN A 85 -10.81 38.99 -2.69
N LEU A 86 -10.69 39.22 -4.00
CA LEU A 86 -9.39 39.31 -4.67
C LEU A 86 -9.35 40.64 -5.43
N ASN A 87 -8.52 41.56 -4.92
CA ASN A 87 -8.35 42.91 -5.48
C ASN A 87 -7.46 42.88 -6.69
N SER A 88 -7.46 44.01 -7.45
CA SER A 88 -6.62 44.30 -8.63
C SER A 88 -6.35 43.11 -9.55
N VAL A 89 -7.44 42.51 -10.04
CA VAL A 89 -7.36 41.34 -10.90
C VAL A 89 -6.72 41.66 -12.26
N THR A 90 -6.00 40.69 -12.83
CA THR A 90 -5.39 40.75 -14.18
C THR A 90 -5.84 39.47 -14.91
N PRO A 91 -5.70 39.35 -16.26
CA PRO A 91 -6.11 38.10 -16.94
C PRO A 91 -5.53 36.80 -16.40
N GLU A 92 -4.47 36.90 -15.57
CA GLU A 92 -3.87 35.74 -14.90
C GLU A 92 -4.78 35.20 -13.78
N ASP A 93 -5.80 35.99 -13.37
CA ASP A 93 -6.79 35.56 -12.35
C ASP A 93 -7.99 34.82 -12.97
N THR A 94 -8.04 34.71 -14.32
CA THR A 94 -9.07 33.95 -15.03
C THR A 94 -8.92 32.46 -14.63
N ALA A 95 -9.96 31.85 -14.07
CA ALA A 95 -9.96 30.49 -13.59
C ALA A 95 -11.38 30.07 -13.14
N VAL A 96 -11.54 28.80 -12.76
CA VAL A 96 -12.73 28.28 -12.12
C VAL A 96 -12.37 28.31 -10.62
N TYR A 97 -13.13 29.05 -9.83
CA TYR A 97 -12.87 29.18 -8.39
C TYR A 97 -13.75 28.24 -7.59
N TYR A 98 -13.18 27.48 -6.68
CA TYR A 98 -13.87 26.52 -5.82
C TYR A 98 -13.69 26.87 -4.36
N CYS A 99 -14.72 26.64 -3.56
CA CYS A 99 -14.64 26.69 -2.11
C CYS A 99 -14.57 25.21 -1.70
N ALA A 100 -13.85 24.92 -0.62
CA ALA A 100 -13.70 23.53 -0.18
C ALA A 100 -13.54 23.44 1.33
N ARG A 101 -13.98 22.31 1.89
CA ARG A 101 -13.87 21.99 3.30
C ARG A 101 -12.75 21.01 3.46
N GLY A 102 -11.88 21.29 4.42
CA GLY A 102 -10.83 20.39 4.82
C GLY A 102 -11.13 19.94 6.24
N GLU A 103 -11.25 18.60 6.46
CA GLU A 103 -11.44 18.06 7.82
C GLU A 103 -10.22 18.48 8.67
N GLY A 104 -10.47 18.95 9.91
CA GLY A 104 -9.43 19.44 10.81
C GLY A 104 -8.87 20.75 10.30
N TYR A 105 -7.63 20.73 9.80
CA TYR A 105 -6.96 21.90 9.23
C TYR A 105 -6.60 21.73 7.75
N GLY A 106 -7.06 20.65 7.15
CA GLY A 106 -6.78 20.33 5.75
C GLY A 106 -5.71 19.26 5.55
N ARG A 107 -5.24 18.63 6.65
CA ARG A 107 -4.21 17.59 6.60
C ARG A 107 -4.72 16.18 6.37
N GLU A 108 -5.88 16.07 5.73
CA GLU A 108 -6.55 14.81 5.34
C GLU A 108 -7.20 14.98 3.96
N GLY A 109 -6.80 16.04 3.25
CA GLY A 109 -7.31 16.35 1.91
C GLY A 109 -8.58 17.17 1.97
N PHE A 110 -9.12 17.56 0.80
CA PHE A 110 -10.36 18.33 0.72
C PHE A 110 -11.47 17.40 0.19
N ALA A 111 -12.39 16.97 1.08
CA ALA A 111 -13.48 16.05 0.73
C ALA A 111 -14.72 16.71 0.14
N ILE A 112 -15.07 17.93 0.59
CA ILE A 112 -16.28 18.65 0.17
C ILE A 112 -15.86 19.89 -0.60
N TRP A 113 -16.45 20.08 -1.78
CA TRP A 113 -16.18 21.19 -2.69
C TRP A 113 -17.48 21.83 -3.14
N GLY A 114 -17.43 23.12 -3.48
CA GLY A 114 -18.54 23.82 -4.10
C GLY A 114 -18.62 23.42 -5.58
N GLN A 115 -19.60 23.95 -6.33
CA GLN A 115 -19.77 23.59 -7.75
C GLN A 115 -18.76 24.25 -8.71
N GLY A 116 -18.16 25.36 -8.28
CA GLY A 116 -17.21 26.10 -9.09
C GLY A 116 -17.85 27.30 -9.74
N THR A 117 -17.09 28.37 -9.88
CA THR A 117 -17.58 29.61 -10.51
C THR A 117 -16.52 30.02 -11.49
N LEU A 118 -16.88 30.07 -12.78
CA LEU A 118 -15.94 30.51 -13.80
C LEU A 118 -15.82 32.03 -13.72
N VAL A 119 -14.57 32.47 -13.57
CA VAL A 119 -14.21 33.86 -13.52
C VAL A 119 -13.38 34.18 -14.75
N THR A 120 -13.83 35.18 -15.49
CA THR A 120 -13.18 35.74 -16.67
C THR A 120 -12.83 37.17 -16.34
N VAL A 121 -11.55 37.49 -16.50
CA VAL A 121 -11.03 38.83 -16.31
C VAL A 121 -10.68 39.32 -17.69
N SER A 122 -11.46 40.29 -18.18
CA SER A 122 -11.33 40.85 -19.52
C SER A 122 -11.95 42.25 -19.56
N SER A 123 -11.48 43.09 -20.52
CA SER A 123 -12.02 44.45 -20.70
C SER A 123 -13.13 44.53 -21.79
N ALA A 124 -13.40 43.41 -22.47
CA ALA A 124 -14.42 43.27 -23.53
C ALA A 124 -15.86 43.61 -23.06
N SER A 125 -16.65 44.24 -23.94
CA SER A 125 -18.06 44.56 -23.66
C SER A 125 -18.90 43.35 -23.98
N THR A 126 -20.05 43.12 -23.29
CA THR A 126 -20.87 41.94 -23.64
C THR A 126 -21.44 42.07 -25.03
N LYS A 127 -21.33 40.99 -25.81
CA LYS A 127 -21.72 40.98 -27.21
C LYS A 127 -22.35 39.66 -27.57
N GLY A 128 -23.48 39.75 -28.25
CA GLY A 128 -24.19 38.60 -28.75
C GLY A 128 -23.51 38.06 -30.00
N PRO A 129 -23.57 36.75 -30.25
CA PRO A 129 -22.91 36.23 -31.46
C PRO A 129 -23.66 36.50 -32.75
N SER A 130 -22.94 36.35 -33.86
CA SER A 130 -23.44 36.33 -35.22
C SER A 130 -23.45 34.85 -35.50
N VAL A 131 -24.51 34.34 -36.14
CA VAL A 131 -24.64 32.91 -36.40
C VAL A 131 -24.71 32.71 -37.92
N PHE A 132 -23.81 31.87 -38.44
CA PHE A 132 -23.72 31.59 -39.86
C PHE A 132 -23.90 30.11 -40.11
N PRO A 133 -24.59 29.73 -41.20
CA PRO A 133 -24.70 28.29 -41.49
C PRO A 133 -23.43 27.70 -42.09
N LEU A 134 -23.23 26.41 -41.84
CA LEU A 134 -22.15 25.61 -42.46
C LEU A 134 -22.96 24.63 -43.31
N ALA A 135 -23.38 25.10 -44.49
CA ALA A 135 -24.26 24.38 -45.40
C ALA A 135 -23.73 23.00 -45.79
N PRO A 136 -24.60 21.94 -45.82
CA PRO A 136 -24.13 20.65 -46.36
C PRO A 136 -23.83 20.81 -47.87
N SER A 137 -22.82 20.10 -48.36
CA SER A 137 -22.42 20.14 -49.78
C SER A 137 -21.73 18.85 -50.16
N SER A 138 -21.27 18.76 -51.42
CA SER A 138 -20.54 17.60 -51.94
C SER A 138 -19.18 17.45 -51.21
N LYS A 139 -18.76 18.52 -50.50
CA LYS A 139 -17.53 18.57 -49.71
C LYS A 139 -17.77 18.18 -48.25
N SER A 140 -19.01 17.83 -47.92
CA SER A 140 -19.43 17.45 -46.58
C SER A 140 -20.20 16.11 -46.53
N THR A 141 -20.25 15.39 -47.66
CA THR A 141 -20.92 14.08 -47.78
C THR A 141 -19.96 12.91 -47.87
N SER A 142 -20.43 11.71 -47.50
CA SER A 142 -19.73 10.40 -47.59
C SER A 142 -20.70 9.27 -47.25
N GLY A 143 -20.75 8.23 -48.08
CA GLY A 143 -21.67 7.10 -47.89
C GLY A 143 -23.14 7.52 -47.84
N GLY A 144 -23.78 7.31 -46.68
CA GLY A 144 -25.15 7.73 -46.49
C GLY A 144 -25.31 8.93 -45.57
N THR A 145 -24.25 9.73 -45.44
CA THR A 145 -24.23 10.82 -44.50
C THR A 145 -23.80 12.20 -45.05
N ALA A 146 -24.29 13.26 -44.43
CA ALA A 146 -23.94 14.65 -44.72
C ALA A 146 -23.66 15.41 -43.42
N ALA A 147 -22.59 16.22 -43.42
CA ALA A 147 -22.27 17.06 -42.26
C ALA A 147 -22.71 18.47 -42.60
N LEU A 148 -23.29 19.13 -41.60
CA LEU A 148 -23.73 20.51 -41.70
C LEU A 148 -23.49 21.11 -40.33
N GLY A 149 -23.61 22.42 -40.21
CA GLY A 149 -23.44 23.04 -38.92
C GLY A 149 -23.74 24.52 -38.86
N CYS A 150 -23.33 25.13 -37.75
CA CYS A 150 -23.47 26.54 -37.45
C CYS A 150 -22.20 27.08 -36.85
N LEU A 151 -21.77 28.24 -37.35
CA LEU A 151 -20.61 28.98 -36.88
C LEU A 151 -21.16 30.12 -36.04
N VAL A 152 -20.84 30.10 -34.74
CA VAL A 152 -21.29 31.03 -33.70
C VAL A 152 -20.08 31.88 -33.38
N LYS A 153 -20.04 33.04 -34.03
CA LYS A 153 -18.89 33.94 -34.01
C LYS A 153 -19.09 35.26 -33.25
N ASP A 154 -17.98 35.75 -32.67
CA ASP A 154 -17.83 37.04 -32.00
C ASP A 154 -18.79 37.36 -30.86
N TYR A 155 -18.75 36.52 -29.82
CA TYR A 155 -19.57 36.73 -28.63
C TYR A 155 -18.70 36.89 -27.39
N PHE A 156 -19.26 37.52 -26.37
CA PHE A 156 -18.61 37.69 -25.08
C PHE A 156 -19.65 38.01 -24.02
N PRO A 157 -19.55 37.42 -22.81
CA PRO A 157 -18.62 36.35 -22.41
C PRO A 157 -19.20 34.96 -22.71
N GLU A 158 -18.47 33.93 -22.27
CA GLU A 158 -18.94 32.56 -22.35
C GLU A 158 -20.03 32.39 -21.27
N PRO A 159 -21.00 31.48 -21.41
CA PRO A 159 -21.15 30.50 -22.48
C PRO A 159 -22.28 30.81 -23.47
N VAL A 160 -22.32 30.02 -24.54
CA VAL A 160 -23.43 29.96 -25.49
C VAL A 160 -23.96 28.53 -25.37
N THR A 161 -25.26 28.36 -25.56
CA THR A 161 -25.84 27.03 -25.63
C THR A 161 -26.26 26.84 -27.08
N VAL A 162 -26.01 25.65 -27.63
CA VAL A 162 -26.39 25.31 -28.99
C VAL A 162 -27.20 24.01 -28.95
N SER A 163 -28.39 24.06 -29.52
CA SER A 163 -29.21 22.87 -29.71
C SER A 163 -29.60 22.81 -31.18
N TRP A 164 -30.07 21.65 -31.61
CA TRP A 164 -30.50 21.44 -32.99
C TRP A 164 -31.92 20.98 -32.95
N ASN A 165 -32.78 21.64 -33.75
CA ASN A 165 -34.22 21.34 -33.87
C ASN A 165 -34.92 21.36 -32.52
N SER A 166 -34.70 22.44 -31.77
CA SER A 166 -35.25 22.70 -30.44
C SER A 166 -34.94 21.59 -29.44
N GLY A 167 -33.80 20.92 -29.63
CA GLY A 167 -33.34 19.84 -28.76
C GLY A 167 -33.82 18.46 -29.16
N ALA A 168 -34.65 18.37 -30.23
CA ALA A 168 -35.13 17.08 -30.74
C ALA A 168 -34.03 16.30 -31.48
N LEU A 169 -32.99 16.99 -31.98
CA LEU A 169 -31.86 16.38 -32.69
C LEU A 169 -30.62 16.40 -31.79
N THR A 170 -30.17 15.21 -31.36
CA THR A 170 -29.00 15.12 -30.45
C THR A 170 -27.95 14.17 -30.97
N SER A 171 -28.38 13.16 -31.76
CA SER A 171 -27.49 12.17 -32.34
C SER A 171 -26.67 12.78 -33.47
N GLY A 172 -25.36 12.50 -33.47
CA GLY A 172 -24.43 12.98 -34.47
C GLY A 172 -24.01 14.43 -34.31
N VAL A 173 -24.32 15.04 -33.15
CA VAL A 173 -24.00 16.44 -32.84
C VAL A 173 -22.66 16.53 -32.17
N HIS A 174 -21.84 17.52 -32.60
CA HIS A 174 -20.56 17.89 -32.00
C HIS A 174 -20.52 19.39 -31.87
N THR A 175 -20.65 19.88 -30.62
CA THR A 175 -20.51 21.30 -30.34
C THR A 175 -19.10 21.46 -29.76
N PHE A 176 -18.24 22.15 -30.52
CA PHE A 176 -16.84 22.34 -30.16
C PHE A 176 -16.62 23.35 -29.06
N PRO A 177 -15.57 23.15 -28.21
CA PRO A 177 -15.26 24.18 -27.19
C PRO A 177 -14.91 25.50 -27.88
N ALA A 178 -15.33 26.62 -27.29
CA ALA A 178 -15.05 27.96 -27.80
C ALA A 178 -13.55 28.27 -27.80
N VAL A 179 -13.12 29.09 -28.78
CA VAL A 179 -11.74 29.56 -28.88
C VAL A 179 -11.76 31.07 -28.69
N LEU A 180 -10.80 31.61 -27.94
CA LEU A 180 -10.68 33.04 -27.75
C LEU A 180 -9.87 33.58 -28.95
N GLN A 181 -10.46 34.54 -29.68
CA GLN A 181 -9.82 35.15 -30.85
C GLN A 181 -9.00 36.34 -30.35
N SER A 182 -8.06 36.84 -31.19
CA SER A 182 -7.17 37.98 -30.84
C SER A 182 -7.94 39.26 -30.43
N SER A 183 -9.20 39.39 -30.92
CA SER A 183 -10.15 40.48 -30.67
C SER A 183 -10.74 40.50 -29.25
N GLY A 184 -10.56 39.39 -28.49
CA GLY A 184 -11.09 39.25 -27.14
C GLY A 184 -12.46 38.61 -27.12
N LEU A 185 -12.98 38.25 -28.30
CA LEU A 185 -14.28 37.63 -28.45
C LEU A 185 -14.14 36.14 -28.74
N TYR A 186 -15.14 35.35 -28.32
CA TYR A 186 -15.19 33.90 -28.48
C TYR A 186 -15.85 33.51 -29.79
N SER A 187 -15.54 32.30 -30.23
CA SER A 187 -16.09 31.74 -31.45
C SER A 187 -16.16 30.23 -31.32
N LEU A 188 -17.26 29.64 -31.76
CA LEU A 188 -17.40 28.19 -31.79
C LEU A 188 -18.20 27.73 -32.99
N SER A 189 -18.04 26.45 -33.31
CA SER A 189 -18.78 25.74 -34.33
C SER A 189 -19.55 24.61 -33.66
N SER A 190 -20.71 24.33 -34.21
CA SER A 190 -21.52 23.19 -33.82
C SER A 190 -21.89 22.52 -35.13
N VAL A 191 -21.51 21.25 -35.26
CA VAL A 191 -21.77 20.46 -36.46
C VAL A 191 -22.65 19.25 -36.15
N VAL A 192 -23.35 18.75 -37.15
CA VAL A 192 -24.18 17.58 -37.01
C VAL A 192 -24.10 16.72 -38.25
N THR A 193 -23.92 15.41 -38.07
CA THR A 193 -23.94 14.51 -39.21
C THR A 193 -25.30 13.88 -39.31
N VAL A 194 -25.94 14.09 -40.48
CA VAL A 194 -27.32 13.63 -40.73
C VAL A 194 -27.40 12.66 -41.91
N PRO A 195 -28.49 11.86 -42.07
CA PRO A 195 -28.59 11.04 -43.30
C PRO A 195 -28.69 11.95 -44.53
N SER A 196 -27.91 11.68 -45.59
CA SER A 196 -28.01 12.53 -46.79
C SER A 196 -29.35 12.32 -47.49
N SER A 197 -30.03 11.17 -47.23
CA SER A 197 -31.37 10.86 -47.75
C SER A 197 -32.44 11.87 -47.24
N SER A 198 -32.21 12.45 -46.03
CA SER A 198 -33.06 13.40 -45.30
C SER A 198 -32.95 14.88 -45.72
N LEU A 199 -31.97 15.24 -46.57
CA LEU A 199 -31.74 16.65 -46.93
C LEU A 199 -32.93 17.46 -47.52
N GLY A 200 -33.84 16.80 -48.19
CA GLY A 200 -35.02 17.49 -48.70
C GLY A 200 -36.27 17.39 -47.83
N THR A 201 -36.33 16.33 -46.98
CA THR A 201 -37.48 16.03 -46.11
C THR A 201 -37.42 16.58 -44.70
N GLN A 202 -36.22 16.62 -44.11
CA GLN A 202 -36.02 17.11 -42.75
C GLN A 202 -35.36 18.50 -42.74
N THR A 203 -35.92 19.44 -41.97
CA THR A 203 -35.32 20.75 -41.84
C THR A 203 -34.41 20.79 -40.63
N TYR A 204 -33.24 21.39 -40.80
CA TYR A 204 -32.25 21.53 -39.72
C TYR A 204 -32.06 22.96 -39.32
N ILE A 205 -32.33 23.24 -38.04
CA ILE A 205 -32.21 24.56 -37.47
C ILE A 205 -31.32 24.50 -36.24
N CYS A 206 -30.31 25.37 -36.16
CA CYS A 206 -29.53 25.44 -34.92
C CYS A 206 -30.09 26.57 -34.05
N ASN A 207 -30.32 26.25 -32.77
CA ASN A 207 -30.84 27.20 -31.79
C ASN A 207 -29.67 27.66 -30.95
N VAL A 208 -29.36 28.94 -31.05
CA VAL A 208 -28.23 29.55 -30.35
C VAL A 208 -28.74 30.50 -29.28
N ASN A 209 -28.35 30.25 -28.01
CA ASN A 209 -28.72 31.08 -26.88
C ASN A 209 -27.49 31.61 -26.12
N HIS A 210 -27.39 32.94 -26.07
CA HIS A 210 -26.36 33.65 -25.34
C HIS A 210 -27.05 34.46 -24.28
N LYS A 211 -27.15 33.87 -23.10
CA LYS A 211 -27.80 34.46 -21.94
C LYS A 211 -27.17 35.81 -21.46
N PRO A 212 -25.81 36.01 -21.42
CA PRO A 212 -25.27 37.31 -20.96
C PRO A 212 -25.72 38.54 -21.74
N SER A 213 -25.99 38.38 -23.04
CA SER A 213 -26.44 39.47 -23.89
C SER A 213 -27.93 39.38 -24.24
N ASN A 214 -28.63 38.34 -23.72
CA ASN A 214 -30.05 38.01 -23.97
C ASN A 214 -30.39 37.79 -25.47
N THR A 215 -29.44 37.19 -26.22
CA THR A 215 -29.52 36.90 -27.65
C THR A 215 -30.00 35.46 -27.89
N LYS A 216 -31.01 35.31 -28.77
CA LYS A 216 -31.55 34.01 -29.21
C LYS A 216 -31.64 34.03 -30.71
N VAL A 217 -30.89 33.14 -31.38
CA VAL A 217 -30.87 33.04 -32.84
C VAL A 217 -31.24 31.62 -33.24
N ASP A 218 -32.18 31.47 -34.19
CA ASP A 218 -32.54 30.19 -34.82
C ASP A 218 -32.13 30.32 -36.26
N LYS A 219 -31.17 29.50 -36.69
CA LYS A 219 -30.66 29.59 -38.05
C LYS A 219 -30.92 28.30 -38.84
N LYS A 220 -31.68 28.43 -39.95
CA LYS A 220 -31.95 27.33 -40.85
C LYS A 220 -30.67 27.01 -41.66
N VAL A 221 -30.27 25.73 -41.68
CA VAL A 221 -29.08 25.28 -42.35
C VAL A 221 -29.50 24.31 -43.43
N GLU A 222 -29.20 24.63 -44.68
CA GLU A 222 -29.62 23.79 -45.80
C GLU A 222 -28.66 23.90 -46.99
N PRO A 223 -28.76 22.98 -47.97
CA PRO A 223 -27.91 23.12 -49.15
C PRO A 223 -28.19 24.42 -49.90
N LYS A 224 -27.17 24.90 -50.59
CA LYS A 224 -27.33 26.02 -51.50
C LYS A 224 -28.17 25.48 -52.68
N SER A 225 -28.82 26.38 -53.42
CA SER A 225 -29.57 26.01 -54.61
C SER A 225 -28.53 25.41 -55.61
N GLU A 226 -28.90 24.35 -56.37
CA GLU A 226 -28.01 23.75 -57.39
C GLU A 226 -27.63 24.77 -58.51
N PHE A 227 -28.50 25.76 -58.73
CA PHE A 227 -28.37 26.83 -59.73
C PHE A 227 -28.23 28.16 -58.98
N ASP A 228 -27.17 28.96 -59.22
CA ASP A 228 -27.01 30.22 -58.46
C ASP A 228 -28.18 31.21 -58.67
N TYR A 229 -29.19 31.13 -57.77
CA TYR A 229 -30.44 31.91 -57.76
C TYR A 229 -30.56 32.81 -56.52
N ASP B 1 8.16 26.68 -2.51
CA ASP B 1 7.16 25.63 -2.25
C ASP B 1 7.48 24.25 -2.84
N ILE B 2 6.66 23.25 -2.51
CA ILE B 2 6.84 21.89 -3.04
C ILE B 2 6.11 21.74 -4.39
N GLN B 3 6.82 21.34 -5.45
CA GLN B 3 6.16 21.11 -6.75
C GLN B 3 5.82 19.64 -6.86
N MET B 4 4.62 19.33 -7.37
CA MET B 4 4.10 17.98 -7.63
C MET B 4 4.08 17.76 -9.14
N THR B 5 4.83 16.73 -9.61
CA THR B 5 4.92 16.36 -11.03
C THR B 5 4.29 14.99 -11.26
N GLN B 6 3.26 14.93 -12.09
CA GLN B 6 2.59 13.68 -12.45
C GLN B 6 3.08 13.11 -13.78
N SER B 7 2.98 11.77 -13.92
CA SER B 7 3.38 11.01 -15.09
C SER B 7 2.46 9.81 -15.33
N PRO B 8 2.08 9.51 -16.60
CA PRO B 8 2.29 10.33 -17.83
C PRO B 8 1.28 11.50 -17.84
N SER B 9 1.26 12.37 -18.87
CA SER B 9 0.25 13.47 -18.87
C SER B 9 -1.16 12.93 -19.27
N SER B 10 -1.15 11.82 -20.01
CA SER B 10 -2.34 11.09 -20.44
C SER B 10 -1.97 9.65 -20.74
N LEU B 11 -2.93 8.76 -20.60
CA LEU B 11 -2.79 7.37 -20.94
C LEU B 11 -4.12 6.84 -21.44
N SER B 12 -4.06 5.81 -22.30
CA SER B 12 -5.23 5.17 -22.87
C SER B 12 -5.34 3.78 -22.30
N ALA B 13 -6.53 3.40 -21.87
CA ALA B 13 -6.77 2.08 -21.33
C ALA B 13 -8.15 1.59 -21.69
N SER B 14 -8.37 0.29 -21.49
CA SER B 14 -9.65 -0.36 -21.74
C SER B 14 -10.30 -0.70 -20.41
N VAL B 15 -11.64 -0.93 -20.43
CA VAL B 15 -12.42 -1.34 -19.27
C VAL B 15 -11.87 -2.72 -18.85
N GLY B 16 -11.58 -2.87 -17.55
CA GLY B 16 -11.04 -4.10 -16.99
C GLY B 16 -9.54 -4.08 -16.81
N ASP B 17 -8.83 -3.07 -17.40
CA ASP B 17 -7.37 -2.89 -17.30
C ASP B 17 -6.91 -2.44 -15.93
N ARG B 18 -5.66 -2.81 -15.53
CA ARG B 18 -5.00 -2.28 -14.32
C ARG B 18 -4.28 -1.04 -14.81
N VAL B 19 -4.54 0.07 -14.16
CA VAL B 19 -3.94 1.34 -14.54
C VAL B 19 -3.09 1.85 -13.37
N THR B 20 -1.87 2.31 -13.65
CA THR B 20 -0.91 2.89 -12.69
C THR B 20 -0.50 4.32 -13.13
N ILE B 21 -0.75 5.32 -12.25
CA ILE B 21 -0.48 6.78 -12.37
C ILE B 21 0.61 7.10 -11.35
N THR B 22 1.60 7.91 -11.73
CA THR B 22 2.66 8.29 -10.81
C THR B 22 2.71 9.79 -10.48
N CYS B 23 3.25 10.11 -9.31
CA CYS B 23 3.38 11.46 -8.76
C CYS B 23 4.73 11.56 -8.03
N ARG B 24 5.50 12.61 -8.36
CA ARG B 24 6.80 12.89 -7.80
C ARG B 24 6.78 14.27 -7.13
N ALA B 25 7.18 14.33 -5.84
CA ALA B 25 7.31 15.58 -5.08
C ALA B 25 8.76 16.08 -5.23
N SER B 26 8.92 17.42 -5.31
CA SER B 26 10.24 18.03 -5.48
C SER B 26 11.18 17.81 -4.27
N GLN B 27 10.58 17.44 -3.11
CA GLN B 27 11.27 17.10 -1.86
C GLN B 27 10.42 16.11 -1.07
N THR B 28 11.03 15.33 -0.17
CA THR B 28 10.31 14.32 0.62
C THR B 28 9.09 14.84 1.39
N ILE B 29 7.94 14.20 1.19
CA ILE B 29 6.67 14.59 1.86
C ILE B 29 6.16 13.44 2.73
N SER B 30 6.93 12.33 2.83
CA SER B 30 6.60 11.09 3.53
C SER B 30 5.25 10.53 3.09
N ASN B 31 4.15 10.68 3.86
CA ASN B 31 2.84 10.20 3.43
C ASN B 31 1.78 11.31 3.33
N THR B 32 2.18 12.59 3.33
CA THR B 32 1.23 13.72 3.28
C THR B 32 0.78 13.97 1.87
N LEU B 33 0.07 12.98 1.31
CA LEU B 33 -0.41 13.03 -0.08
C LEU B 33 -1.83 12.55 -0.24
N ALA B 34 -2.61 13.32 -1.01
CA ALA B 34 -3.98 13.03 -1.39
C ALA B 34 -4.10 12.83 -2.91
N TRP B 35 -5.07 12.00 -3.36
CA TRP B 35 -5.40 11.79 -4.77
C TRP B 35 -6.85 12.24 -5.03
N TYR B 36 -7.09 12.90 -6.17
CA TYR B 36 -8.41 13.40 -6.57
C TYR B 36 -8.74 12.89 -7.96
N GLN B 37 -10.03 12.75 -8.23
CA GLN B 37 -10.54 12.38 -9.54
C GLN B 37 -11.35 13.57 -9.96
N GLN B 38 -11.20 14.03 -11.20
CA GLN B 38 -12.01 15.16 -11.67
C GLN B 38 -12.62 14.89 -13.05
N LYS B 39 -13.94 15.00 -13.16
CA LYS B 39 -14.66 14.84 -14.43
C LYS B 39 -14.97 16.21 -15.02
N PRO B 40 -14.98 16.35 -16.36
CA PRO B 40 -15.24 17.68 -16.98
C PRO B 40 -16.51 18.36 -16.48
N GLY B 41 -16.38 19.65 -16.14
CA GLY B 41 -17.46 20.46 -15.60
C GLY B 41 -17.75 20.23 -14.12
N LYS B 42 -16.98 19.34 -13.46
CA LYS B 42 -17.20 19.02 -12.05
C LYS B 42 -15.98 19.37 -11.22
N ALA B 43 -16.18 19.50 -9.90
CA ALA B 43 -15.15 19.77 -8.94
C ALA B 43 -14.37 18.46 -8.73
N PRO B 44 -13.09 18.53 -8.27
CA PRO B 44 -12.34 17.29 -7.94
C PRO B 44 -13.01 16.49 -6.81
N LYS B 45 -12.81 15.17 -6.82
CA LYS B 45 -13.35 14.26 -5.83
C LYS B 45 -12.19 13.53 -5.13
N LEU B 46 -12.13 13.65 -3.79
CA LEU B 46 -11.11 13.01 -2.95
C LEU B 46 -11.22 11.47 -2.95
N LEU B 47 -10.15 10.81 -3.36
CA LEU B 47 -10.10 9.34 -3.43
C LEU B 47 -9.31 8.74 -2.29
N ILE B 48 -8.12 9.31 -2.04
CA ILE B 48 -7.12 8.84 -1.09
C ILE B 48 -6.46 10.02 -0.39
N TYR B 49 -6.07 9.82 0.87
CA TYR B 49 -5.33 10.80 1.68
C TYR B 49 -4.33 9.93 2.46
N ALA B 50 -3.28 10.54 3.09
CA ALA B 50 -2.19 9.83 3.80
C ALA B 50 -1.57 8.75 2.89
N ALA B 51 -1.44 9.09 1.57
CA ALA B 51 -0.88 8.31 0.47
C ALA B 51 -1.60 6.99 0.10
N SER B 52 -2.10 6.25 1.09
CA SER B 52 -2.69 4.92 0.93
C SER B 52 -4.10 4.75 1.53
N ASN B 53 -4.60 5.75 2.29
CA ASN B 53 -5.93 5.64 2.91
C ASN B 53 -7.10 5.99 2.02
N LEU B 54 -7.94 4.99 1.76
CA LEU B 54 -9.13 5.12 0.93
C LEU B 54 -10.21 5.95 1.64
N GLN B 55 -10.68 7.00 0.95
CA GLN B 55 -11.71 7.91 1.44
C GLN B 55 -13.04 7.12 1.53
N SER B 56 -13.87 7.40 2.57
CA SER B 56 -15.17 6.72 2.76
C SER B 56 -16.07 6.82 1.51
N GLY B 57 -16.64 5.67 1.14
CA GLY B 57 -17.50 5.53 -0.02
C GLY B 57 -16.81 5.35 -1.37
N VAL B 58 -15.46 5.44 -1.41
CA VAL B 58 -14.69 5.28 -2.64
C VAL B 58 -14.50 3.78 -2.94
N PRO B 59 -14.77 3.31 -4.19
CA PRO B 59 -14.58 1.88 -4.50
C PRO B 59 -13.19 1.32 -4.20
N SER B 60 -13.14 0.05 -3.73
CA SER B 60 -11.91 -0.67 -3.35
C SER B 60 -10.90 -0.88 -4.51
N ARG B 61 -11.36 -0.70 -5.78
CA ARG B 61 -10.50 -0.81 -6.95
C ARG B 61 -9.42 0.32 -6.99
N PHE B 62 -9.59 1.41 -6.19
CA PHE B 62 -8.62 2.49 -6.06
C PHE B 62 -7.71 2.24 -4.89
N SER B 63 -6.42 2.36 -5.12
CA SER B 63 -5.41 2.21 -4.08
C SER B 63 -4.22 3.12 -4.33
N GLY B 64 -3.66 3.60 -3.24
CA GLY B 64 -2.49 4.46 -3.24
C GLY B 64 -1.31 3.79 -2.57
N SER B 65 -0.10 4.11 -3.01
CA SER B 65 1.13 3.59 -2.43
C SER B 65 2.26 4.62 -2.62
N GLY B 66 3.40 4.31 -2.01
CA GLY B 66 4.58 5.13 -2.05
C GLY B 66 4.82 5.91 -0.77
N SER B 67 6.01 6.48 -0.67
CA SER B 67 6.49 7.28 0.45
C SER B 67 7.67 8.14 -0.02
N GLY B 68 7.93 9.20 0.72
CA GLY B 68 9.02 10.12 0.41
C GLY B 68 8.69 11.03 -0.73
N THR B 69 9.25 10.76 -1.92
CA THR B 69 9.06 11.60 -3.10
C THR B 69 8.26 10.93 -4.20
N ASP B 70 8.12 9.58 -4.19
CA ASP B 70 7.49 8.81 -5.27
C ASP B 70 6.19 8.11 -4.89
N PHE B 71 5.09 8.49 -5.58
CA PHE B 71 3.76 7.95 -5.29
C PHE B 71 3.05 7.37 -6.49
N THR B 72 2.15 6.43 -6.21
CA THR B 72 1.37 5.74 -7.22
C THR B 72 -0.09 5.64 -6.83
N LEU B 73 -0.97 5.85 -7.82
CA LEU B 73 -2.41 5.61 -7.72
C LEU B 73 -2.68 4.42 -8.70
N THR B 74 -3.33 3.36 -8.19
CA THR B 74 -3.68 2.17 -8.98
C THR B 74 -5.19 1.97 -9.03
N ILE B 75 -5.71 1.74 -10.24
CA ILE B 75 -7.10 1.38 -10.48
C ILE B 75 -6.95 -0.06 -10.94
N SER B 76 -7.33 -1.01 -10.08
CA SER B 76 -7.15 -2.44 -10.35
C SER B 76 -7.97 -2.98 -11.54
N SER B 77 -9.18 -2.45 -11.75
CA SER B 77 -10.03 -2.89 -12.86
C SER B 77 -10.83 -1.70 -13.32
N LEU B 78 -10.33 -1.00 -14.34
CA LEU B 78 -10.93 0.21 -14.88
C LEU B 78 -12.40 0.02 -15.28
N GLN B 79 -13.28 0.84 -14.67
CA GLN B 79 -14.73 0.85 -14.90
C GLN B 79 -15.09 2.02 -15.85
N PRO B 80 -16.25 2.02 -16.56
CA PRO B 80 -16.56 3.15 -17.47
C PRO B 80 -16.57 4.52 -16.80
N GLU B 81 -16.98 4.57 -15.52
CA GLU B 81 -17.02 5.81 -14.74
C GLU B 81 -15.61 6.27 -14.24
N ASP B 82 -14.54 5.53 -14.55
CA ASP B 82 -13.17 5.85 -14.12
C ASP B 82 -12.36 6.72 -15.10
N PHE B 83 -12.85 6.87 -16.33
CA PHE B 83 -12.20 7.70 -17.34
C PHE B 83 -12.40 9.16 -16.89
N ALA B 84 -11.30 9.81 -16.47
CA ALA B 84 -11.24 11.16 -15.87
C ALA B 84 -9.78 11.64 -15.76
N THR B 85 -9.55 12.83 -15.12
CA THR B 85 -8.22 13.36 -14.84
C THR B 85 -7.96 13.15 -13.36
N TYR B 86 -6.80 12.58 -13.04
CA TYR B 86 -6.41 12.28 -11.66
C TYR B 86 -5.32 13.23 -11.21
N TYR B 87 -5.48 13.82 -10.02
CA TYR B 87 -4.54 14.78 -9.44
C TYR B 87 -3.98 14.32 -8.14
N CYS B 88 -2.67 14.53 -7.93
CA CYS B 88 -2.05 14.31 -6.63
C CYS B 88 -1.92 15.69 -5.94
N GLN B 89 -1.89 15.69 -4.60
CA GLN B 89 -1.78 16.90 -3.81
C GLN B 89 -0.98 16.66 -2.53
N GLN B 90 0.04 17.49 -2.28
CA GLN B 90 0.80 17.43 -1.02
C GLN B 90 0.20 18.40 0.02
N TYR B 91 0.28 18.02 1.30
CA TYR B 91 -0.17 18.84 2.41
C TYR B 91 0.85 18.91 3.55
N LEU B 92 2.14 18.70 3.21
CA LEU B 92 3.23 18.83 4.18
C LEU B 92 3.51 20.32 4.45
N SER B 93 3.65 21.11 3.38
CA SER B 93 3.95 22.55 3.50
C SER B 93 2.89 23.23 2.64
N TRP B 94 1.86 23.76 3.32
CA TRP B 94 0.66 24.31 2.71
C TRP B 94 -0.03 23.25 1.87
N PHE B 95 -0.49 23.58 0.64
CA PHE B 95 -1.26 22.68 -0.24
C PHE B 95 -0.93 22.97 -1.68
N THR B 96 -0.27 22.01 -2.34
CA THR B 96 0.09 22.14 -3.77
C THR B 96 -0.34 20.90 -4.51
N PHE B 97 -0.70 21.06 -5.79
CA PHE B 97 -1.24 20.03 -6.66
C PHE B 97 -0.34 19.74 -7.88
N GLY B 98 -0.44 18.50 -8.36
CA GLY B 98 0.15 18.07 -9.62
C GLY B 98 -0.70 18.58 -10.77
N GLN B 99 -0.19 18.43 -12.01
CA GLN B 99 -0.86 18.92 -13.22
C GLN B 99 -1.89 17.95 -13.84
N GLY B 100 -1.94 16.72 -13.33
CA GLY B 100 -2.89 15.70 -13.72
C GLY B 100 -2.48 14.68 -14.74
N THR B 101 -3.12 13.52 -14.66
CA THR B 101 -3.02 12.46 -15.64
C THR B 101 -4.43 12.19 -16.09
N LYS B 102 -4.68 12.41 -17.38
CA LYS B 102 -5.96 12.13 -18.01
C LYS B 102 -5.98 10.64 -18.36
N VAL B 103 -6.96 9.87 -17.85
CA VAL B 103 -7.09 8.46 -18.19
C VAL B 103 -8.19 8.42 -19.28
N GLU B 104 -7.80 8.07 -20.52
CA GLU B 104 -8.72 8.05 -21.67
C GLU B 104 -9.02 6.61 -22.16
N ILE B 105 -10.07 6.46 -22.99
CA ILE B 105 -10.52 5.15 -23.49
C ILE B 105 -9.71 4.69 -24.71
N LYS B 106 -9.09 3.51 -24.60
CA LYS B 106 -8.39 2.94 -25.74
C LYS B 106 -9.45 2.29 -26.67
N ARG B 107 -9.25 2.44 -27.97
CA ARG B 107 -10.08 1.83 -28.99
C ARG B 107 -9.22 1.64 -30.23
N THR B 108 -9.76 0.98 -31.27
CA THR B 108 -9.00 0.80 -32.50
C THR B 108 -8.81 2.14 -33.17
N VAL B 109 -7.71 2.27 -33.92
CA VAL B 109 -7.37 3.45 -34.72
C VAL B 109 -8.49 3.68 -35.77
N ALA B 110 -9.02 4.91 -35.83
CA ALA B 110 -10.07 5.28 -36.79
C ALA B 110 -9.63 6.56 -37.49
N ALA B 111 -9.48 6.51 -38.82
CA ALA B 111 -9.08 7.64 -39.64
C ALA B 111 -10.19 8.72 -39.59
N PRO B 112 -9.83 10.03 -39.62
CA PRO B 112 -10.90 11.05 -39.62
C PRO B 112 -11.66 11.08 -40.95
N SER B 113 -12.90 11.56 -40.93
CA SER B 113 -13.72 11.82 -42.10
C SER B 113 -13.53 13.32 -42.26
N VAL B 114 -12.86 13.74 -43.32
CA VAL B 114 -12.49 15.14 -43.52
C VAL B 114 -13.46 15.87 -44.42
N PHE B 115 -14.01 16.98 -43.91
CA PHE B 115 -14.96 17.83 -44.63
C PHE B 115 -14.54 19.30 -44.57
N ILE B 116 -14.93 20.09 -45.57
CA ILE B 116 -14.56 21.50 -45.67
C ILE B 116 -15.79 22.34 -45.95
N PHE B 117 -15.86 23.51 -45.33
CA PHE B 117 -16.97 24.42 -45.50
C PHE B 117 -16.45 25.82 -45.90
N PRO B 118 -16.80 26.30 -47.12
CA PRO B 118 -16.44 27.68 -47.50
C PRO B 118 -17.16 28.70 -46.60
N PRO B 119 -16.74 29.98 -46.55
CA PRO B 119 -17.52 30.95 -45.75
C PRO B 119 -18.92 31.14 -46.34
N SER B 120 -19.91 31.42 -45.49
CA SER B 120 -21.28 31.66 -45.95
C SER B 120 -21.31 33.00 -46.66
N ASP B 121 -22.30 33.21 -47.54
CA ASP B 121 -22.45 34.45 -48.27
C ASP B 121 -22.82 35.59 -47.32
N GLU B 122 -23.59 35.27 -46.26
CA GLU B 122 -24.00 36.18 -45.21
C GLU B 122 -22.75 36.77 -44.51
N GLN B 123 -21.77 35.90 -44.14
CA GLN B 123 -20.54 36.35 -43.47
C GLN B 123 -19.65 37.16 -44.39
N LEU B 124 -19.56 36.77 -45.67
CA LEU B 124 -18.77 37.48 -46.67
C LEU B 124 -19.24 38.92 -46.86
N LYS B 125 -20.57 39.16 -46.77
CA LYS B 125 -21.18 40.50 -46.83
C LYS B 125 -20.72 41.39 -45.66
N SER B 126 -20.35 40.77 -44.51
CA SER B 126 -19.89 41.46 -43.30
C SER B 126 -18.39 41.85 -43.33
N GLY B 127 -17.65 41.36 -44.32
CA GLY B 127 -16.23 41.66 -44.51
C GLY B 127 -15.22 40.63 -44.05
N THR B 128 -15.69 39.51 -43.47
CA THR B 128 -14.83 38.44 -42.95
C THR B 128 -15.11 37.10 -43.62
N ALA B 129 -14.10 36.21 -43.69
CA ALA B 129 -14.24 34.89 -44.25
C ALA B 129 -13.65 33.82 -43.33
N SER B 130 -14.51 32.97 -42.77
CA SER B 130 -14.09 31.86 -41.92
C SER B 130 -14.27 30.59 -42.75
N VAL B 131 -13.18 29.87 -42.97
CA VAL B 131 -13.18 28.61 -43.73
C VAL B 131 -13.03 27.53 -42.67
N VAL B 132 -13.94 26.56 -42.67
CA VAL B 132 -13.93 25.51 -41.64
C VAL B 132 -13.58 24.15 -42.21
N CYS B 133 -12.57 23.51 -41.61
CA CYS B 133 -12.18 22.15 -41.93
C CYS B 133 -12.60 21.28 -40.74
N LEU B 134 -13.35 20.23 -41.01
CA LEU B 134 -13.88 19.33 -40.01
C LEU B 134 -13.27 17.93 -40.14
N LEU B 135 -12.67 17.46 -39.05
CA LEU B 135 -12.08 16.12 -38.93
C LEU B 135 -13.02 15.40 -38.01
N ASN B 136 -13.81 14.49 -38.55
CA ASN B 136 -14.82 13.81 -37.78
C ASN B 136 -14.49 12.39 -37.38
N ASN B 137 -14.79 12.10 -36.09
CA ASN B 137 -14.76 10.77 -35.47
C ASN B 137 -13.48 9.98 -35.70
N PHE B 138 -12.40 10.48 -35.14
CA PHE B 138 -11.10 9.85 -35.28
C PHE B 138 -10.46 9.39 -33.98
N TYR B 139 -9.57 8.39 -34.08
CA TYR B 139 -8.82 7.86 -32.96
C TYR B 139 -7.41 7.42 -33.42
N PRO B 140 -6.29 7.85 -32.76
CA PRO B 140 -6.21 8.65 -31.53
C PRO B 140 -6.34 10.15 -31.78
N ARG B 141 -6.31 10.95 -30.69
CA ARG B 141 -6.45 12.43 -30.71
C ARG B 141 -5.43 13.13 -31.62
N GLU B 142 -4.20 12.58 -31.69
CA GLU B 142 -3.05 13.10 -32.44
C GLU B 142 -3.33 13.28 -33.93
N ALA B 143 -3.48 14.55 -34.37
CA ALA B 143 -3.77 14.88 -35.76
C ALA B 143 -3.18 16.23 -36.15
N LYS B 144 -2.57 16.29 -37.35
CA LYS B 144 -2.00 17.49 -37.93
C LYS B 144 -2.93 18.00 -39.05
N VAL B 145 -3.40 19.24 -38.93
CA VAL B 145 -4.24 19.94 -39.91
C VAL B 145 -3.38 21.08 -40.45
N GLN B 146 -3.24 21.15 -41.78
CA GLN B 146 -2.49 22.19 -42.45
C GLN B 146 -3.36 22.87 -43.50
N TRP B 147 -3.39 24.20 -43.47
CA TRP B 147 -4.14 24.99 -44.44
C TRP B 147 -3.22 25.42 -45.58
N LYS B 148 -3.73 25.28 -46.81
CA LYS B 148 -3.02 25.69 -48.03
C LYS B 148 -3.97 26.55 -48.86
N VAL B 149 -3.51 27.73 -49.26
CA VAL B 149 -4.29 28.68 -50.07
C VAL B 149 -3.47 28.90 -51.37
N ASP B 150 -3.95 28.32 -52.49
CA ASP B 150 -3.27 28.32 -53.79
C ASP B 150 -1.88 27.65 -53.65
N ASN B 151 -1.86 26.53 -52.90
CA ASN B 151 -0.69 25.68 -52.55
C ASN B 151 0.27 26.32 -51.56
N ALA B 152 -0.02 27.56 -51.12
CA ALA B 152 0.81 28.29 -50.16
C ALA B 152 0.40 27.91 -48.75
N LEU B 153 1.32 27.27 -48.02
CA LEU B 153 1.15 26.85 -46.63
C LEU B 153 0.89 28.08 -45.73
N GLN B 154 -0.13 28.00 -44.89
CA GLN B 154 -0.56 29.10 -44.03
C GLN B 154 0.03 29.01 -42.62
N SER B 155 0.18 30.17 -41.96
CA SER B 155 0.65 30.23 -40.58
C SER B 155 0.07 31.41 -39.80
N GLY B 156 -0.36 31.12 -38.57
CA GLY B 156 -0.93 32.08 -37.65
C GLY B 156 -2.31 32.66 -37.96
N ASN B 157 -3.03 32.08 -38.92
CA ASN B 157 -4.36 32.58 -39.31
C ASN B 157 -5.47 31.54 -39.09
N SER B 158 -5.16 30.48 -38.34
CA SER B 158 -6.10 29.41 -38.04
C SER B 158 -6.12 29.04 -36.57
N GLN B 159 -7.28 28.60 -36.06
CA GLN B 159 -7.47 28.12 -34.69
C GLN B 159 -8.20 26.77 -34.75
N GLU B 160 -7.83 25.87 -33.84
CA GLU B 160 -8.33 24.51 -33.72
C GLU B 160 -9.03 24.34 -32.40
N SER B 161 -10.00 23.43 -32.38
CA SER B 161 -10.79 23.09 -31.22
C SER B 161 -11.11 21.59 -31.37
N VAL B 162 -10.99 20.85 -30.26
CA VAL B 162 -11.21 19.39 -30.22
C VAL B 162 -12.25 19.07 -29.18
N THR B 163 -13.12 18.15 -29.48
CA THR B 163 -14.17 17.73 -28.54
C THR B 163 -13.56 16.68 -27.60
N GLU B 164 -14.27 16.35 -26.51
CA GLU B 164 -13.86 15.28 -25.61
C GLU B 164 -14.20 13.94 -26.31
N GLN B 165 -13.64 12.82 -25.82
CA GLN B 165 -13.94 11.49 -26.37
C GLN B 165 -15.44 11.23 -26.35
N ASP B 166 -16.00 10.76 -27.48
CA ASP B 166 -17.42 10.49 -27.63
C ASP B 166 -17.87 9.37 -26.69
N SER B 167 -19.03 9.57 -26.01
CA SER B 167 -19.57 8.63 -25.02
C SER B 167 -20.08 7.31 -25.61
N LYS B 168 -20.17 7.19 -26.94
CA LYS B 168 -20.64 5.98 -27.59
C LYS B 168 -19.55 5.25 -28.36
N ASP B 169 -18.78 5.98 -29.20
CA ASP B 169 -17.73 5.42 -30.05
C ASP B 169 -16.27 5.69 -29.64
N SER B 170 -16.02 6.46 -28.53
CA SER B 170 -14.69 6.81 -28.00
C SER B 170 -13.77 7.59 -28.98
N THR B 171 -14.35 8.26 -29.99
CA THR B 171 -13.59 9.02 -30.98
C THR B 171 -13.51 10.52 -30.61
N TYR B 172 -12.67 11.27 -31.32
CA TYR B 172 -12.51 12.71 -31.19
C TYR B 172 -12.94 13.37 -32.46
N SER B 173 -13.33 14.65 -32.37
CA SER B 173 -13.60 15.44 -33.58
C SER B 173 -12.91 16.76 -33.41
N LEU B 174 -12.41 17.30 -34.50
CA LEU B 174 -11.68 18.54 -34.47
C LEU B 174 -12.24 19.44 -35.55
N SER B 175 -12.32 20.74 -35.24
CA SER B 175 -12.66 21.76 -36.23
C SER B 175 -11.45 22.73 -36.30
N SER B 176 -11.03 23.08 -37.51
CA SER B 176 -9.95 24.05 -37.74
C SER B 176 -10.59 25.17 -38.57
N THR B 177 -10.45 26.40 -38.09
CA THR B 177 -11.00 27.57 -38.74
C THR B 177 -9.91 28.47 -39.28
N LEU B 178 -9.91 28.68 -40.59
CA LEU B 178 -9.03 29.60 -41.26
C LEU B 178 -9.80 30.94 -41.36
N THR B 179 -9.28 32.01 -40.76
CA THR B 179 -9.92 33.33 -40.82
C THR B 179 -9.10 34.30 -41.66
N LEU B 180 -9.76 34.93 -42.64
CA LEU B 180 -9.19 35.92 -43.55
C LEU B 180 -10.17 37.06 -43.68
N SER B 181 -9.73 38.18 -44.25
CA SER B 181 -10.64 39.29 -44.56
C SER B 181 -11.32 38.92 -45.90
N LYS B 182 -12.46 39.59 -46.22
CA LYS B 182 -13.16 39.37 -47.49
C LYS B 182 -12.20 39.70 -48.66
N ALA B 183 -11.43 40.81 -48.53
CA ALA B 183 -10.45 41.26 -49.53
C ALA B 183 -9.35 40.23 -49.81
N ASP B 184 -8.77 39.62 -48.75
CA ASP B 184 -7.72 38.58 -48.85
C ASP B 184 -8.29 37.29 -49.46
N TYR B 185 -9.49 36.85 -48.97
CA TYR B 185 -10.20 35.65 -49.41
C TYR B 185 -10.49 35.67 -50.93
N GLU B 186 -10.92 36.85 -51.44
CA GLU B 186 -11.26 37.03 -52.85
C GLU B 186 -10.04 37.07 -53.76
N LYS B 187 -8.85 37.29 -53.19
CA LYS B 187 -7.57 37.33 -53.93
C LYS B 187 -7.08 35.91 -54.29
N HIS B 188 -7.74 34.84 -53.76
CA HIS B 188 -7.33 33.45 -54.00
C HIS B 188 -8.44 32.52 -54.48
N LYS B 189 -8.05 31.39 -55.08
CA LYS B 189 -8.93 30.39 -55.68
C LYS B 189 -9.07 29.08 -54.89
N VAL B 190 -7.95 28.36 -54.62
CA VAL B 190 -7.96 27.04 -53.98
C VAL B 190 -7.68 27.12 -52.49
N TYR B 191 -8.63 26.62 -51.69
CA TYR B 191 -8.60 26.57 -50.24
C TYR B 191 -8.62 25.11 -49.86
N ALA B 192 -7.48 24.65 -49.34
CA ALA B 192 -7.24 23.26 -49.00
C ALA B 192 -6.87 23.06 -47.56
N CYS B 193 -7.37 21.97 -47.03
CA CYS B 193 -7.13 21.51 -45.68
C CYS B 193 -6.45 20.16 -45.85
N GLU B 194 -5.21 20.01 -45.35
CA GLU B 194 -4.45 18.76 -45.45
C GLU B 194 -4.32 18.11 -44.08
N VAL B 195 -4.77 16.86 -44.00
CA VAL B 195 -4.85 16.11 -42.75
C VAL B 195 -3.88 14.96 -42.65
N THR B 196 -3.10 14.95 -41.54
CA THR B 196 -2.15 13.90 -41.23
C THR B 196 -2.64 13.19 -39.98
N HIS B 197 -2.86 11.87 -40.10
CA HIS B 197 -3.37 11.05 -39.02
C HIS B 197 -2.88 9.61 -39.17
N GLN B 198 -2.74 8.89 -38.02
CA GLN B 198 -2.30 7.48 -37.92
C GLN B 198 -3.15 6.51 -38.78
N GLY B 199 -4.45 6.80 -38.91
CA GLY B 199 -5.41 6.00 -39.67
C GLY B 199 -5.40 6.21 -41.18
N LEU B 200 -4.65 7.24 -41.65
CA LEU B 200 -4.49 7.58 -43.05
C LEU B 200 -3.09 7.12 -43.49
N SER B 201 -3.04 6.30 -44.57
CA SER B 201 -1.77 5.78 -45.13
C SER B 201 -0.86 6.93 -45.62
N SER B 202 -1.47 7.94 -46.25
CA SER B 202 -0.80 9.14 -46.76
C SER B 202 -1.71 10.35 -46.47
N PRO B 203 -1.16 11.57 -46.26
CA PRO B 203 -2.04 12.72 -45.93
C PRO B 203 -3.18 12.99 -46.90
N VAL B 204 -4.37 13.27 -46.34
CA VAL B 204 -5.61 13.54 -47.06
C VAL B 204 -5.86 15.04 -47.21
N THR B 205 -6.10 15.49 -48.45
CA THR B 205 -6.41 16.88 -48.75
C THR B 205 -7.88 17.02 -49.15
N LYS B 206 -8.56 18.01 -48.55
CA LYS B 206 -9.93 18.41 -48.82
C LYS B 206 -9.88 19.85 -49.25
N SER B 207 -10.42 20.14 -50.43
CA SER B 207 -10.37 21.48 -51.00
C SER B 207 -11.61 21.89 -51.77
N PHE B 208 -11.73 23.20 -52.04
CA PHE B 208 -12.76 23.81 -52.86
C PHE B 208 -12.13 24.99 -53.60
N ASN B 209 -12.74 25.37 -54.72
CA ASN B 209 -12.37 26.53 -55.51
C ASN B 209 -13.45 27.59 -55.30
N ARG B 210 -13.07 28.83 -54.90
CA ARG B 210 -14.06 29.90 -54.73
C ARG B 210 -14.27 30.70 -56.01
N GLN C 1 24.89 -17.65 -1.11
CA GLN C 1 23.77 -17.26 -0.26
C GLN C 1 23.40 -18.36 0.76
N VAL C 2 22.27 -18.19 1.49
CA VAL C 2 21.80 -19.16 2.48
C VAL C 2 21.18 -20.38 1.78
N GLN C 3 21.67 -21.58 2.15
CA GLN C 3 21.15 -22.82 1.59
C GLN C 3 20.78 -23.80 2.69
N LEU C 4 19.66 -24.52 2.48
CA LEU C 4 19.18 -25.50 3.45
C LEU C 4 19.17 -26.85 2.79
N GLN C 5 19.92 -27.82 3.35
CA GLN C 5 20.07 -29.18 2.81
C GLN C 5 19.48 -30.23 3.75
N GLN C 6 18.39 -30.86 3.29
CA GLN C 6 17.65 -31.87 4.05
C GLN C 6 18.22 -33.26 3.87
N SER C 7 18.15 -34.04 4.94
CA SER C 7 18.59 -35.44 5.00
C SER C 7 17.66 -36.17 5.97
N GLY C 8 17.60 -37.50 5.86
CA GLY C 8 16.72 -38.32 6.68
C GLY C 8 15.92 -39.34 5.88
N PRO C 9 15.52 -40.46 6.52
CA PRO C 9 14.81 -41.52 5.77
C PRO C 9 13.42 -41.17 5.32
N GLY C 10 13.09 -41.64 4.11
CA GLY C 10 11.79 -41.45 3.47
C GLY C 10 10.75 -42.53 3.72
N LEU C 11 11.00 -43.46 4.63
CA LEU C 11 10.05 -44.51 4.98
C LEU C 11 10.15 -44.77 6.50
N VAL C 12 9.02 -44.65 7.19
CA VAL C 12 8.87 -44.82 8.64
C VAL C 12 7.67 -45.77 8.86
N LYS C 13 7.86 -46.78 9.69
CA LYS C 13 6.78 -47.73 9.99
C LYS C 13 5.75 -47.02 10.87
N PRO C 14 4.44 -47.39 10.82
CA PRO C 14 3.47 -46.76 11.72
C PRO C 14 3.84 -46.99 13.20
N SER C 15 3.45 -46.05 14.09
CA SER C 15 3.74 -46.03 15.53
C SER C 15 5.23 -45.81 15.87
N GLN C 16 6.08 -45.64 14.83
CA GLN C 16 7.51 -45.38 14.99
C GLN C 16 7.80 -43.89 14.80
N THR C 17 9.05 -43.48 14.99
CA THR C 17 9.49 -42.08 14.94
C THR C 17 10.09 -41.66 13.60
N LEU C 18 9.68 -40.48 13.12
CA LEU C 18 10.17 -39.83 11.91
C LEU C 18 11.32 -38.92 12.38
N SER C 19 12.48 -39.00 11.70
CA SER C 19 13.64 -38.18 12.02
C SER C 19 14.20 -37.58 10.74
N LEU C 20 14.28 -36.25 10.69
CA LEU C 20 14.83 -35.51 9.57
C LEU C 20 15.80 -34.46 10.09
N THR C 21 16.80 -34.08 9.29
CA THR C 21 17.78 -33.04 9.64
C THR C 21 17.84 -31.99 8.51
N CYS C 22 18.09 -30.73 8.88
CA CYS C 22 18.26 -29.61 7.95
C CYS C 22 19.64 -29.00 8.21
N ALA C 23 20.54 -29.11 7.22
CA ALA C 23 21.88 -28.54 7.33
C ALA C 23 21.91 -27.13 6.73
N ILE C 24 22.44 -26.18 7.49
CA ILE C 24 22.53 -24.77 7.09
C ILE C 24 23.95 -24.41 6.60
N SER C 25 23.99 -23.64 5.49
CA SER C 25 25.20 -23.08 4.93
C SER C 25 24.91 -21.62 4.59
N GLY C 26 25.86 -20.73 4.86
CA GLY C 26 25.70 -19.31 4.60
C GLY C 26 24.98 -18.56 5.71
N ASP C 27 24.68 -19.26 6.82
CA ASP C 27 24.00 -18.71 8.01
C ASP C 27 24.28 -19.59 9.25
N SER C 28 23.87 -19.10 10.42
CA SER C 28 24.02 -19.78 11.69
C SER C 28 22.65 -20.23 12.23
N VAL C 29 22.58 -21.45 12.80
CA VAL C 29 21.35 -21.95 13.46
C VAL C 29 21.03 -21.06 14.71
N SER C 30 22.08 -20.46 15.31
CA SER C 30 22.07 -19.57 16.46
C SER C 30 21.86 -18.09 16.13
N SER C 31 21.57 -17.76 14.85
CA SER C 31 21.33 -16.38 14.42
C SER C 31 20.25 -15.68 15.26
N GLN C 32 20.56 -14.47 15.71
CA GLN C 32 19.72 -13.59 16.54
C GLN C 32 18.69 -12.84 15.68
N SER C 33 18.72 -13.02 14.35
CA SER C 33 17.79 -12.37 13.39
C SER C 33 17.01 -13.40 12.53
N ALA C 34 17.00 -14.68 12.94
CA ALA C 34 16.29 -15.73 12.20
C ALA C 34 15.57 -16.73 13.12
N ALA C 35 14.61 -17.49 12.54
CA ALA C 35 13.86 -18.57 13.18
C ALA C 35 13.84 -19.74 12.18
N TRP C 36 14.00 -20.96 12.70
CA TRP C 36 14.14 -22.18 11.89
C TRP C 36 12.93 -23.04 12.05
N ASN C 37 12.27 -23.34 10.91
CA ASN C 37 10.96 -23.98 10.86
C ASN C 37 10.89 -25.28 10.14
N TRP C 38 9.87 -26.09 10.48
CA TRP C 38 9.50 -27.29 9.74
C TRP C 38 8.08 -27.07 9.30
N ILE C 39 7.82 -27.30 8.00
CA ILE C 39 6.53 -27.16 7.34
C ILE C 39 6.31 -28.42 6.51
N ARG C 40 5.13 -29.02 6.57
CA ARG C 40 4.87 -30.20 5.74
C ARG C 40 3.78 -29.91 4.75
N GLN C 41 3.71 -30.72 3.71
CA GLN C 41 2.74 -30.61 2.65
C GLN C 41 2.26 -32.01 2.21
N SER C 42 0.96 -32.27 2.34
CA SER C 42 0.34 -33.53 1.92
C SER C 42 -0.77 -33.22 0.94
N PRO C 43 -1.11 -34.13 -0.02
CA PRO C 43 -2.21 -33.82 -0.96
C PRO C 43 -3.54 -33.61 -0.25
N SER C 44 -3.74 -34.30 0.89
CA SER C 44 -4.95 -34.21 1.70
C SER C 44 -5.11 -32.89 2.44
N ARG C 45 -4.19 -32.56 3.37
CA ARG C 45 -4.23 -31.37 4.23
C ARG C 45 -3.50 -30.10 3.74
N GLY C 46 -2.73 -30.19 2.65
CA GLY C 46 -1.98 -29.06 2.14
C GLY C 46 -0.77 -28.67 2.98
N LEU C 47 -0.34 -27.39 2.89
CA LEU C 47 0.79 -26.84 3.61
C LEU C 47 0.45 -26.61 5.08
N GLU C 48 1.29 -27.15 5.95
CA GLU C 48 1.05 -27.11 7.38
C GLU C 48 2.33 -26.81 8.14
N TRP C 49 2.36 -25.66 8.84
CA TRP C 49 3.50 -25.27 9.70
C TRP C 49 3.50 -26.21 10.94
N LEU C 50 4.66 -26.79 11.26
CA LEU C 50 4.80 -27.73 12.36
C LEU C 50 5.44 -27.10 13.60
N GLY C 51 6.40 -26.23 13.41
CA GLY C 51 7.06 -25.58 14.54
C GLY C 51 8.32 -24.83 14.16
N ARG C 52 8.89 -24.12 15.13
CA ARG C 52 10.09 -23.34 14.93
C ARG C 52 10.99 -23.38 16.16
N ILE C 53 12.26 -23.00 15.98
CA ILE C 53 13.25 -22.79 17.05
C ILE C 53 13.93 -21.49 16.70
N TYR C 54 14.38 -20.75 17.71
CA TYR C 54 15.10 -19.51 17.52
C TYR C 54 15.94 -19.20 18.77
N TYR C 55 17.17 -18.73 18.56
CA TYR C 55 18.08 -18.38 19.65
C TYR C 55 18.11 -16.89 19.80
N ARG C 56 18.00 -16.41 21.06
CA ARG C 56 18.11 -14.99 21.38
C ARG C 56 19.03 -14.91 22.62
N SER C 57 18.50 -14.81 23.85
CA SER C 57 19.37 -14.85 25.04
C SER C 57 19.61 -16.32 25.38
N LYS C 58 18.66 -17.17 24.93
CA LYS C 58 18.56 -18.60 25.17
C LYS C 58 17.75 -19.20 24.01
N TRP C 59 17.54 -20.53 24.03
CA TRP C 59 16.75 -21.23 23.02
C TRP C 59 15.28 -21.21 23.36
N TYR C 60 14.47 -20.99 22.31
CA TYR C 60 13.02 -20.97 22.36
C TYR C 60 12.51 -21.88 21.27
N ASN C 61 11.31 -22.43 21.47
CA ASN C 61 10.62 -23.24 20.47
C ASN C 61 9.11 -22.96 20.54
N ASP C 62 8.38 -23.24 19.46
CA ASP C 62 6.93 -23.10 19.36
C ASP C 62 6.48 -24.21 18.46
N TYR C 63 5.49 -24.98 18.91
CA TYR C 63 4.98 -26.10 18.11
C TYR C 63 3.54 -25.92 17.75
N ALA C 64 3.14 -26.39 16.55
CA ALA C 64 1.74 -26.38 16.12
C ALA C 64 0.99 -27.23 17.13
N LEU C 65 -0.21 -26.75 17.57
CA LEU C 65 -1.01 -27.46 18.58
C LEU C 65 -1.39 -28.88 18.15
N SER C 66 -1.62 -29.09 16.84
CA SER C 66 -1.96 -30.38 16.26
C SER C 66 -0.92 -31.50 16.47
N VAL C 67 0.36 -31.14 16.57
CA VAL C 67 1.51 -32.06 16.67
C VAL C 67 2.31 -31.93 17.96
N LYS C 68 2.03 -30.89 18.77
CA LYS C 68 2.71 -30.55 20.03
C LYS C 68 3.11 -31.74 20.90
N SER C 69 2.23 -32.76 21.05
CA SER C 69 2.46 -33.95 21.91
C SER C 69 3.47 -34.97 21.33
N ARG C 70 3.73 -34.89 20.04
CA ARG C 70 4.60 -35.84 19.35
C ARG C 70 5.89 -35.24 18.79
N ILE C 71 5.97 -33.89 18.75
CA ILE C 71 7.07 -33.20 18.05
C ILE C 71 8.24 -32.69 18.89
N THR C 72 9.44 -32.74 18.32
CA THR C 72 10.69 -32.19 18.87
C THR C 72 11.48 -31.54 17.75
N ILE C 73 11.90 -30.30 17.97
CA ILE C 73 12.76 -29.58 17.02
C ILE C 73 14.00 -29.16 17.84
N ASN C 74 15.17 -29.74 17.49
CA ASN C 74 16.41 -29.46 18.23
C ASN C 74 17.55 -28.88 17.39
N PRO C 75 18.26 -27.85 17.92
CA PRO C 75 19.44 -27.36 17.20
C PRO C 75 20.68 -28.20 17.51
N ASP C 76 21.64 -28.21 16.57
CA ASP C 76 22.95 -28.83 16.74
C ASP C 76 23.92 -27.77 16.24
N THR C 77 24.36 -26.93 17.18
CA THR C 77 25.28 -25.80 16.95
C THR C 77 26.63 -26.23 16.37
N SER C 78 27.17 -27.39 16.81
CA SER C 78 28.45 -27.92 16.34
C SER C 78 28.41 -28.32 14.85
N LYS C 79 27.28 -28.88 14.40
CA LYS C 79 27.07 -29.30 13.00
C LYS C 79 26.30 -28.24 12.19
N ASN C 80 25.90 -27.10 12.81
CA ASN C 80 25.10 -26.01 12.21
C ASN C 80 23.83 -26.54 11.53
N GLN C 81 23.09 -27.34 12.28
CA GLN C 81 21.87 -27.95 11.79
C GLN C 81 20.76 -27.97 12.84
N PHE C 82 19.55 -28.38 12.42
CA PHE C 82 18.38 -28.55 13.29
C PHE C 82 17.59 -29.75 12.81
N SER C 83 17.05 -30.50 13.75
CA SER C 83 16.33 -31.72 13.45
C SER C 83 14.82 -31.63 13.64
N LEU C 84 14.12 -32.60 13.06
CA LEU C 84 12.69 -32.82 13.22
C LEU C 84 12.53 -34.23 13.76
N GLN C 85 11.80 -34.35 14.86
CA GLN C 85 11.50 -35.64 15.46
C GLN C 85 9.99 -35.69 15.68
N LEU C 86 9.32 -36.63 15.03
CA LEU C 86 7.87 -36.80 15.16
C LEU C 86 7.62 -38.25 15.54
N ASN C 87 7.17 -38.45 16.80
CA ASN C 87 6.89 -39.75 17.38
C ASN C 87 5.54 -40.26 16.89
N SER C 88 5.29 -41.57 17.10
CA SER C 88 4.02 -42.25 16.92
C SER C 88 3.30 -41.94 15.62
N VAL C 89 4.03 -42.02 14.49
CA VAL C 89 3.49 -41.71 13.16
C VAL C 89 2.37 -42.68 12.72
N THR C 90 1.47 -42.16 11.89
CA THR C 90 0.32 -42.85 11.28
C THR C 90 0.37 -42.43 9.81
N PRO C 91 -0.34 -43.12 8.88
CA PRO C 91 -0.31 -42.68 7.47
C PRO C 91 -0.71 -41.22 7.22
N GLU C 92 -1.32 -40.55 8.21
CA GLU C 92 -1.67 -39.14 8.15
C GLU C 92 -0.41 -38.24 8.23
N ASP C 93 0.74 -38.82 8.64
CA ASP C 93 1.99 -38.06 8.67
C ASP C 93 2.78 -38.19 7.34
N THR C 94 2.24 -38.89 6.33
CA THR C 94 2.82 -39.00 4.97
C THR C 94 2.70 -37.61 4.33
N ALA C 95 3.84 -37.06 3.94
CA ALA C 95 3.89 -35.72 3.38
C ALA C 95 5.29 -35.43 2.89
N VAL C 96 5.43 -34.26 2.23
CA VAL C 96 6.72 -33.73 1.83
C VAL C 96 7.06 -32.75 2.97
N TYR C 97 8.15 -33.00 3.68
CA TYR C 97 8.55 -32.16 4.80
C TYR C 97 9.62 -31.17 4.35
N TYR C 98 9.44 -29.88 4.68
CA TYR C 98 10.37 -28.80 4.33
C TYR C 98 10.88 -28.15 5.60
N CYS C 99 12.13 -27.73 5.58
CA CYS C 99 12.71 -26.88 6.61
C CYS C 99 12.71 -25.49 5.94
N ALA C 100 12.53 -24.45 6.71
CA ALA C 100 12.49 -23.10 6.17
C ALA C 100 13.00 -22.07 7.18
N ARG C 101 13.58 -20.98 6.65
CA ARG C 101 14.08 -19.86 7.41
C ARG C 101 13.06 -18.75 7.30
N GLY C 102 12.73 -18.17 8.45
CA GLY C 102 11.90 -16.99 8.54
C GLY C 102 12.76 -15.85 9.07
N GLU C 103 12.87 -14.73 8.31
CA GLU C 103 13.59 -13.54 8.78
C GLU C 103 12.90 -13.05 10.09
N GLY C 104 13.71 -12.74 11.11
CA GLY C 104 13.21 -12.32 12.43
C GLY C 104 12.59 -13.49 13.15
N TYR C 105 11.25 -13.48 13.26
CA TYR C 105 10.48 -14.55 13.90
C TYR C 105 9.51 -15.25 12.95
N GLY C 106 9.57 -14.89 11.67
CA GLY C 106 8.68 -15.43 10.64
C GLY C 106 7.56 -14.48 10.23
N ARG C 107 7.56 -13.23 10.73
CA ARG C 107 6.51 -12.25 10.42
C ARG C 107 6.75 -11.42 9.16
N GLU C 108 7.52 -11.98 8.23
CA GLU C 108 7.82 -11.41 6.91
C GLU C 108 7.80 -12.54 5.86
N GLY C 109 7.22 -13.69 6.21
CA GLY C 109 7.17 -14.85 5.32
C GLY C 109 8.40 -15.73 5.41
N PHE C 110 8.38 -16.87 4.73
CA PHE C 110 9.52 -17.80 4.69
C PHE C 110 10.21 -17.70 3.32
N ALA C 111 11.40 -17.03 3.26
CA ALA C 111 12.13 -16.83 2.00
C ALA C 111 13.03 -17.98 1.58
N ILE C 112 13.62 -18.71 2.54
CA ILE C 112 14.58 -19.79 2.27
C ILE C 112 13.97 -21.10 2.72
N TRP C 113 13.98 -22.10 1.82
CA TRP C 113 13.42 -23.43 2.05
C TRP C 113 14.42 -24.49 1.67
N GLY C 114 14.33 -25.65 2.30
CA GLY C 114 15.10 -26.84 1.93
C GLY C 114 14.47 -27.45 0.68
N GLN C 115 15.05 -28.53 0.14
CA GLN C 115 14.53 -29.17 -1.09
C GLN C 115 13.25 -30.01 -0.89
N GLY C 116 13.00 -30.43 0.32
CA GLY C 116 11.84 -31.26 0.65
C GLY C 116 12.22 -32.72 0.76
N THR C 117 11.58 -33.44 1.67
CA THR C 117 11.84 -34.86 1.86
C THR C 117 10.50 -35.53 1.91
N LEU C 118 10.24 -36.44 0.95
CA LEU C 118 8.98 -37.17 0.99
C LEU C 118 9.12 -38.24 2.06
N VAL C 119 8.22 -38.25 3.03
CA VAL C 119 8.25 -39.30 4.03
C VAL C 119 6.95 -40.09 3.91
N THR C 120 7.07 -41.40 3.73
CA THR C 120 5.92 -42.30 3.55
C THR C 120 5.77 -43.17 4.82
N VAL C 121 4.57 -43.15 5.42
CA VAL C 121 4.27 -43.97 6.60
C VAL C 121 3.60 -45.23 6.07
N SER C 122 4.32 -46.35 6.17
CA SER C 122 3.86 -47.64 5.68
C SER C 122 4.62 -48.74 6.38
N SER C 123 4.00 -49.92 6.49
CA SER C 123 4.65 -51.10 7.02
C SER C 123 5.22 -51.95 5.87
N ALA C 124 4.88 -51.61 4.57
CA ALA C 124 5.37 -52.30 3.36
C ALA C 124 6.87 -52.13 3.20
N SER C 125 7.52 -53.20 2.72
CA SER C 125 8.96 -53.31 2.49
C SER C 125 9.39 -52.52 1.27
N THR C 126 10.58 -51.92 1.37
CA THR C 126 11.18 -51.19 0.27
C THR C 126 11.58 -52.18 -0.83
N LYS C 127 11.41 -51.73 -2.07
CA LYS C 127 11.79 -52.48 -3.25
C LYS C 127 12.39 -51.54 -4.29
N GLY C 128 13.55 -51.94 -4.82
CA GLY C 128 14.24 -51.20 -5.88
C GLY C 128 13.57 -51.47 -7.21
N PRO C 129 13.58 -50.49 -8.14
CA PRO C 129 12.94 -50.74 -9.43
C PRO C 129 13.77 -51.62 -10.38
N SER C 130 13.10 -52.14 -11.40
CA SER C 130 13.66 -52.81 -12.55
C SER C 130 13.61 -51.70 -13.59
N VAL C 131 14.66 -51.56 -14.42
CA VAL C 131 14.74 -50.48 -15.42
C VAL C 131 14.85 -51.10 -16.79
N PHE C 132 13.93 -50.73 -17.69
CA PHE C 132 13.87 -51.25 -19.05
C PHE C 132 13.97 -50.13 -20.06
N PRO C 133 14.68 -50.33 -21.19
CA PRO C 133 14.74 -49.26 -22.18
C PRO C 133 13.46 -49.16 -23.01
N LEU C 134 13.20 -47.93 -23.51
CA LEU C 134 12.12 -47.66 -24.46
C LEU C 134 12.92 -47.22 -25.69
N ALA C 135 13.37 -48.22 -26.43
CA ALA C 135 14.25 -48.04 -27.60
C ALA C 135 13.65 -47.13 -28.68
N PRO C 136 14.46 -46.20 -29.25
CA PRO C 136 13.96 -45.42 -30.41
C PRO C 136 13.73 -46.39 -31.59
N SER C 137 12.67 -46.11 -32.38
CA SER C 137 12.34 -46.91 -33.57
C SER C 137 11.62 -46.05 -34.59
N SER C 138 11.20 -46.66 -35.71
CA SER C 138 10.44 -46.01 -36.77
C SER C 138 9.05 -45.58 -36.25
N LYS C 139 8.64 -46.11 -35.10
CA LYS C 139 7.39 -45.80 -34.42
C LYS C 139 7.57 -44.68 -33.36
N SER C 140 8.78 -44.16 -33.18
CA SER C 140 9.06 -43.10 -32.20
C SER C 140 9.75 -41.87 -32.85
N THR C 141 9.72 -41.85 -34.17
CA THR C 141 10.40 -40.88 -35.02
C THR C 141 9.44 -39.97 -35.81
N SER C 142 9.82 -38.68 -35.99
CA SER C 142 9.11 -37.67 -36.79
C SER C 142 10.04 -36.50 -37.14
N GLY C 143 10.06 -36.08 -38.41
CA GLY C 143 10.90 -34.96 -38.86
C GLY C 143 12.37 -35.18 -38.57
N GLY C 144 12.96 -34.33 -37.69
CA GLY C 144 14.37 -34.48 -37.34
C GLY C 144 14.57 -35.01 -35.94
N THR C 145 13.57 -35.68 -35.42
CA THR C 145 13.55 -36.09 -34.04
C THR C 145 13.25 -37.57 -33.79
N ALA C 146 13.73 -38.11 -32.67
CA ALA C 146 13.44 -39.47 -32.21
C ALA C 146 13.15 -39.45 -30.71
N ALA C 147 12.10 -40.18 -30.28
CA ALA C 147 11.81 -40.31 -28.86
C ALA C 147 12.35 -41.66 -28.40
N LEU C 148 12.91 -41.66 -27.21
CA LEU C 148 13.43 -42.85 -26.54
C LEU C 148 13.18 -42.63 -25.05
N GLY C 149 13.36 -43.66 -24.25
CA GLY C 149 13.15 -43.52 -22.82
C GLY C 149 13.53 -44.72 -21.99
N CYS C 150 13.10 -44.68 -20.73
CA CYS C 150 13.29 -45.70 -19.71
C CYS C 150 12.02 -45.92 -18.93
N LEU C 151 11.69 -47.20 -18.73
CA LEU C 151 10.56 -47.64 -17.93
C LEU C 151 11.12 -48.13 -16.62
N VAL C 152 10.77 -47.43 -15.53
CA VAL C 152 11.21 -47.63 -14.14
C VAL C 152 10.03 -48.25 -13.40
N LYS C 153 10.07 -49.58 -13.27
CA LYS C 153 8.98 -50.40 -12.77
C LYS C 153 9.18 -51.05 -11.42
N ASP C 154 8.06 -51.22 -10.69
CA ASP C 154 7.92 -51.96 -9.44
C ASP C 154 8.86 -51.55 -8.29
N TYR C 155 8.76 -50.29 -7.86
CA TYR C 155 9.53 -49.79 -6.75
C TYR C 155 8.63 -49.27 -5.62
N PHE C 156 9.18 -49.24 -4.41
CA PHE C 156 8.51 -48.74 -3.22
C PHE C 156 9.53 -48.36 -2.16
N PRO C 157 9.33 -47.20 -1.46
CA PRO C 157 8.32 -46.16 -1.71
C PRO C 157 8.80 -45.18 -2.79
N GLU C 158 8.10 -44.07 -2.96
CA GLU C 158 8.54 -42.97 -3.81
C GLU C 158 9.60 -42.19 -2.99
N PRO C 159 10.52 -41.43 -3.60
CA PRO C 159 10.67 -41.16 -5.03
C PRO C 159 11.83 -41.91 -5.68
N VAL C 160 11.88 -41.81 -6.99
CA VAL C 160 13.01 -42.21 -7.82
C VAL C 160 13.45 -40.92 -8.51
N THR C 161 14.75 -40.80 -8.75
CA THR C 161 15.26 -39.67 -9.53
C THR C 161 15.73 -40.27 -10.84
N VAL C 162 15.44 -39.57 -11.93
CA VAL C 162 15.86 -39.97 -13.26
C VAL C 162 16.60 -38.81 -13.91
N SER C 163 17.81 -39.07 -14.36
CA SER C 163 18.58 -38.11 -15.15
C SER C 163 19.01 -38.83 -16.43
N TRP C 164 19.45 -38.05 -17.41
CA TRP C 164 19.92 -38.57 -18.68
C TRP C 164 21.31 -38.09 -18.89
N ASN C 165 22.24 -39.01 -19.23
CA ASN C 165 23.66 -38.73 -19.48
C ASN C 165 24.32 -37.99 -18.33
N SER C 166 24.10 -38.52 -17.11
CA SER C 166 24.62 -38.00 -15.84
C SER C 166 24.22 -36.55 -15.60
N GLY C 167 23.06 -36.15 -16.13
CA GLY C 167 22.53 -34.81 -15.96
C GLY C 167 22.96 -33.83 -17.04
N ALA C 168 23.80 -34.27 -17.98
CA ALA C 168 24.25 -33.41 -19.09
C ALA C 168 23.14 -33.23 -20.16
N LEU C 169 22.15 -34.14 -20.19
CA LEU C 169 21.04 -34.06 -21.14
C LEU C 169 19.76 -33.68 -20.38
N THR C 170 19.23 -32.48 -20.65
CA THR C 170 18.04 -31.97 -19.93
C THR C 170 16.96 -31.51 -20.90
N SER C 171 17.36 -31.06 -22.08
CA SER C 171 16.44 -30.57 -23.09
C SER C 171 15.68 -31.76 -23.71
N GLY C 172 14.35 -31.60 -23.86
CA GLY C 172 13.47 -32.60 -24.44
C GLY C 172 13.15 -33.76 -23.54
N VAL C 173 13.43 -33.63 -22.23
CA VAL C 173 13.18 -34.68 -21.23
C VAL C 173 11.81 -34.48 -20.60
N HIS C 174 11.06 -35.59 -20.46
CA HIS C 174 9.77 -35.66 -19.78
C HIS C 174 9.80 -36.87 -18.86
N THR C 175 9.93 -36.62 -17.57
CA THR C 175 9.83 -37.65 -16.56
C THR C 175 8.43 -37.56 -15.98
N PHE C 176 7.62 -38.59 -16.28
CA PHE C 176 6.23 -38.66 -15.90
C PHE C 176 6.03 -38.93 -14.42
N PRO C 177 4.94 -38.38 -13.83
CA PRO C 177 4.66 -38.69 -12.41
C PRO C 177 4.41 -40.20 -12.28
N ALA C 178 4.84 -40.79 -11.17
CA ALA C 178 4.64 -42.20 -10.86
C ALA C 178 3.14 -42.55 -10.74
N VAL C 179 2.79 -43.79 -11.08
CA VAL C 179 1.44 -44.32 -10.93
C VAL C 179 1.52 -45.48 -9.96
N LEU C 180 0.53 -45.58 -9.04
CA LEU C 180 0.48 -46.71 -8.12
C LEU C 180 -0.24 -47.86 -8.85
N GLN C 181 0.43 -49.02 -8.95
CA GLN C 181 -0.14 -50.19 -9.59
C GLN C 181 -0.94 -50.98 -8.55
N SER C 182 -1.81 -51.92 -9.01
CA SER C 182 -2.67 -52.75 -8.15
C SER C 182 -1.87 -53.56 -7.10
N SER C 183 -0.57 -53.84 -7.41
CA SER C 183 0.41 -54.57 -6.60
C SER C 183 0.92 -53.79 -5.36
N GLY C 184 0.67 -52.47 -5.33
CA GLY C 184 1.13 -51.59 -4.25
C GLY C 184 2.48 -50.96 -4.55
N LEU C 185 3.02 -51.25 -5.76
CA LEU C 185 4.30 -50.74 -6.24
C LEU C 185 4.10 -49.60 -7.25
N TYR C 186 5.08 -48.71 -7.31
CA TYR C 186 5.06 -47.58 -8.22
C TYR C 186 5.75 -47.91 -9.53
N SER C 187 5.41 -47.13 -10.55
CA SER C 187 5.99 -47.30 -11.88
C SER C 187 5.98 -45.95 -12.57
N LEU C 188 7.06 -45.64 -13.27
CA LEU C 188 7.15 -44.43 -14.07
C LEU C 188 7.96 -44.63 -15.33
N SER C 189 7.74 -43.74 -16.29
CA SER C 189 8.47 -43.65 -17.53
C SER C 189 9.16 -42.29 -17.56
N SER C 190 10.33 -42.26 -18.20
CA SER C 190 11.05 -41.04 -18.48
C SER C 190 11.44 -41.16 -19.92
N VAL C 191 11.00 -40.19 -20.73
CA VAL C 191 11.26 -40.15 -22.16
C VAL C 191 12.06 -38.90 -22.54
N VAL C 192 12.77 -38.97 -23.64
CA VAL C 192 13.56 -37.85 -24.14
C VAL C 192 13.47 -37.80 -25.64
N THR C 193 13.23 -36.60 -26.19
CA THR C 193 13.25 -36.42 -27.63
C THR C 193 14.60 -35.88 -28.04
N VAL C 194 15.29 -36.64 -28.91
CA VAL C 194 16.66 -36.30 -29.33
C VAL C 194 16.73 -36.11 -30.85
N PRO C 195 17.79 -35.46 -31.41
CA PRO C 195 17.88 -35.40 -32.87
C PRO C 195 18.06 -36.82 -33.43
N SER C 196 17.31 -37.18 -34.48
CA SER C 196 17.48 -38.52 -35.06
C SER C 196 18.84 -38.64 -35.76
N SER C 197 19.46 -37.47 -36.13
CA SER C 197 20.81 -37.41 -36.71
C SER C 197 21.89 -37.94 -35.73
N SER C 198 21.62 -37.84 -34.42
CA SER C 198 22.51 -38.23 -33.30
C SER C 198 22.46 -39.70 -32.89
N LEU C 199 21.52 -40.50 -33.42
CA LEU C 199 21.36 -41.90 -32.97
C LEU C 199 22.58 -42.83 -33.07
N GLY C 200 23.47 -42.58 -34.04
CA GLY C 200 24.68 -43.38 -34.14
C GLY C 200 25.90 -42.80 -33.42
N THR C 201 25.93 -41.46 -33.26
CA THR C 201 27.05 -40.70 -32.68
C THR C 201 26.99 -40.42 -31.18
N GLN C 202 25.80 -40.19 -30.65
CA GLN C 202 25.59 -39.89 -29.24
C GLN C 202 24.98 -41.07 -28.48
N THR C 203 25.57 -41.41 -27.33
CA THR C 203 25.03 -42.47 -26.49
C THR C 203 24.09 -41.90 -25.45
N TYR C 204 22.94 -42.56 -25.27
CA TYR C 204 21.93 -42.16 -24.28
C TYR C 204 21.80 -43.17 -23.19
N ILE C 205 22.03 -42.70 -21.97
CA ILE C 205 21.94 -43.51 -20.78
C ILE C 205 21.00 -42.84 -19.79
N CYS C 206 20.03 -43.60 -19.26
CA CYS C 206 19.21 -43.04 -18.18
C CYS C 206 19.78 -43.49 -16.84
N ASN C 207 19.95 -42.54 -15.93
CA ASN C 207 20.49 -42.79 -14.60
C ASN C 207 19.32 -42.81 -13.64
N VAL C 208 19.08 -43.98 -13.05
CA VAL C 208 17.96 -44.18 -12.15
C VAL C 208 18.48 -44.37 -10.73
N ASN C 209 18.01 -43.50 -9.81
CA ASN C 209 18.38 -43.60 -8.41
C ASN C 209 17.16 -43.71 -7.49
N HIS C 210 17.08 -44.83 -6.76
CA HIS C 210 16.05 -45.08 -5.76
C HIS C 210 16.75 -45.15 -4.43
N LYS C 211 16.86 -43.99 -3.75
CA LYS C 211 17.53 -43.83 -2.46
C LYS C 211 16.97 -44.73 -1.33
N PRO C 212 15.63 -44.93 -1.17
CA PRO C 212 15.15 -45.80 -0.07
C PRO C 212 15.68 -47.23 -0.07
N SER C 213 15.97 -47.79 -1.25
CA SER C 213 16.47 -49.15 -1.39
C SER C 213 17.96 -49.20 -1.74
N ASN C 214 18.60 -48.01 -1.86
CA ASN C 214 20.02 -47.83 -2.26
C ASN C 214 20.37 -48.45 -3.65
N THR C 215 19.40 -48.38 -4.60
CA THR C 215 19.49 -48.89 -5.96
C THR C 215 19.91 -47.76 -6.92
N LYS C 216 20.94 -48.04 -7.74
CA LYS C 216 21.44 -47.15 -8.79
C LYS C 216 21.58 -47.98 -10.05
N VAL C 217 20.84 -47.60 -11.09
CA VAL C 217 20.86 -48.31 -12.37
C VAL C 217 21.16 -47.28 -13.46
N ASP C 218 22.12 -47.62 -14.34
CA ASP C 218 22.45 -46.83 -15.53
C ASP C 218 22.09 -47.72 -16.70
N LYS C 219 21.10 -47.31 -17.48
CA LYS C 219 20.63 -48.13 -18.58
C LYS C 219 20.88 -47.45 -19.92
N LYS C 220 21.66 -48.12 -20.78
CA LYS C 220 21.91 -47.65 -22.15
C LYS C 220 20.64 -47.90 -23.00
N VAL C 221 20.20 -46.85 -23.69
CA VAL C 221 18.99 -46.89 -24.52
C VAL C 221 19.41 -46.62 -25.95
N GLU C 222 19.16 -47.58 -26.83
CA GLU C 222 19.56 -47.45 -28.22
C GLU C 222 18.62 -48.21 -29.17
N PRO C 223 18.66 -47.94 -30.51
CA PRO C 223 17.87 -48.78 -31.42
C PRO C 223 18.19 -50.29 -31.26
N LYS C 224 17.18 -51.16 -31.47
CA LYS C 224 17.42 -52.61 -31.52
C LYS C 224 18.24 -52.81 -32.80
N SER C 225 18.90 -53.96 -32.95
CA SER C 225 19.60 -54.32 -34.18
C SER C 225 18.51 -54.32 -35.31
N GLU C 226 18.82 -53.81 -36.50
CA GLU C 226 17.90 -53.83 -37.66
C GLU C 226 17.53 -55.27 -38.07
N PHE C 227 18.43 -56.22 -37.77
CA PHE C 227 18.30 -57.63 -38.10
C PHE C 227 17.99 -58.51 -36.89
N ASP C 228 17.74 -57.94 -35.71
CA ASP C 228 17.40 -58.69 -34.47
C ASP C 228 18.47 -59.76 -34.20
N TYR C 229 19.67 -59.33 -33.79
CA TYR C 229 20.79 -60.25 -33.55
C TYR C 229 20.88 -60.80 -32.13
N TRP D 4 -8.91 4.98 27.41
CA TRP D 4 -7.72 4.21 27.05
C TRP D 4 -6.98 3.72 28.31
N VAL D 5 -7.60 2.75 28.96
CA VAL D 5 -7.10 2.08 30.15
C VAL D 5 -7.59 0.63 30.08
N VAL D 6 -6.74 -0.32 30.45
CA VAL D 6 -7.15 -1.71 30.43
C VAL D 6 -6.94 -2.39 31.79
N ALA D 7 -7.97 -3.12 32.23
CA ALA D 7 -7.92 -3.84 33.51
C ALA D 7 -7.05 -5.10 33.32
N PRO D 8 -6.36 -5.62 34.39
CA PRO D 8 -5.57 -6.85 34.21
C PRO D 8 -6.44 -7.98 33.65
N ILE D 9 -5.81 -8.79 32.82
CA ILE D 9 -6.44 -9.92 32.15
C ILE D 9 -6.01 -11.17 32.88
N SER D 10 -6.98 -12.00 33.22
CA SER D 10 -6.73 -13.22 33.96
C SER D 10 -7.08 -14.38 33.07
N VAL D 11 -6.11 -15.29 32.86
CA VAL D 11 -6.29 -16.43 31.99
C VAL D 11 -5.83 -17.70 32.71
N PRO D 12 -6.66 -18.75 32.79
CA PRO D 12 -6.16 -20.02 33.36
C PRO D 12 -5.14 -20.71 32.43
N GLU D 13 -4.08 -21.27 33.00
CA GLU D 13 -3.12 -22.03 32.19
C GLU D 13 -3.79 -23.32 31.66
N ASN D 14 -3.13 -23.98 30.68
CA ASN D 14 -3.55 -25.24 30.07
C ASN D 14 -4.92 -25.14 29.43
N GLY D 15 -5.22 -23.93 28.95
CA GLY D 15 -6.47 -23.64 28.27
C GLY D 15 -6.56 -24.32 26.93
N LYS D 16 -7.79 -24.45 26.45
CA LYS D 16 -8.11 -25.12 25.19
C LYS D 16 -8.69 -24.16 24.15
N GLY D 17 -8.55 -22.85 24.40
CA GLY D 17 -9.04 -21.80 23.52
C GLY D 17 -10.52 -21.91 23.23
N PRO D 18 -10.97 -22.09 21.94
CA PRO D 18 -10.17 -22.23 20.70
C PRO D 18 -9.26 -21.03 20.40
N PHE D 19 -8.12 -21.30 19.72
CA PHE D 19 -7.11 -20.29 19.40
C PHE D 19 -7.18 -19.78 17.95
N PRO D 20 -6.96 -18.46 17.66
CA PRO D 20 -6.69 -17.37 18.61
C PRO D 20 -7.94 -17.00 19.43
N GLN D 21 -7.73 -16.82 20.74
CA GLN D 21 -8.76 -16.54 21.71
C GLN D 21 -8.82 -15.05 21.97
N ARG D 22 -9.99 -14.44 21.81
CA ARG D 22 -10.20 -13.03 22.11
C ARG D 22 -10.07 -12.85 23.62
N LEU D 23 -9.34 -11.81 24.06
CA LEU D 23 -9.15 -11.56 25.50
C LEU D 23 -9.88 -10.31 25.93
N ASN D 24 -9.59 -9.18 25.30
CA ASN D 24 -10.19 -7.88 25.63
C ASN D 24 -10.00 -7.00 24.44
N GLN D 25 -10.88 -6.03 24.29
CA GLN D 25 -10.79 -5.10 23.19
C GLN D 25 -10.19 -3.78 23.68
N LEU D 26 -9.06 -3.37 23.05
CA LEU D 26 -8.43 -2.07 23.33
C LEU D 26 -9.24 -1.03 22.56
N LYS D 27 -9.53 0.11 23.18
CA LYS D 27 -10.30 1.16 22.52
C LYS D 27 -9.88 2.55 22.93
N SER D 28 -9.65 3.39 21.93
CA SER D 28 -9.27 4.77 22.12
C SER D 28 -10.53 5.62 21.98
N ASN D 29 -10.70 6.60 22.87
CA ASN D 29 -11.80 7.57 22.86
C ASN D 29 -11.74 8.46 21.59
N LYS D 30 -10.52 8.62 21.03
CA LYS D 30 -10.21 9.40 19.82
C LYS D 30 -10.81 8.77 18.53
N ASP D 31 -11.34 7.52 18.62
CA ASP D 31 -11.98 6.83 17.50
C ASP D 31 -13.33 7.42 17.08
N ARG D 32 -13.84 8.36 17.91
CA ARG D 32 -15.08 9.12 17.74
C ARG D 32 -15.00 10.05 16.49
N ASP D 33 -13.77 10.46 16.10
CA ASP D 33 -13.56 11.35 14.95
C ASP D 33 -12.76 10.74 13.79
N THR D 34 -11.79 9.83 14.08
CA THR D 34 -10.95 9.17 13.06
C THR D 34 -10.77 7.65 13.30
N LYS D 35 -10.21 6.94 12.30
CA LYS D 35 -9.93 5.50 12.38
C LYS D 35 -8.61 5.30 13.10
N ILE D 36 -8.61 4.42 14.11
CA ILE D 36 -7.44 4.12 14.93
C ILE D 36 -6.89 2.73 14.60
N PHE D 37 -5.55 2.61 14.64
CA PHE D 37 -4.82 1.37 14.41
C PHE D 37 -4.05 1.00 15.66
N TYR D 38 -4.30 -0.21 16.12
CA TYR D 38 -3.74 -0.75 17.36
C TYR D 38 -2.60 -1.69 17.12
N SER D 39 -1.60 -1.67 18.01
CA SER D 39 -0.44 -2.55 17.99
C SER D 39 -0.02 -2.87 19.42
N ILE D 40 0.71 -3.97 19.59
CA ILE D 40 1.21 -4.41 20.89
C ILE D 40 2.68 -4.75 20.81
N THR D 41 3.42 -4.44 21.89
CA THR D 41 4.85 -4.72 21.96
C THR D 41 5.14 -5.34 23.32
N GLY D 42 6.29 -5.99 23.44
CA GLY D 42 6.72 -6.54 24.72
C GLY D 42 6.99 -8.04 24.72
N PRO D 43 7.65 -8.54 25.79
CA PRO D 43 7.92 -9.99 25.89
C PRO D 43 6.62 -10.80 25.94
N GLY D 44 6.40 -11.61 24.90
CA GLY D 44 5.17 -12.38 24.73
C GLY D 44 4.46 -11.95 23.47
N ALA D 45 4.81 -10.78 22.95
CA ALA D 45 4.21 -10.23 21.75
C ALA D 45 5.25 -10.19 20.58
N ASP D 46 6.03 -9.10 20.49
CA ASP D 46 7.01 -8.89 19.44
C ASP D 46 8.44 -9.23 19.89
N SER D 47 8.63 -9.57 21.17
CA SER D 47 9.95 -9.89 21.70
C SER D 47 9.85 -11.25 22.40
N PRO D 48 10.96 -12.01 22.66
CA PRO D 48 10.79 -13.37 23.21
C PRO D 48 10.08 -13.57 24.56
N PRO D 49 9.20 -14.58 24.76
CA PRO D 49 8.69 -15.56 23.77
C PRO D 49 7.75 -14.86 22.78
N GLU D 50 8.13 -14.80 21.51
CA GLU D 50 7.37 -14.10 20.49
C GLU D 50 6.05 -14.84 20.14
N GLY D 51 5.01 -14.06 19.79
CA GLY D 51 3.73 -14.54 19.27
C GLY D 51 2.79 -15.27 20.20
N VAL D 52 2.91 -15.07 21.54
CA VAL D 52 1.99 -15.66 22.51
C VAL D 52 0.67 -14.85 22.42
N PHE D 53 0.83 -13.54 22.19
CA PHE D 53 -0.24 -12.57 22.07
C PHE D 53 -0.09 -11.80 20.80
N ALA D 54 -1.23 -11.37 20.26
CA ALA D 54 -1.34 -10.53 19.07
C ALA D 54 -2.53 -9.62 19.27
N VAL D 55 -2.68 -8.59 18.44
CA VAL D 55 -3.81 -7.68 18.48
C VAL D 55 -4.32 -7.55 17.05
N GLU D 56 -5.66 -7.39 16.89
CA GLU D 56 -6.24 -7.12 15.58
C GLU D 56 -6.09 -5.60 15.40
N LYS D 57 -5.24 -5.18 14.44
CA LYS D 57 -4.88 -3.80 14.13
C LYS D 57 -6.07 -2.82 13.96
N GLU D 58 -7.07 -3.22 13.20
CA GLU D 58 -8.25 -2.43 12.88
C GLU D 58 -9.37 -2.50 13.91
N THR D 59 -9.38 -3.52 14.80
CA THR D 59 -10.48 -3.66 15.79
C THR D 59 -10.09 -3.39 17.27
N GLY D 60 -8.82 -3.63 17.61
CA GLY D 60 -8.34 -3.50 18.99
C GLY D 60 -8.41 -4.78 19.79
N TRP D 61 -8.94 -5.87 19.20
CA TRP D 61 -9.06 -7.16 19.89
C TRP D 61 -7.72 -7.79 20.17
N LEU D 62 -7.44 -8.00 21.45
CA LEU D 62 -6.22 -8.66 21.94
C LEU D 62 -6.49 -10.15 21.85
N LEU D 63 -5.53 -10.89 21.30
CA LEU D 63 -5.64 -12.33 21.06
C LEU D 63 -4.62 -13.15 21.82
N LEU D 64 -5.03 -14.31 22.31
CA LEU D 64 -4.15 -15.29 22.95
C LEU D 64 -3.96 -16.37 21.87
N ASN D 65 -2.70 -16.71 21.55
CA ASN D 65 -2.45 -17.68 20.47
C ASN D 65 -2.16 -19.10 20.89
N LYS D 66 -2.05 -19.37 22.20
CA LYS D 66 -1.68 -20.73 22.61
C LYS D 66 -2.05 -21.00 24.06
N PRO D 67 -2.06 -22.28 24.54
CA PRO D 67 -2.25 -22.53 25.99
C PRO D 67 -1.05 -21.94 26.74
N LEU D 68 -1.27 -21.46 27.97
CA LEU D 68 -0.25 -20.86 28.83
C LEU D 68 0.20 -21.83 29.91
N ASP D 69 1.37 -21.59 30.49
CA ASP D 69 1.95 -22.41 31.54
C ASP D 69 2.39 -21.48 32.64
N ARG D 70 1.66 -21.47 33.77
CA ARG D 70 1.96 -20.65 34.92
C ARG D 70 3.36 -20.91 35.46
N GLU D 71 3.82 -22.18 35.45
CA GLU D 71 5.16 -22.53 35.96
C GLU D 71 6.28 -22.13 35.02
N GLU D 72 5.95 -21.78 33.78
CA GLU D 72 6.92 -21.28 32.82
C GLU D 72 6.94 -19.75 32.97
N ILE D 73 5.84 -19.06 32.63
CA ILE D 73 5.67 -17.61 32.76
C ILE D 73 4.31 -17.39 33.45
N ALA D 74 4.31 -16.77 34.61
CA ALA D 74 3.08 -16.52 35.39
C ALA D 74 2.38 -15.20 35.07
N LYS D 75 3.10 -14.26 34.44
CA LYS D 75 2.61 -12.90 34.19
C LYS D 75 3.31 -12.30 32.97
N TYR D 76 2.57 -11.54 32.16
CA TYR D 76 3.08 -10.83 31.01
C TYR D 76 2.78 -9.37 31.18
N GLU D 77 3.70 -8.52 30.74
CA GLU D 77 3.57 -7.07 30.76
C GLU D 77 3.82 -6.63 29.34
N LEU D 78 2.77 -6.16 28.67
CA LEU D 78 2.82 -5.72 27.28
C LEU D 78 2.44 -4.27 27.18
N PHE D 79 2.60 -3.68 26.00
CA PHE D 79 2.25 -2.28 25.78
C PHE D 79 1.36 -2.15 24.58
N GLY D 80 0.31 -1.37 24.73
CA GLY D 80 -0.65 -1.13 23.67
C GLY D 80 -0.38 0.23 23.07
N HIS D 81 -0.49 0.32 21.76
CA HIS D 81 -0.23 1.55 21.03
C HIS D 81 -1.41 1.85 20.13
N ALA D 82 -1.87 3.11 20.10
CA ALA D 82 -2.99 3.57 19.29
C ALA D 82 -2.50 4.71 18.41
N VAL D 83 -2.61 4.51 17.10
CA VAL D 83 -2.13 5.44 16.09
C VAL D 83 -3.26 5.77 15.11
N SER D 84 -3.21 6.95 14.50
CA SER D 84 -4.20 7.32 13.49
C SER D 84 -3.60 6.94 12.12
N GLU D 85 -4.44 6.85 11.07
CA GLU D 85 -4.03 6.52 9.69
C GLU D 85 -2.78 7.28 9.15
N ASN D 86 -2.53 8.50 9.68
CA ASN D 86 -1.41 9.39 9.35
C ASN D 86 -0.08 9.02 10.08
N GLY D 87 -0.12 7.97 10.90
CA GLY D 87 1.01 7.47 11.66
C GLY D 87 1.23 8.13 13.00
N ALA D 88 0.42 9.17 13.30
CA ALA D 88 0.48 9.94 14.53
C ALA D 88 -0.15 9.20 15.71
N SER D 89 0.56 9.16 16.85
CA SER D 89 0.11 8.55 18.10
C SER D 89 -1.05 9.38 18.67
N VAL D 90 -2.18 8.72 18.99
CA VAL D 90 -3.38 9.37 19.55
C VAL D 90 -3.52 9.11 21.06
N GLU D 91 -2.65 8.24 21.60
CA GLU D 91 -2.62 7.86 23.01
C GLU D 91 -1.19 7.59 23.48
N ASP D 92 -0.97 7.66 24.79
CA ASP D 92 0.29 7.29 25.43
C ASP D 92 0.31 5.74 25.48
N PRO D 93 1.47 5.06 25.61
CA PRO D 93 1.45 3.58 25.66
C PRO D 93 0.59 3.05 26.81
N MET D 94 -0.11 1.94 26.56
CA MET D 94 -0.96 1.34 27.57
C MET D 94 -0.33 0.09 28.14
N ASN D 95 -0.27 0.03 29.47
CA ASN D 95 0.24 -1.16 30.15
C ASN D 95 -0.82 -2.24 30.09
N ILE D 96 -0.44 -3.43 29.60
CA ILE D 96 -1.33 -4.58 29.51
C ILE D 96 -0.72 -5.68 30.36
N SER D 97 -1.39 -6.03 31.46
CA SER D 97 -0.94 -7.08 32.34
C SER D 97 -1.79 -8.28 32.10
N ILE D 98 -1.13 -9.42 31.89
CA ILE D 98 -1.82 -10.68 31.73
C ILE D 98 -1.34 -11.63 32.79
N ILE D 99 -2.24 -12.05 33.68
CA ILE D 99 -1.96 -12.96 34.78
C ILE D 99 -2.37 -14.37 34.40
N VAL D 100 -1.47 -15.33 34.60
CA VAL D 100 -1.72 -16.74 34.31
C VAL D 100 -2.14 -17.39 35.62
N THR D 101 -3.42 -17.85 35.69
CA THR D 101 -3.93 -18.48 36.92
C THR D 101 -3.61 -19.97 36.94
N ASP D 102 -3.53 -20.52 38.14
CA ASP D 102 -3.09 -21.89 38.33
C ASP D 102 -4.09 -23.00 38.06
N GLN D 103 -3.59 -24.16 37.54
CA GLN D 103 -4.29 -25.43 37.44
C GLN D 103 -3.46 -26.47 38.23
N ASN D 104 -4.08 -27.48 38.78
CA ASN D 104 -3.38 -28.49 39.59
C ASN D 104 -2.69 -29.52 38.68
N ASP D 105 -1.66 -29.06 37.97
CA ASP D 105 -0.92 -29.89 37.01
C ASP D 105 0.41 -30.48 37.57
N HIS D 106 0.64 -30.35 38.88
CA HIS D 106 1.81 -30.95 39.53
C HIS D 106 1.35 -31.77 40.72
N LYS D 107 1.90 -32.96 40.87
CA LYS D 107 1.62 -33.84 42.01
C LYS D 107 2.61 -33.53 43.11
N PRO D 108 2.23 -33.66 44.42
CA PRO D 108 3.23 -33.40 45.47
C PRO D 108 4.38 -34.40 45.35
N LYS D 109 5.60 -33.95 45.67
CA LYS D 109 6.79 -34.77 45.58
C LYS D 109 7.60 -34.66 46.87
N PHE D 110 7.84 -35.80 47.55
CA PHE D 110 8.70 -35.83 48.74
C PHE D 110 10.14 -35.61 48.25
N THR D 111 10.91 -34.84 49.04
CA THR D 111 12.31 -34.49 48.73
C THR D 111 13.24 -35.73 48.76
N GLN D 112 12.81 -36.79 49.46
CA GLN D 112 13.51 -38.06 49.65
C GLN D 112 12.48 -39.20 49.69
N ASP D 113 12.88 -40.40 49.23
CA ASP D 113 12.03 -41.58 49.27
C ASP D 113 12.06 -42.16 50.68
N THR D 114 13.23 -42.03 51.33
CA THR D 114 13.49 -42.49 52.70
C THR D 114 14.06 -41.34 53.53
N PHE D 115 13.42 -41.06 54.68
CA PHE D 115 13.85 -40.05 55.64
C PHE D 115 14.29 -40.80 56.87
N ARG D 116 15.49 -40.51 57.38
CA ARG D 116 16.00 -41.21 58.56
C ARG D 116 16.17 -40.23 59.72
N GLY D 117 15.45 -40.52 60.79
CA GLY D 117 15.47 -39.73 62.01
C GLY D 117 15.61 -40.59 63.25
N SER D 118 15.68 -39.92 64.42
CA SER D 118 15.88 -40.59 65.71
C SER D 118 15.23 -39.84 66.89
N VAL D 119 14.96 -40.60 67.98
CA VAL D 119 14.37 -40.13 69.24
C VAL D 119 14.81 -41.05 70.41
N LEU D 120 14.98 -40.49 71.62
CA LEU D 120 15.36 -41.23 72.82
C LEU D 120 14.18 -42.07 73.33
N GLU D 121 14.46 -43.19 74.00
CA GLU D 121 13.44 -44.11 74.52
C GLU D 121 12.55 -43.58 75.67
N GLY D 122 13.10 -42.73 76.53
CA GLY D 122 12.37 -42.19 77.66
C GLY D 122 11.76 -40.82 77.43
N VAL D 123 11.13 -40.61 76.25
CA VAL D 123 10.51 -39.34 75.89
C VAL D 123 9.02 -39.26 76.20
N LEU D 124 8.57 -38.06 76.61
CA LEU D 124 7.18 -37.72 76.91
C LEU D 124 6.38 -37.39 75.62
N PRO D 125 5.03 -37.50 75.61
CA PRO D 125 4.27 -37.08 74.41
C PRO D 125 4.47 -35.59 74.11
N GLY D 126 4.58 -35.26 72.82
CA GLY D 126 4.82 -33.91 72.33
C GLY D 126 6.27 -33.62 71.95
N THR D 127 7.16 -34.65 72.05
CA THR D 127 8.60 -34.61 71.73
C THR D 127 8.81 -34.68 70.20
N SER D 128 9.44 -33.64 69.61
CA SER D 128 9.79 -33.54 68.19
C SER D 128 10.80 -34.64 67.83
N VAL D 129 10.44 -35.51 66.86
CA VAL D 129 11.27 -36.64 66.38
C VAL D 129 12.13 -36.25 65.19
N MET D 130 11.47 -35.81 64.10
CA MET D 130 12.11 -35.45 62.84
C MET D 130 11.15 -34.68 61.98
N GLN D 131 11.66 -34.13 60.90
CA GLN D 131 10.81 -33.44 59.96
C GLN D 131 11.01 -34.00 58.58
N VAL D 132 9.89 -34.20 57.89
CA VAL D 132 9.84 -34.67 56.51
C VAL D 132 9.34 -33.53 55.62
N THR D 133 9.77 -33.52 54.36
CA THR D 133 9.42 -32.44 53.43
C THR D 133 8.89 -32.97 52.11
N ALA D 134 7.84 -32.30 51.61
CA ALA D 134 7.29 -32.56 50.29
C ALA D 134 7.09 -31.20 49.63
N THR D 135 7.32 -31.13 48.33
CA THR D 135 7.11 -29.90 47.57
C THR D 135 6.03 -30.12 46.51
N ASP D 136 5.43 -29.02 46.07
CA ASP D 136 4.42 -29.00 45.03
C ASP D 136 4.63 -27.70 44.26
N GLU D 137 4.87 -27.82 42.96
CA GLU D 137 5.11 -26.69 42.06
C GLU D 137 3.89 -25.78 41.80
N ASP D 138 2.70 -26.18 42.19
CA ASP D 138 1.49 -25.38 41.93
C ASP D 138 1.33 -24.20 42.91
N ASP D 139 0.37 -23.31 42.65
CA ASP D 139 0.14 -22.15 43.48
C ASP D 139 -0.48 -22.53 44.86
N ALA D 140 0.21 -22.12 45.95
CA ALA D 140 -0.23 -22.36 47.34
C ALA D 140 -0.78 -21.08 47.97
N ILE D 141 -0.78 -19.97 47.23
CA ILE D 141 -1.26 -18.67 47.70
C ILE D 141 -2.75 -18.42 47.35
N TYR D 142 -3.06 -18.39 46.07
CA TYR D 142 -4.40 -18.11 45.57
C TYR D 142 -5.27 -19.34 45.37
N THR D 143 -4.70 -20.53 45.52
CA THR D 143 -5.41 -21.81 45.28
C THR D 143 -4.92 -22.81 46.32
N TYR D 144 -5.49 -24.04 46.31
CA TYR D 144 -5.07 -25.14 47.20
C TYR D 144 -4.24 -26.12 46.42
N ASN D 145 -4.05 -25.83 45.12
CA ASN D 145 -3.30 -26.69 44.20
C ASN D 145 -1.91 -27.03 44.66
N GLY D 146 -1.20 -26.05 45.23
CA GLY D 146 0.14 -26.26 45.76
C GLY D 146 0.20 -26.56 47.26
N VAL D 147 -0.96 -26.57 47.96
CA VAL D 147 -1.08 -26.81 49.42
C VAL D 147 -0.98 -28.30 49.78
N VAL D 148 0.10 -28.68 50.47
CA VAL D 148 0.31 -30.07 50.90
C VAL D 148 -0.27 -30.33 52.31
N ALA D 149 -0.90 -31.49 52.50
CA ALA D 149 -1.38 -31.95 53.79
C ALA D 149 -0.63 -33.26 54.07
N TYR D 150 0.09 -33.33 55.22
CA TYR D 150 0.87 -34.51 55.60
C TYR D 150 0.08 -35.47 56.47
N SER D 151 0.38 -36.79 56.34
CA SER D 151 -0.28 -37.84 57.13
C SER D 151 0.57 -39.10 57.30
N ILE D 152 0.23 -39.92 58.32
CA ILE D 152 0.86 -41.24 58.54
C ILE D 152 -0.16 -42.29 58.07
N HIS D 153 0.23 -43.11 57.08
CA HIS D 153 -0.61 -44.17 56.55
C HIS D 153 -0.54 -45.41 57.45
N SER D 154 0.68 -45.85 57.81
CA SER D 154 0.90 -47.01 58.68
C SER D 154 2.17 -46.90 59.53
N GLN D 155 2.25 -47.71 60.60
CA GLN D 155 3.39 -47.82 61.50
C GLN D 155 3.82 -49.29 61.60
N GLU D 156 5.13 -49.56 61.42
CA GLU D 156 5.69 -50.92 61.53
C GLU D 156 6.90 -50.96 62.48
N PRO D 157 6.83 -51.72 63.60
CA PRO D 157 5.72 -52.56 64.07
C PRO D 157 4.67 -51.83 64.90
N LYS D 158 3.54 -52.51 65.19
CA LYS D 158 2.44 -51.97 65.99
C LYS D 158 2.58 -52.29 67.50
N ASP D 159 3.84 -52.36 68.00
CA ASP D 159 4.16 -52.65 69.41
C ASP D 159 4.76 -51.41 70.12
N PRO D 160 4.19 -50.91 71.25
CA PRO D 160 3.02 -51.40 72.00
C PRO D 160 1.65 -51.24 71.32
N HIS D 161 1.44 -50.11 70.61
CA HIS D 161 0.21 -49.80 69.87
C HIS D 161 0.48 -49.02 68.56
N ASP D 162 -0.51 -49.01 67.64
CA ASP D 162 -0.39 -48.37 66.31
C ASP D 162 -0.14 -46.87 66.31
N LEU D 163 -0.74 -46.12 67.24
CA LEU D 163 -0.60 -44.66 67.23
C LEU D 163 0.42 -44.12 68.23
N MET D 164 1.71 -44.39 67.96
CA MET D 164 2.82 -43.94 68.79
C MET D 164 3.30 -42.56 68.34
N PHE D 165 3.19 -42.28 67.02
CA PHE D 165 3.64 -41.03 66.41
C PHE D 165 2.51 -40.22 65.77
N THR D 166 2.81 -38.94 65.48
CA THR D 166 1.91 -38.03 64.76
C THR D 166 2.74 -37.17 63.84
N ILE D 167 2.12 -36.67 62.79
CA ILE D 167 2.78 -35.74 61.87
C ILE D 167 1.94 -34.48 61.80
N HIS D 168 2.60 -33.32 61.93
CA HIS D 168 1.91 -32.04 61.82
C HIS D 168 1.45 -31.93 60.34
N ARG D 169 0.15 -31.71 60.15
CA ARG D 169 -0.53 -31.61 58.86
C ARG D 169 0.10 -30.63 57.85
N SER D 170 0.64 -29.49 58.32
CA SER D 170 1.24 -28.51 57.41
C SER D 170 2.78 -28.45 57.46
N THR D 171 3.40 -28.69 58.65
CA THR D 171 4.85 -28.59 58.80
C THR D 171 5.65 -29.85 58.44
N GLY D 172 5.01 -31.02 58.56
CA GLY D 172 5.67 -32.29 58.32
C GLY D 172 6.53 -32.78 59.47
N THR D 173 6.40 -32.14 60.67
CA THR D 173 7.14 -32.52 61.87
C THR D 173 6.51 -33.76 62.49
N ILE D 174 7.32 -34.83 62.63
CA ILE D 174 6.91 -36.08 63.28
C ILE D 174 7.14 -35.93 64.79
N SER D 175 6.10 -36.19 65.61
CA SER D 175 6.10 -36.08 67.08
C SER D 175 5.75 -37.39 67.75
N VAL D 176 6.22 -37.58 68.99
CA VAL D 176 5.81 -38.73 69.79
C VAL D 176 4.46 -38.30 70.41
N ILE D 177 3.44 -39.17 70.38
CA ILE D 177 2.13 -38.89 70.98
C ILE D 177 1.80 -39.78 72.17
N SER D 178 2.48 -40.93 72.27
CA SER D 178 2.28 -41.89 73.36
C SER D 178 3.61 -42.31 73.96
N SER D 179 3.73 -42.22 75.29
CA SER D 179 4.92 -42.63 76.02
C SER D 179 5.00 -44.15 76.06
N GLY D 180 6.22 -44.69 76.11
CA GLY D 180 6.45 -46.13 76.16
C GLY D 180 7.28 -46.67 75.02
N LEU D 181 8.48 -46.07 74.83
CA LEU D 181 9.45 -46.47 73.80
C LEU D 181 10.65 -47.18 74.49
N ASP D 182 11.22 -48.21 73.83
CA ASP D 182 12.34 -48.99 74.38
C ASP D 182 13.19 -49.61 73.26
N ARG D 183 14.51 -49.28 73.21
CA ARG D 183 15.46 -49.78 72.20
C ARG D 183 15.57 -51.32 72.21
N GLU D 184 15.61 -51.94 73.40
CA GLU D 184 15.69 -53.40 73.56
C GLU D 184 14.41 -54.10 73.04
N LYS D 185 13.23 -53.47 73.29
CA LYS D 185 11.93 -53.96 72.84
C LYS D 185 11.75 -53.76 71.32
N VAL D 186 11.67 -52.48 70.87
CA VAL D 186 11.55 -52.08 69.46
C VAL D 186 12.61 -50.99 69.14
N PRO D 187 13.71 -51.32 68.42
CA PRO D 187 14.75 -50.31 68.15
C PRO D 187 14.51 -49.43 66.93
N GLU D 188 13.65 -49.86 66.00
CA GLU D 188 13.39 -49.16 64.74
C GLU D 188 11.91 -49.20 64.35
N TYR D 189 11.40 -48.07 63.84
CA TYR D 189 10.03 -47.92 63.34
C TYR D 189 10.04 -47.47 61.89
N THR D 190 9.20 -48.11 61.08
CA THR D 190 9.05 -47.80 59.66
C THR D 190 7.67 -47.17 59.48
N LEU D 191 7.64 -45.84 59.36
CA LEU D 191 6.41 -45.08 59.20
C LEU D 191 6.13 -44.78 57.73
N THR D 192 4.93 -45.13 57.23
CA THR D 192 4.53 -44.82 55.85
C THR D 192 3.87 -43.45 55.87
N ILE D 193 4.57 -42.45 55.29
CA ILE D 193 4.14 -41.06 55.29
C ILE D 193 3.58 -40.62 53.94
N GLN D 194 2.51 -39.81 53.98
CA GLN D 194 1.84 -39.34 52.76
C GLN D 194 1.72 -37.83 52.71
N ALA D 195 1.78 -37.28 51.49
CA ALA D 195 1.68 -35.85 51.20
C ALA D 195 0.61 -35.71 50.11
N THR D 196 -0.51 -35.04 50.43
CA THR D 196 -1.63 -34.88 49.50
C THR D 196 -1.84 -33.42 49.21
N ASP D 197 -1.87 -33.04 47.92
CA ASP D 197 -2.10 -31.65 47.55
C ASP D 197 -3.60 -31.33 47.64
N MET D 198 -4.00 -30.08 47.30
CA MET D 198 -5.38 -29.60 47.47
C MET D 198 -5.82 -29.75 48.93
N ASP D 199 -4.84 -29.60 49.85
CA ASP D 199 -4.98 -29.74 51.29
C ASP D 199 -5.70 -31.07 51.71
N GLY D 200 -5.26 -32.16 51.12
CA GLY D 200 -5.80 -33.48 51.40
C GLY D 200 -6.80 -34.02 50.41
N ASP D 201 -7.35 -33.16 49.51
CA ASP D 201 -8.35 -33.55 48.50
C ASP D 201 -7.81 -33.89 47.09
N GLY D 202 -6.50 -33.72 46.85
CA GLY D 202 -5.88 -33.98 45.55
C GLY D 202 -5.16 -35.29 45.46
N SER D 203 -3.99 -35.28 44.81
CA SER D 203 -3.14 -36.47 44.59
C SER D 203 -2.24 -36.73 45.79
N THR D 204 -1.94 -37.99 46.05
CA THR D 204 -1.10 -38.44 47.16
C THR D 204 0.20 -39.03 46.63
N THR D 205 1.27 -38.87 47.42
CA THR D 205 2.60 -39.42 47.18
C THR D 205 2.99 -40.09 48.50
N THR D 206 3.78 -41.17 48.41
CA THR D 206 4.21 -41.93 49.58
C THR D 206 5.74 -41.92 49.70
N ALA D 207 6.23 -41.90 50.95
CA ALA D 207 7.64 -42.00 51.31
C ALA D 207 7.71 -42.71 52.66
N VAL D 208 8.93 -43.04 53.12
CA VAL D 208 9.10 -43.70 54.41
C VAL D 208 9.94 -42.89 55.38
N ALA D 209 9.52 -42.88 56.65
CA ALA D 209 10.25 -42.26 57.74
C ALA D 209 10.75 -43.41 58.65
N VAL D 210 12.07 -43.60 58.69
CA VAL D 210 12.72 -44.65 59.50
C VAL D 210 13.20 -44.02 60.83
N VAL D 211 12.56 -44.39 61.95
CA VAL D 211 12.87 -43.83 63.28
C VAL D 211 13.64 -44.80 64.18
N GLU D 212 14.92 -44.48 64.44
CA GLU D 212 15.82 -45.23 65.33
C GLU D 212 15.55 -44.79 66.77
N ILE D 213 15.21 -45.75 67.64
CA ILE D 213 14.94 -45.52 69.06
C ILE D 213 16.28 -45.59 69.82
N LEU D 214 16.78 -44.43 70.29
CA LEU D 214 18.06 -44.29 71.00
C LEU D 214 17.95 -44.63 72.50
N ASP D 215 18.95 -45.38 73.04
CA ASP D 215 18.99 -45.74 74.46
C ASP D 215 19.37 -44.51 75.30
N ALA D 216 18.81 -44.41 76.51
CA ALA D 216 19.08 -43.31 77.43
C ALA D 216 20.11 -43.74 78.50
N ASN D 217 19.71 -43.86 79.79
CA ASN D 217 20.54 -44.21 80.96
C ASN D 217 21.56 -43.11 81.26
N TRP E 4 19.20 12.55 22.19
CA TRP E 4 17.94 13.19 21.76
C TRP E 4 17.57 14.38 22.68
N VAL E 5 17.96 15.57 22.22
CA VAL E 5 17.79 16.88 22.86
C VAL E 5 18.06 17.92 21.78
N VAL E 6 17.33 19.03 21.79
CA VAL E 6 17.51 20.06 20.77
C VAL E 6 17.76 21.43 21.37
N ALA E 7 18.72 22.16 20.81
CA ALA E 7 19.05 23.50 21.27
C ALA E 7 17.97 24.49 20.75
N PRO E 8 17.67 25.62 21.47
CA PRO E 8 16.70 26.58 20.93
C PRO E 8 17.06 27.02 19.51
N ILE E 9 16.03 27.24 18.72
CA ILE E 9 16.15 27.63 17.33
C ILE E 9 15.84 29.11 17.25
N SER E 10 16.69 29.84 16.57
CA SER E 10 16.57 31.27 16.44
C SER E 10 16.33 31.59 14.99
N VAL E 11 15.22 32.30 14.71
CA VAL E 11 14.85 32.64 13.35
C VAL E 11 14.52 34.12 13.27
N PRO E 12 15.12 34.89 12.35
CA PRO E 12 14.72 36.30 12.19
C PRO E 12 13.34 36.43 11.56
N GLU E 13 12.53 37.37 12.08
CA GLU E 13 11.23 37.65 11.46
C GLU E 13 11.41 38.17 10.01
N ASN E 14 10.31 38.13 9.21
CA ASN E 14 10.17 38.59 7.82
C ASN E 14 11.17 37.92 6.90
N GLY E 15 11.45 36.65 7.20
CA GLY E 15 12.35 35.85 6.39
C GLY E 15 11.78 35.57 5.01
N LYS E 16 12.65 35.24 4.08
CA LYS E 16 12.29 35.00 2.67
C LYS E 16 12.53 33.53 2.25
N GLY E 17 12.72 32.66 3.23
CA GLY E 17 12.97 31.25 3.01
C GLY E 17 14.18 30.97 2.11
N PRO E 18 14.02 30.29 0.94
CA PRO E 18 12.77 29.73 0.38
C PRO E 18 12.07 28.73 1.28
N PHE E 19 10.72 28.63 1.15
CA PHE E 19 9.88 27.78 1.96
C PHE E 19 9.46 26.49 1.28
N PRO E 20 9.43 25.31 1.96
CA PRO E 20 9.76 25.08 3.38
C PRO E 20 11.27 25.15 3.65
N GLN E 21 11.63 25.84 4.72
CA GLN E 21 13.00 26.10 5.14
C GLN E 21 13.42 25.10 6.20
N ARG E 22 14.53 24.37 5.96
CA ARG E 22 15.07 23.44 6.96
C ARG E 22 15.59 24.25 8.16
N LEU E 23 15.26 23.80 9.39
CA LEU E 23 15.71 24.48 10.61
C LEU E 23 16.73 23.68 11.36
N ASN E 24 16.42 22.43 11.72
CA ASN E 24 17.30 21.54 12.48
C ASN E 24 16.80 20.14 12.24
N GLN E 25 17.68 19.16 12.36
CA GLN E 25 17.30 17.79 12.19
C GLN E 25 17.16 17.10 13.54
N LEU E 26 15.98 16.53 13.82
CA LEU E 26 15.74 15.75 15.05
C LEU E 26 16.30 14.36 14.78
N LYS E 27 17.00 13.79 15.76
CA LYS E 27 17.60 12.47 15.60
C LYS E 27 17.63 11.68 16.90
N SER E 28 17.15 10.45 16.83
CA SER E 28 17.11 9.50 17.92
C SER E 28 18.30 8.56 17.77
N ASN E 29 19.05 8.36 18.86
CA ASN E 29 20.20 7.44 18.95
C ASN E 29 19.75 5.98 18.65
N LYS E 30 18.45 5.68 18.90
CA LYS E 30 17.79 4.40 18.68
C LYS E 30 17.69 4.02 17.19
N ASP E 31 17.97 4.97 16.26
CA ASP E 31 17.94 4.75 14.81
C ASP E 31 19.07 3.84 14.30
N ARG E 32 20.05 3.55 15.18
CA ARG E 32 21.20 2.68 14.98
C ARG E 32 20.77 1.22 14.75
N ASP E 33 19.59 0.82 15.28
CA ASP E 33 19.07 -0.55 15.16
C ASP E 33 17.74 -0.69 14.38
N THR E 34 16.85 0.33 14.45
CA THR E 34 15.55 0.34 13.74
C THR E 34 15.24 1.69 13.05
N LYS E 35 14.19 1.69 12.20
CA LYS E 35 13.74 2.89 11.49
C LYS E 35 12.82 3.69 12.42
N ILE E 36 13.10 4.99 12.55
CA ILE E 36 12.37 5.91 13.40
C ILE E 36 11.53 6.87 12.57
N PHE E 37 10.33 7.19 13.08
CA PHE E 37 9.37 8.13 12.50
C PHE E 37 9.16 9.28 13.44
N TYR E 38 9.39 10.48 12.94
CA TYR E 38 9.32 11.71 13.69
C TYR E 38 8.06 12.48 13.44
N SER E 39 7.56 13.14 14.49
CA SER E 39 6.38 13.99 14.44
C SER E 39 6.53 15.17 15.40
N ILE E 40 5.77 16.23 15.17
CA ILE E 40 5.75 17.41 16.02
C ILE E 40 4.32 17.81 16.37
N THR E 41 4.14 18.30 17.60
CA THR E 41 2.83 18.75 18.07
C THR E 41 3.02 20.11 18.75
N GLY E 42 1.92 20.83 18.95
CA GLY E 42 1.93 22.11 19.66
C GLY E 42 1.45 23.31 18.87
N PRO E 43 1.23 24.45 19.54
CA PRO E 43 0.76 25.66 18.83
C PRO E 43 1.82 26.15 17.84
N GLY E 44 1.45 26.10 16.55
CA GLY E 44 2.36 26.45 15.46
C GLY E 44 2.59 25.25 14.59
N ALA E 45 2.25 24.06 15.09
CA ALA E 45 2.40 22.81 14.36
C ALA E 45 1.03 22.18 14.03
N ASP E 46 0.46 21.39 14.96
CA ASP E 46 -0.82 20.71 14.78
C ASP E 46 -1.97 21.43 15.48
N SER E 47 -1.69 22.52 16.20
CA SER E 47 -2.72 23.25 16.91
C SER E 47 -2.59 24.74 16.51
N PRO E 48 -3.60 25.63 16.71
CA PRO E 48 -3.47 27.01 16.18
C PRO E 48 -2.33 27.89 16.68
N PRO E 49 -1.62 28.68 15.83
CA PRO E 49 -1.74 28.76 14.35
C PRO E 49 -1.17 27.49 13.72
N GLU E 50 -2.00 26.71 13.03
CA GLU E 50 -1.58 25.45 12.47
C GLU E 50 -0.65 25.62 11.22
N GLY E 51 0.32 24.70 11.09
CA GLY E 51 1.19 24.54 9.92
C GLY E 51 2.31 25.54 9.70
N VAL E 52 2.69 26.30 10.74
CA VAL E 52 3.81 27.25 10.67
C VAL E 52 5.10 26.40 10.57
N PHE E 53 5.08 25.25 11.27
CA PHE E 53 6.15 24.29 11.32
C PHE E 53 5.64 22.94 10.97
N ALA E 54 6.52 22.13 10.36
CA ALA E 54 6.29 20.74 10.03
C ALA E 54 7.60 20.00 10.22
N VAL E 55 7.57 18.67 10.22
CA VAL E 55 8.75 17.83 10.32
C VAL E 55 8.65 16.79 9.21
N GLU E 56 9.80 16.40 8.62
CA GLU E 56 9.87 15.33 7.65
C GLU E 56 9.91 14.03 8.49
N LYS E 57 8.83 13.23 8.40
CA LYS E 57 8.58 12.00 9.17
C LYS E 57 9.73 10.97 9.17
N GLU E 58 10.29 10.70 7.98
CA GLU E 58 11.35 9.72 7.79
C GLU E 58 12.77 10.26 7.97
N THR E 59 12.96 11.60 7.94
CA THR E 59 14.32 12.18 8.09
C THR E 59 14.58 12.95 9.41
N GLY E 60 13.53 13.50 10.02
CA GLY E 60 13.66 14.29 11.24
C GLY E 60 13.84 15.77 11.01
N TRP E 61 13.92 16.20 9.72
CA TRP E 61 14.10 17.62 9.39
C TRP E 61 12.92 18.46 9.77
N LEU E 62 13.13 19.45 10.66
CA LEU E 62 12.13 20.41 11.10
C LEU E 62 12.09 21.50 10.04
N LEU E 63 10.89 21.87 9.61
CA LEU E 63 10.66 22.82 8.53
C LEU E 63 9.90 24.04 8.98
N LEU E 64 10.26 25.21 8.44
CA LEU E 64 9.56 26.47 8.65
C LEU E 64 8.78 26.67 7.35
N ASN E 65 7.44 26.90 7.44
CA ASN E 65 6.62 27.00 6.25
C ASN E 65 6.28 28.41 5.80
N LYS E 66 6.64 29.42 6.57
CA LYS E 66 6.23 30.79 6.19
C LYS E 66 7.11 31.85 6.86
N PRO E 67 7.08 33.15 6.41
CA PRO E 67 7.79 34.20 7.17
C PRO E 67 7.10 34.36 8.54
N LEU E 68 7.88 34.72 9.57
CA LEU E 68 7.41 34.90 10.95
C LEU E 68 7.32 36.39 11.29
N ASP E 69 6.55 36.72 12.32
CA ASP E 69 6.34 38.09 12.77
C ASP E 69 6.51 38.09 14.27
N ARG E 70 7.58 38.71 14.75
CA ARG E 70 7.93 38.79 16.16
C ARG E 70 6.85 39.49 17.02
N GLU E 71 6.26 40.56 16.48
CA GLU E 71 5.18 41.32 17.13
C GLU E 71 3.84 40.56 17.11
N GLU E 72 3.71 39.48 16.30
CA GLU E 72 2.52 38.63 16.34
C GLU E 72 2.80 37.53 17.39
N ILE E 73 3.78 36.66 17.13
CA ILE E 73 4.21 35.56 18.02
C ILE E 73 5.73 35.63 18.07
N ALA E 74 6.29 35.88 19.26
CA ALA E 74 7.75 35.99 19.45
C ALA E 74 8.46 34.66 19.73
N LYS E 75 7.70 33.64 20.17
CA LYS E 75 8.27 32.36 20.61
C LYS E 75 7.26 31.22 20.41
N TYR E 76 7.75 30.05 20.04
CA TYR E 76 6.94 28.84 19.87
C TYR E 76 7.52 27.77 20.74
N GLU E 77 6.66 26.94 21.32
CA GLU E 77 7.05 25.81 22.15
C GLU E 77 6.35 24.62 21.55
N LEU E 78 7.14 23.73 20.93
CA LEU E 78 6.62 22.53 20.28
C LEU E 78 7.17 21.29 20.92
N PHE E 79 6.65 20.12 20.54
CA PHE E 79 7.12 18.85 21.08
C PHE E 79 7.47 17.91 19.95
N GLY E 80 8.65 17.33 20.01
CA GLY E 80 9.11 16.33 19.07
C GLY E 80 8.82 14.94 19.60
N HIS E 81 8.43 14.02 18.71
CA HIS E 81 8.10 12.64 19.06
C HIS E 81 8.83 11.70 18.11
N ALA E 82 9.37 10.59 18.64
CA ALA E 82 10.12 9.60 17.88
C ALA E 82 9.52 8.25 18.19
N VAL E 83 9.02 7.61 17.13
CA VAL E 83 8.34 6.32 17.22
C VAL E 83 8.98 5.31 16.29
N SER E 84 8.92 4.02 16.62
CA SER E 84 9.42 2.99 15.70
C SER E 84 8.23 2.50 14.84
N GLU E 85 8.47 1.69 13.79
CA GLU E 85 7.40 1.19 12.90
C GLU E 85 6.25 0.46 13.62
N ASN E 86 6.55 -0.19 14.76
CA ASN E 86 5.57 -0.90 15.59
C ASN E 86 4.63 0.04 16.41
N GLY E 87 4.83 1.36 16.27
CA GLY E 87 4.03 2.38 16.92
C GLY E 87 4.52 2.76 18.31
N ALA E 88 5.54 2.05 18.80
CA ALA E 88 6.12 2.25 20.11
C ALA E 88 7.06 3.46 20.14
N SER E 89 6.88 4.30 21.17
CA SER E 89 7.72 5.48 21.42
C SER E 89 9.13 5.01 21.83
N VAL E 90 10.16 5.54 21.14
CA VAL E 90 11.56 5.22 21.39
C VAL E 90 12.29 6.33 22.20
N GLU E 91 11.60 7.46 22.41
CA GLU E 91 12.10 8.62 23.14
C GLU E 91 10.97 9.27 23.92
N ASP E 92 11.33 10.05 24.95
CA ASP E 92 10.36 10.87 25.70
C ASP E 92 10.11 12.11 24.85
N PRO E 93 8.97 12.84 24.98
CA PRO E 93 8.77 14.05 24.14
C PRO E 93 9.90 15.06 24.29
N MET E 94 10.30 15.71 23.19
CA MET E 94 11.38 16.67 23.18
C MET E 94 10.83 18.07 23.06
N ASN E 95 11.23 18.97 23.98
CA ASN E 95 10.83 20.38 23.94
C ASN E 95 11.58 21.09 22.82
N ILE E 96 10.85 21.76 21.92
CA ILE E 96 11.43 22.50 20.81
C ILE E 96 11.02 23.97 20.98
N SER E 97 11.99 24.83 21.27
CA SER E 97 11.74 26.25 21.43
C SER E 97 12.22 26.95 20.21
N ILE E 98 11.37 27.78 19.64
CA ILE E 98 11.70 28.56 18.47
C ILE E 98 11.52 30.03 18.85
N ILE E 99 12.61 30.79 18.82
CA ILE E 99 12.63 32.21 19.14
C ILE E 99 12.62 33.01 17.84
N VAL E 100 11.74 34.02 17.78
CA VAL E 100 11.63 34.91 16.64
C VAL E 100 12.41 36.17 16.95
N THR E 101 13.50 36.42 16.21
CA THR E 101 14.36 37.58 16.44
C THR E 101 13.84 38.82 15.68
N ASP E 102 14.14 40.02 16.18
CA ASP E 102 13.57 41.24 15.63
C ASP E 102 14.23 41.84 14.39
N GLN E 103 13.39 42.45 13.52
CA GLN E 103 13.76 43.25 12.37
C GLN E 103 13.12 44.63 12.58
N ASN E 104 13.73 45.66 12.01
CA ASN E 104 13.28 47.01 12.16
C ASN E 104 12.12 47.35 11.23
N ASP E 105 10.96 46.70 11.48
CA ASP E 105 9.75 46.85 10.68
C ASP E 105 8.73 47.85 11.24
N HIS E 106 9.09 48.61 12.27
CA HIS E 106 8.24 49.68 12.81
C HIS E 106 9.01 50.98 12.85
N LYS E 107 8.39 52.05 12.43
CA LYS E 107 9.00 53.38 12.45
C LYS E 107 8.67 54.06 13.79
N PRO E 108 9.58 54.91 14.35
CA PRO E 108 9.22 55.60 15.60
C PRO E 108 7.99 56.48 15.37
N LYS E 109 7.15 56.59 16.40
CA LYS E 109 5.93 57.37 16.34
C LYS E 109 5.82 58.28 17.56
N PHE E 110 5.75 59.60 17.32
CA PHE E 110 5.54 60.59 18.40
C PHE E 110 4.11 60.42 18.92
N THR E 111 3.94 60.53 20.24
CA THR E 111 2.64 60.40 20.93
C THR E 111 1.65 61.52 20.56
N GLN E 112 2.18 62.66 20.06
CA GLN E 112 1.47 63.86 19.63
C GLN E 112 2.17 64.47 18.42
N ASP E 113 1.40 65.13 17.53
CA ASP E 113 1.93 65.82 16.35
C ASP E 113 2.49 67.17 16.79
N THR E 114 1.84 67.76 17.82
CA THR E 114 2.20 69.05 18.41
C THR E 114 2.30 68.89 19.93
N PHE E 115 3.44 69.30 20.49
CA PHE E 115 3.69 69.30 21.93
C PHE E 115 3.79 70.75 22.34
N ARG E 116 3.02 71.14 23.36
CA ARG E 116 3.02 72.53 23.80
C ARG E 116 3.57 72.64 25.21
N GLY E 117 4.64 73.43 25.33
CA GLY E 117 5.33 73.66 26.58
C GLY E 117 5.64 75.12 26.78
N SER E 118 6.22 75.44 27.96
CA SER E 118 6.55 76.81 28.34
C SER E 118 7.79 76.90 29.25
N VAL E 119 8.42 78.09 29.23
CA VAL E 119 9.60 78.45 30.03
C VAL E 119 9.63 79.98 30.27
N LEU E 120 10.11 80.42 31.45
CA LEU E 120 10.23 81.84 31.80
C LEU E 120 11.37 82.50 31.02
N GLU E 121 11.28 83.82 30.78
CA GLU E 121 12.28 84.58 30.01
C GLU E 121 13.67 84.74 30.67
N GLY E 122 13.70 84.82 32.00
CA GLY E 122 14.95 84.99 32.74
C GLY E 122 15.57 83.72 33.27
N VAL E 123 15.60 82.66 32.44
CA VAL E 123 16.15 81.36 32.83
C VAL E 123 17.61 81.14 32.42
N LEU E 124 18.37 80.43 33.29
CA LEU E 124 19.78 80.10 33.11
C LEU E 124 19.93 78.83 32.24
N PRO E 125 21.10 78.59 31.58
CA PRO E 125 21.26 77.34 30.82
C PRO E 125 21.18 76.11 31.74
N GLY E 126 20.54 75.06 31.24
CA GLY E 126 20.32 73.80 31.95
C GLY E 126 18.93 73.64 32.55
N THR E 127 18.03 74.61 32.29
CA THR E 127 16.68 74.60 32.82
C THR E 127 15.72 73.80 31.90
N SER E 128 15.07 72.78 32.49
CA SER E 128 14.10 71.89 31.86
C SER E 128 12.87 72.68 31.37
N VAL E 129 12.58 72.60 30.06
CA VAL E 129 11.47 73.31 29.39
C VAL E 129 10.20 72.44 29.35
N MET E 130 10.30 71.23 28.75
CA MET E 130 9.21 70.25 28.53
C MET E 130 9.79 68.89 28.10
N GLN E 131 8.99 67.80 28.17
CA GLN E 131 9.43 66.47 27.75
C GLN E 131 8.52 65.87 26.68
N VAL E 132 9.07 65.67 25.47
CA VAL E 132 8.39 65.07 24.33
C VAL E 132 8.60 63.54 24.33
N THR E 133 7.64 62.80 23.77
CA THR E 133 7.70 61.34 23.78
C THR E 133 7.44 60.74 22.41
N ALA E 134 8.22 59.70 22.08
CA ALA E 134 8.02 58.91 20.87
C ALA E 134 8.12 57.44 21.28
N THR E 135 7.34 56.58 20.64
CA THR E 135 7.38 55.14 20.90
C THR E 135 7.79 54.38 19.63
N ASP E 136 8.23 53.12 19.78
CA ASP E 136 8.64 52.26 18.69
C ASP E 136 8.29 50.84 19.11
N GLU E 137 7.49 50.13 18.30
CA GLU E 137 7.05 48.76 18.56
C GLU E 137 8.14 47.69 18.49
N ASP E 138 9.28 47.98 17.85
CA ASP E 138 10.37 47.01 17.76
C ASP E 138 11.07 46.83 19.11
N ASP E 139 11.93 45.82 19.16
CA ASP E 139 12.70 45.37 20.31
C ASP E 139 13.80 46.42 20.67
N ALA E 140 13.75 46.93 21.94
CA ALA E 140 14.71 47.90 22.48
C ALA E 140 15.66 47.28 23.50
N ILE E 141 15.52 45.97 23.75
CA ILE E 141 16.35 45.22 24.71
C ILE E 141 17.53 44.50 24.02
N TYR E 142 17.22 43.61 23.07
CA TYR E 142 18.22 42.80 22.38
C TYR E 142 18.74 43.44 21.13
N THR E 143 18.08 44.53 20.72
CA THR E 143 18.45 45.23 19.47
C THR E 143 18.27 46.75 19.64
N TYR E 144 18.68 47.48 18.62
CA TYR E 144 18.54 48.92 18.57
C TYR E 144 17.29 49.32 17.78
N ASN E 145 16.55 48.34 17.25
CA ASN E 145 15.35 48.59 16.42
C ASN E 145 14.26 49.40 17.09
N GLY E 146 14.04 49.14 18.38
CA GLY E 146 13.09 49.89 19.18
C GLY E 146 13.68 51.10 19.88
N VAL E 147 15.03 51.30 19.81
CA VAL E 147 15.75 52.39 20.48
C VAL E 147 15.63 53.76 19.76
N VAL E 148 14.94 54.71 20.38
CA VAL E 148 14.75 56.03 19.80
C VAL E 148 15.85 57.02 20.24
N ALA E 149 16.33 57.84 19.31
CA ALA E 149 17.29 58.91 19.59
C ALA E 149 16.58 60.22 19.21
N TYR E 150 16.47 61.15 20.16
CA TYR E 150 15.79 62.44 19.94
C TYR E 150 16.75 63.53 19.49
N SER E 151 16.26 64.46 18.67
CA SER E 151 17.06 65.58 18.16
C SER E 151 16.18 66.77 17.75
N ILE E 152 16.81 67.96 17.65
CA ILE E 152 16.17 69.18 17.15
C ILE E 152 16.68 69.41 15.71
N HIS E 153 15.77 69.40 14.73
CA HIS E 153 16.12 69.61 13.33
C HIS E 153 16.29 71.10 13.04
N SER E 154 15.30 71.92 13.47
CA SER E 154 15.32 73.38 13.28
C SER E 154 14.59 74.13 14.39
N GLN E 155 14.92 75.43 14.51
CA GLN E 155 14.33 76.35 15.48
C GLN E 155 13.78 77.57 14.72
N GLU E 156 12.52 77.94 15.00
CA GLU E 156 11.88 79.10 14.38
C GLU E 156 11.27 80.03 15.44
N PRO E 157 11.75 81.30 15.55
CA PRO E 157 12.81 81.96 14.76
C PRO E 157 14.22 81.73 15.30
N LYS E 158 15.24 82.15 14.52
CA LYS E 158 16.65 82.03 14.89
C LYS E 158 17.19 83.29 15.62
N ASP E 159 16.33 83.96 16.40
CA ASP E 159 16.67 85.16 17.17
C ASP E 159 16.66 84.88 18.69
N PRO E 160 17.76 85.14 19.47
CA PRO E 160 19.07 85.72 19.06
C PRO E 160 19.95 84.84 18.17
N HIS E 161 19.98 83.51 18.43
CA HIS E 161 20.75 82.52 17.67
C HIS E 161 20.02 81.17 17.55
N ASP E 162 20.44 80.31 16.59
CA ASP E 162 19.81 79.02 16.29
C ASP E 162 19.82 77.98 17.43
N LEU E 163 20.89 77.93 18.23
CA LEU E 163 20.99 76.91 19.28
C LEU E 163 20.66 77.43 20.68
N MET E 164 19.37 77.74 20.89
CA MET E 164 18.86 78.22 22.18
C MET E 164 18.44 77.04 23.07
N PHE E 165 17.97 75.95 22.44
CA PHE E 165 17.49 74.76 23.14
C PHE E 165 18.28 73.49 22.83
N THR E 166 18.08 72.47 23.67
CA THR E 166 18.67 71.13 23.50
C THR E 166 17.64 70.10 23.93
N ILE E 167 17.75 68.90 23.38
CA ILE E 167 16.88 67.79 23.74
C ILE E 167 17.77 66.64 24.19
N HIS E 168 17.42 66.01 25.32
CA HIS E 168 18.16 64.85 25.80
C HIS E 168 17.88 63.72 24.79
N ARG E 169 18.97 63.14 24.27
CA ARG E 169 18.98 62.10 23.24
C ARG E 169 18.09 60.86 23.55
N SER E 170 18.01 60.44 24.82
CA SER E 170 17.20 59.28 25.19
C SER E 170 15.90 59.60 25.95
N THR E 171 15.87 60.66 26.76
CA THR E 171 14.68 61.02 27.56
C THR E 171 13.65 61.90 26.84
N GLY E 172 14.09 62.69 25.86
CA GLY E 172 13.21 63.60 25.16
C GLY E 172 12.94 64.90 25.90
N THR E 173 13.70 65.17 26.99
CA THR E 173 13.57 66.39 27.79
C THR E 173 14.24 67.57 27.08
N ILE E 174 13.46 68.61 26.78
CA ILE E 174 13.96 69.84 26.16
C ILE E 174 14.47 70.78 27.27
N SER E 175 15.68 71.32 27.09
CA SER E 175 16.37 72.20 28.03
C SER E 175 16.88 73.45 27.34
N VAL E 176 16.96 74.57 28.10
CA VAL E 176 17.53 75.83 27.63
C VAL E 176 19.05 75.63 27.70
N ILE E 177 19.80 75.99 26.64
CA ILE E 177 21.26 75.89 26.62
C ILE E 177 21.97 77.24 26.58
N SER E 178 21.26 78.29 26.14
CA SER E 178 21.79 79.64 26.05
C SER E 178 20.84 80.63 26.69
N SER E 179 21.38 81.48 27.59
CA SER E 179 20.61 82.53 28.26
C SER E 179 20.34 83.67 27.27
N GLY E 180 19.22 84.36 27.46
CA GLY E 180 18.83 85.48 26.60
C GLY E 180 17.49 85.30 25.91
N LEU E 181 16.44 85.04 26.71
CA LEU E 181 15.06 84.87 26.25
C LEU E 181 14.24 86.10 26.68
N ASP E 182 13.27 86.54 25.84
CA ASP E 182 12.42 87.72 26.11
C ASP E 182 11.07 87.62 25.39
N ARG E 183 9.95 87.66 26.15
CA ARG E 183 8.57 87.59 25.64
C ARG E 183 8.25 88.70 24.64
N GLU E 184 8.69 89.96 24.92
CA GLU E 184 8.47 91.11 24.04
C GLU E 184 9.24 90.96 22.72
N LYS E 185 10.47 90.40 22.78
CA LYS E 185 11.32 90.16 21.61
C LYS E 185 10.79 88.96 20.80
N VAL E 186 10.84 87.73 21.37
CA VAL E 186 10.34 86.49 20.77
C VAL E 186 9.44 85.76 21.79
N PRO E 187 8.09 85.77 21.61
CA PRO E 187 7.21 85.11 22.60
C PRO E 187 6.97 83.61 22.39
N GLU E 188 7.22 83.11 21.17
CA GLU E 188 6.96 81.72 20.81
C GLU E 188 8.04 81.14 19.91
N TYR E 189 8.43 79.89 20.18
CA TYR E 189 9.41 79.14 19.38
C TYR E 189 8.77 77.88 18.84
N THR E 190 9.01 77.60 17.55
CA THR E 190 8.53 76.40 16.87
C THR E 190 9.74 75.52 16.59
N LEU E 191 9.92 74.48 17.42
CA LEU E 191 11.03 73.55 17.31
C LEU E 191 10.63 72.33 16.52
N THR E 192 11.36 72.07 15.44
CA THR E 192 11.18 70.88 14.63
C THR E 192 11.97 69.84 15.41
N ILE E 193 11.27 68.83 15.91
CA ILE E 193 11.91 67.78 16.69
C ILE E 193 11.81 66.46 15.97
N GLN E 194 12.88 65.68 16.05
CA GLN E 194 12.96 64.37 15.40
C GLN E 194 13.19 63.21 16.38
N ALA E 195 12.69 62.02 16.02
CA ALA E 195 12.85 60.76 16.76
C ALA E 195 13.31 59.74 15.72
N THR E 196 14.53 59.20 15.88
CA THR E 196 15.12 58.26 14.92
C THR E 196 15.39 56.96 15.62
N ASP E 197 14.87 55.84 15.08
CA ASP E 197 15.11 54.53 15.66
C ASP E 197 16.51 54.02 15.30
N MET E 198 16.88 52.81 15.77
CA MET E 198 18.25 52.27 15.62
C MET E 198 19.28 53.22 16.24
N ASP E 199 18.85 53.93 17.30
CA ASP E 199 19.61 54.92 18.03
C ASP E 199 20.25 55.99 17.10
N GLY E 200 19.43 56.51 16.19
CA GLY E 200 19.86 57.55 15.25
C GLY E 200 20.19 57.08 13.85
N ASP E 201 20.39 55.75 13.65
CA ASP E 201 20.75 55.14 12.36
C ASP E 201 19.59 54.59 11.49
N GLY E 202 18.37 54.61 12.01
CA GLY E 202 17.19 54.12 11.29
C GLY E 202 16.32 55.21 10.68
N SER E 203 15.00 55.04 10.77
CA SER E 203 13.97 55.95 10.22
C SER E 203 13.69 57.10 11.17
N THR E 204 13.33 58.26 10.62
CA THR E 204 13.03 59.47 11.37
C THR E 204 11.55 59.81 11.24
N THR E 205 10.99 60.43 12.28
CA THR E 205 9.63 60.95 12.37
C THR E 205 9.78 62.36 12.87
N THR E 206 8.89 63.24 12.43
CA THR E 206 8.92 64.64 12.82
C THR E 206 7.63 65.05 13.51
N ALA E 207 7.77 65.83 14.58
CA ALA E 207 6.70 66.44 15.36
C ALA E 207 7.16 67.85 15.69
N VAL E 208 6.26 68.69 16.24
CA VAL E 208 6.62 70.04 16.63
C VAL E 208 6.49 70.28 18.11
N ALA E 209 7.45 71.03 18.68
CA ALA E 209 7.45 71.46 20.06
C ALA E 209 7.27 72.99 20.04
N VAL E 210 6.11 73.45 20.53
CA VAL E 210 5.77 74.88 20.56
C VAL E 210 6.07 75.42 21.97
N VAL E 211 7.10 76.29 22.09
CA VAL E 211 7.54 76.83 23.38
C VAL E 211 7.15 78.30 23.59
N GLU E 212 6.20 78.54 24.51
CA GLU E 212 5.73 79.86 24.90
C GLU E 212 6.70 80.44 25.93
N ILE E 213 7.26 81.63 25.63
CA ILE E 213 8.19 82.34 26.50
C ILE E 213 7.37 83.20 27.46
N LEU E 214 7.27 82.78 28.74
CA LEU E 214 6.48 83.47 29.76
C LEU E 214 7.22 84.67 30.33
N ASP E 215 6.50 85.82 30.53
CA ASP E 215 7.05 87.07 31.08
C ASP E 215 7.56 86.86 32.51
N ALA E 216 8.69 87.53 32.86
CA ALA E 216 9.34 87.44 34.17
C ALA E 216 8.48 88.04 35.29
N ASP F 1 -7.68 -22.28 15.10
CA ASP F 1 -6.82 -21.48 14.23
C ASP F 1 -7.50 -20.66 13.13
N ILE F 2 -6.73 -19.83 12.39
CA ILE F 2 -7.29 -19.04 11.29
C ILE F 2 -7.24 -19.88 10.00
N GLN F 3 -8.38 -20.05 9.31
CA GLN F 3 -8.41 -20.79 8.03
C GLN F 3 -8.29 -19.79 6.90
N MET F 4 -7.46 -20.13 5.90
CA MET F 4 -7.24 -19.36 4.67
C MET F 4 -7.91 -20.11 3.54
N THR F 5 -8.88 -19.45 2.86
CA THR F 5 -9.65 -20.03 1.73
C THR F 5 -9.34 -19.24 0.46
N GLN F 6 -8.78 -19.92 -0.53
CA GLN F 6 -8.44 -19.32 -1.83
C GLN F 6 -9.54 -19.59 -2.88
N SER F 7 -9.63 -18.69 -3.86
CA SER F 7 -10.59 -18.74 -4.95
C SER F 7 -9.99 -18.18 -6.25
N PRO F 8 -10.25 -18.82 -7.44
CA PRO F 8 -10.88 -20.15 -7.63
C PRO F 8 -9.86 -21.25 -7.27
N SER F 9 -10.20 -22.55 -7.38
CA SER F 9 -9.23 -23.60 -7.06
C SER F 9 -8.20 -23.78 -8.19
N SER F 10 -8.59 -23.37 -9.40
CA SER F 10 -7.80 -23.37 -10.63
C SER F 10 -8.36 -22.40 -11.62
N LEU F 11 -7.51 -21.97 -12.56
CA LEU F 11 -7.90 -21.09 -13.66
C LEU F 11 -6.91 -21.31 -14.80
N SER F 12 -7.29 -20.82 -15.98
CA SER F 12 -6.48 -20.86 -17.19
C SER F 12 -6.53 -19.45 -17.77
N ALA F 13 -5.38 -18.91 -18.16
CA ALA F 13 -5.30 -17.57 -18.75
C ALA F 13 -4.26 -17.55 -19.86
N SER F 14 -4.41 -16.65 -20.84
CA SER F 14 -3.45 -16.55 -21.96
C SER F 14 -2.20 -15.77 -21.53
N VAL F 15 -1.09 -15.98 -22.24
CA VAL F 15 0.18 -15.26 -22.07
C VAL F 15 -0.14 -13.77 -22.37
N GLY F 16 0.25 -12.87 -21.46
CA GLY F 16 -0.01 -11.44 -21.60
C GLY F 16 -1.26 -10.96 -20.87
N ASP F 17 -2.09 -11.91 -20.43
CA ASP F 17 -3.32 -11.63 -19.70
C ASP F 17 -3.03 -11.27 -18.24
N ARG F 18 -4.01 -10.64 -17.61
CA ARG F 18 -4.00 -10.26 -16.21
C ARG F 18 -4.71 -11.39 -15.42
N VAL F 19 -4.08 -11.87 -14.35
CA VAL F 19 -4.64 -12.93 -13.54
C VAL F 19 -4.86 -12.38 -12.10
N THR F 20 -6.06 -12.66 -11.53
CA THR F 20 -6.43 -12.26 -10.15
C THR F 20 -6.85 -13.50 -9.34
N ILE F 21 -6.11 -13.78 -8.25
CA ILE F 21 -6.35 -14.86 -7.29
C ILE F 21 -6.84 -14.19 -6.00
N THR F 22 -7.88 -14.75 -5.37
CA THR F 22 -8.38 -14.17 -4.11
C THR F 22 -8.10 -15.08 -2.93
N CYS F 23 -8.06 -14.48 -1.75
CA CYS F 23 -7.83 -15.21 -0.52
C CYS F 23 -8.72 -14.57 0.53
N ARG F 24 -9.37 -15.40 1.35
CA ARG F 24 -10.27 -14.99 2.43
C ARG F 24 -9.83 -15.66 3.72
N ALA F 25 -9.60 -14.84 4.79
CA ALA F 25 -9.24 -15.29 6.14
C ALA F 25 -10.54 -15.45 6.93
N SER F 26 -10.59 -16.50 7.79
CA SER F 26 -11.77 -16.79 8.60
C SER F 26 -12.07 -15.69 9.65
N GLN F 27 -11.08 -14.84 9.94
CA GLN F 27 -11.16 -13.66 10.83
C GLN F 27 -10.15 -12.61 10.37
N THR F 28 -10.39 -11.34 10.70
CA THR F 28 -9.51 -10.23 10.29
C THR F 28 -8.03 -10.41 10.66
N ILE F 29 -7.14 -10.29 9.67
CA ILE F 29 -5.69 -10.46 9.87
C ILE F 29 -4.95 -9.16 9.53
N SER F 30 -5.69 -8.09 9.21
CA SER F 30 -5.19 -6.80 8.71
C SER F 30 -4.21 -6.95 7.51
N ASN F 31 -2.89 -6.71 7.62
CA ASN F 31 -2.00 -6.93 6.45
C ASN F 31 -1.00 -8.09 6.67
N THR F 32 -1.25 -8.96 7.66
CA THR F 32 -0.35 -10.07 8.01
C THR F 32 -0.49 -11.28 7.08
N LEU F 33 -0.27 -11.03 5.79
CA LEU F 33 -0.39 -12.01 4.73
C LEU F 33 0.80 -12.03 3.78
N ALA F 34 1.22 -13.26 3.42
CA ALA F 34 2.28 -13.58 2.46
C ALA F 34 1.70 -14.40 1.28
N TRP F 35 2.29 -14.26 0.08
CA TRP F 35 1.92 -15.04 -1.11
C TRP F 35 3.15 -15.84 -1.56
N TYR F 36 2.93 -17.10 -1.99
CA TYR F 36 3.97 -18.02 -2.45
C TYR F 36 3.60 -18.55 -3.81
N GLN F 37 4.62 -18.89 -4.58
CA GLN F 37 4.46 -19.53 -5.88
C GLN F 37 5.14 -20.86 -5.70
N GLN F 38 4.48 -21.95 -6.11
CA GLN F 38 5.11 -23.25 -6.03
C GLN F 38 5.04 -24.00 -7.35
N LYS F 39 6.24 -24.35 -7.87
CA LYS F 39 6.37 -25.10 -9.11
C LYS F 39 6.51 -26.60 -8.78
N PRO F 40 5.98 -27.49 -9.66
CA PRO F 40 6.05 -28.94 -9.38
C PRO F 40 7.45 -29.44 -9.05
N GLY F 41 7.56 -30.21 -7.97
CA GLY F 41 8.82 -30.76 -7.48
C GLY F 41 9.68 -29.77 -6.71
N LYS F 42 9.20 -28.53 -6.53
CA LYS F 42 9.97 -27.49 -5.85
C LYS F 42 9.27 -27.03 -4.59
N ALA F 43 10.04 -26.37 -3.70
CA ALA F 43 9.57 -25.74 -2.50
C ALA F 43 8.84 -24.46 -2.89
N PRO F 44 7.89 -23.96 -2.08
CA PRO F 44 7.25 -22.66 -2.39
C PRO F 44 8.27 -21.50 -2.41
N LYS F 45 7.97 -20.47 -3.19
CA LYS F 45 8.80 -19.27 -3.33
C LYS F 45 8.01 -18.05 -2.89
N LEU F 46 8.55 -17.30 -1.92
CA LEU F 46 7.95 -16.09 -1.37
C LEU F 46 7.90 -14.94 -2.40
N LEU F 47 6.71 -14.46 -2.68
CA LEU F 47 6.48 -13.39 -3.65
C LEU F 47 6.23 -12.06 -2.97
N ILE F 48 5.32 -12.08 -1.97
CA ILE F 48 4.82 -10.91 -1.25
C ILE F 48 4.66 -11.23 0.23
N TYR F 49 4.85 -10.23 1.08
CA TYR F 49 4.64 -10.29 2.53
C TYR F 49 4.01 -8.95 2.88
N ALA F 50 3.40 -8.80 4.08
CA ALA F 50 2.69 -7.58 4.52
C ALA F 50 1.62 -7.18 3.48
N ALA F 51 0.96 -8.22 2.90
CA ALA F 51 -0.10 -8.19 1.88
C ALA F 51 0.25 -7.58 0.50
N SER F 52 1.07 -6.51 0.48
CA SER F 52 1.39 -5.75 -0.73
C SER F 52 2.89 -5.55 -0.98
N ASN F 53 3.77 -5.96 -0.04
CA ASN F 53 5.22 -5.78 -0.22
C ASN F 53 5.91 -6.85 -1.06
N LEU F 54 6.43 -6.43 -2.22
CA LEU F 54 7.13 -7.31 -3.15
C LEU F 54 8.49 -7.75 -2.58
N GLN F 55 8.72 -9.07 -2.53
CA GLN F 55 9.94 -9.67 -2.05
C GLN F 55 11.10 -9.31 -3.01
N SER F 56 12.32 -9.07 -2.48
CA SER F 56 13.49 -8.73 -3.29
C SER F 56 13.77 -9.78 -4.38
N GLY F 57 14.00 -9.32 -5.61
CA GLY F 57 14.25 -10.17 -6.76
C GLY F 57 13.02 -10.68 -7.49
N VAL F 58 11.81 -10.49 -6.93
CA VAL F 58 10.56 -10.95 -7.54
C VAL F 58 10.13 -9.97 -8.66
N PRO F 59 9.74 -10.48 -9.87
CA PRO F 59 9.30 -9.57 -10.94
C PRO F 59 8.15 -8.64 -10.57
N SER F 60 8.19 -7.39 -11.06
CA SER F 60 7.21 -6.32 -10.81
C SER F 60 5.78 -6.65 -11.28
N ARG F 61 5.63 -7.67 -12.18
CA ARG F 61 4.32 -8.13 -12.65
C ARG F 61 3.45 -8.76 -11.53
N PHE F 62 4.07 -9.13 -10.39
CA PHE F 62 3.37 -9.64 -9.20
C PHE F 62 3.06 -8.54 -8.25
N SER F 63 1.81 -8.47 -7.81
CA SER F 63 1.37 -7.48 -6.85
C SER F 63 0.29 -8.04 -5.93
N GLY F 64 0.29 -7.55 -4.69
CA GLY F 64 -0.68 -7.94 -3.69
C GLY F 64 -1.48 -6.75 -3.23
N SER F 65 -2.73 -6.99 -2.79
CA SER F 65 -3.62 -5.97 -2.24
C SER F 65 -4.59 -6.60 -1.24
N GLY F 66 -5.32 -5.73 -0.55
CA GLY F 66 -6.33 -6.12 0.41
C GLY F 66 -5.91 -5.90 1.84
N SER F 67 -6.89 -5.99 2.73
CA SER F 67 -6.76 -5.82 4.17
C SER F 67 -7.94 -6.49 4.87
N GLY F 68 -7.78 -6.80 6.15
CA GLY F 68 -8.80 -7.42 6.95
C GLY F 68 -8.94 -8.90 6.65
N THR F 69 -10.00 -9.27 5.90
CA THR F 69 -10.28 -10.67 5.58
C THR F 69 -10.11 -11.01 4.11
N ASP F 70 -10.09 -9.99 3.20
CA ASP F 70 -10.06 -10.20 1.75
C ASP F 70 -8.81 -9.75 1.04
N PHE F 71 -8.11 -10.69 0.40
CA PHE F 71 -6.83 -10.42 -0.28
C PHE F 71 -6.77 -10.87 -1.71
N THR F 72 -5.93 -10.20 -2.48
CA THR F 72 -5.76 -10.45 -3.89
C THR F 72 -4.29 -10.47 -4.30
N LEU F 73 -3.93 -11.45 -5.15
CA LEU F 73 -2.64 -11.56 -5.82
C LEU F 73 -2.94 -11.33 -7.30
N THR F 74 -2.20 -10.40 -7.93
CA THR F 74 -2.37 -10.09 -9.35
C THR F 74 -1.06 -10.32 -10.11
N ILE F 75 -1.16 -10.99 -11.25
CA ILE F 75 -0.07 -11.18 -12.20
C ILE F 75 -0.54 -10.31 -13.36
N SER F 76 0.07 -9.13 -13.53
CA SER F 76 -0.35 -8.14 -14.52
C SER F 76 -0.21 -8.60 -15.98
N SER F 77 0.83 -9.39 -16.29
CA SER F 77 1.06 -9.87 -17.65
C SER F 77 1.65 -11.28 -17.55
N LEU F 78 0.76 -12.28 -17.57
CA LEU F 78 1.08 -13.70 -17.43
C LEU F 78 2.12 -14.21 -18.42
N GLN F 79 3.20 -14.83 -17.90
CA GLN F 79 4.28 -15.41 -18.69
C GLN F 79 4.15 -16.92 -18.66
N PRO F 80 4.62 -17.67 -19.70
CA PRO F 80 4.48 -19.15 -19.66
C PRO F 80 5.16 -19.84 -18.47
N GLU F 81 6.24 -19.23 -17.93
CA GLU F 81 6.96 -19.73 -16.76
C GLU F 81 6.14 -19.55 -15.48
N ASP F 82 5.03 -18.75 -15.56
CA ASP F 82 4.16 -18.48 -14.40
C ASP F 82 3.23 -19.62 -14.01
N PHE F 83 3.21 -20.70 -14.80
CA PHE F 83 2.45 -21.90 -14.48
C PHE F 83 2.92 -22.38 -13.07
N ALA F 84 2.02 -22.42 -12.12
CA ALA F 84 2.30 -22.83 -10.73
C ALA F 84 1.01 -22.84 -9.93
N THR F 85 1.14 -23.27 -8.69
CA THR F 85 0.10 -23.14 -7.68
C THR F 85 0.53 -21.98 -6.78
N TYR F 86 -0.40 -21.09 -6.52
CA TYR F 86 -0.16 -19.92 -5.69
C TYR F 86 -0.85 -20.09 -4.34
N TYR F 87 -0.13 -19.82 -3.25
CA TYR F 87 -0.61 -19.98 -1.89
C TYR F 87 -0.59 -18.70 -1.14
N CYS F 88 -1.65 -18.46 -0.34
CA CYS F 88 -1.65 -17.34 0.61
C CYS F 88 -1.32 -17.93 1.98
N GLN F 89 -0.78 -17.09 2.88
CA GLN F 89 -0.40 -17.51 4.21
C GLN F 89 -0.57 -16.38 5.20
N GLN F 90 -1.30 -16.62 6.31
CA GLN F 90 -1.41 -15.64 7.38
C GLN F 90 -0.31 -15.85 8.41
N TYR F 91 0.10 -14.77 9.05
CA TYR F 91 1.07 -14.85 10.14
C TYR F 91 0.66 -14.01 11.34
N LEU F 92 -0.66 -13.80 11.52
CA LEU F 92 -1.18 -13.09 12.70
C LEU F 92 -1.13 -14.01 13.92
N SER F 93 -1.61 -15.26 13.73
CA SER F 93 -1.69 -16.26 14.80
C SER F 93 -1.04 -17.50 14.26
N TRP F 94 0.21 -17.70 14.67
CA TRP F 94 1.11 -18.72 14.12
C TRP F 94 1.20 -18.55 12.61
N PHE F 95 1.11 -19.63 11.82
CA PHE F 95 1.30 -19.60 10.38
C PHE F 95 0.38 -20.63 9.75
N THR F 96 -0.60 -20.16 8.97
CA THR F 96 -1.55 -21.05 8.27
C THR F 96 -1.64 -20.66 6.82
N PHE F 97 -1.82 -21.66 5.97
CA PHE F 97 -1.85 -21.52 4.53
C PHE F 97 -3.20 -21.86 3.91
N GLY F 98 -3.46 -21.23 2.78
CA GLY F 98 -4.60 -21.53 1.92
C GLY F 98 -4.33 -22.82 1.17
N GLN F 99 -5.36 -23.33 0.50
CA GLN F 99 -5.30 -24.60 -0.22
C GLN F 99 -4.63 -24.47 -1.58
N GLY F 100 -4.42 -23.23 -2.05
CA GLY F 100 -3.76 -22.95 -3.31
C GLY F 100 -4.67 -22.77 -4.49
N THR F 101 -4.22 -21.97 -5.44
CA THR F 101 -4.88 -21.73 -6.73
C THR F 101 -3.90 -22.13 -7.82
N LYS F 102 -4.25 -23.16 -8.62
CA LYS F 102 -3.41 -23.65 -9.71
C LYS F 102 -3.64 -22.73 -10.91
N VAL F 103 -2.56 -22.11 -11.46
CA VAL F 103 -2.65 -21.22 -12.62
C VAL F 103 -2.06 -21.97 -13.83
N GLU F 104 -2.89 -22.19 -14.87
CA GLU F 104 -2.53 -22.81 -16.16
C GLU F 104 -2.51 -21.76 -17.26
N ILE F 105 -1.59 -21.95 -18.19
CA ILE F 105 -1.44 -21.04 -19.32
C ILE F 105 -2.26 -21.60 -20.49
N LYS F 106 -3.17 -20.75 -21.02
CA LYS F 106 -4.03 -21.03 -22.17
C LYS F 106 -3.29 -20.60 -23.46
N ARG F 107 -3.09 -21.56 -24.36
CA ARG F 107 -2.41 -21.33 -25.64
C ARG F 107 -3.24 -21.93 -26.77
N THR F 108 -2.81 -21.73 -28.05
CA THR F 108 -3.52 -22.30 -29.19
C THR F 108 -3.45 -23.83 -29.15
N VAL F 109 -4.40 -24.49 -29.81
CA VAL F 109 -4.47 -25.96 -29.89
C VAL F 109 -3.20 -26.55 -30.58
N ALA F 110 -2.66 -27.63 -30.01
CA ALA F 110 -1.48 -28.35 -30.52
C ALA F 110 -1.78 -29.84 -30.39
N ALA F 111 -1.82 -30.55 -31.52
CA ALA F 111 -2.12 -31.98 -31.58
C ALA F 111 -0.92 -32.77 -31.02
N PRO F 112 -1.13 -33.93 -30.37
CA PRO F 112 0.01 -34.71 -29.88
C PRO F 112 0.78 -35.41 -31.01
N SER F 113 2.06 -35.63 -30.79
CA SER F 113 2.89 -36.43 -31.67
C SER F 113 2.80 -37.79 -30.97
N VAL F 114 2.15 -38.75 -31.62
CA VAL F 114 1.88 -40.07 -31.03
C VAL F 114 2.95 -41.10 -31.41
N PHE F 115 3.54 -41.74 -30.38
CA PHE F 115 4.58 -42.76 -30.53
C PHE F 115 4.24 -44.00 -29.69
N ILE F 116 4.72 -45.17 -30.11
CA ILE F 116 4.43 -46.44 -29.45
C ILE F 116 5.71 -47.22 -29.24
N PHE F 117 5.81 -47.88 -28.09
CA PHE F 117 6.99 -48.66 -27.74
C PHE F 117 6.57 -50.08 -27.30
N PRO F 118 7.00 -51.11 -28.05
CA PRO F 118 6.73 -52.49 -27.63
C PRO F 118 7.48 -52.83 -26.32
N PRO F 119 7.12 -53.91 -25.58
CA PRO F 119 7.93 -54.25 -24.40
C PRO F 119 9.36 -54.66 -24.82
N SER F 120 10.32 -54.37 -23.95
CA SER F 120 11.71 -54.73 -24.22
C SER F 120 11.84 -56.25 -24.08
N ASP F 121 12.85 -56.83 -24.71
CA ASP F 121 13.10 -58.27 -24.62
C ASP F 121 13.53 -58.66 -23.20
N GLU F 122 14.23 -57.75 -22.51
CA GLU F 122 14.66 -57.91 -21.12
C GLU F 122 13.43 -58.09 -20.20
N GLN F 123 12.38 -57.24 -20.37
CA GLN F 123 11.16 -57.32 -19.56
C GLN F 123 10.36 -58.58 -19.87
N LEU F 124 10.27 -58.95 -21.16
CA LEU F 124 9.57 -60.14 -21.61
C LEU F 124 10.14 -61.42 -20.99
N LYS F 125 11.48 -61.47 -20.78
CA LYS F 125 12.17 -62.59 -20.10
C LYS F 125 11.71 -62.73 -18.64
N SER F 126 11.28 -61.61 -18.01
CA SER F 126 10.82 -61.57 -16.62
C SER F 126 9.34 -62.00 -16.43
N GLY F 127 8.61 -62.18 -17.53
CA GLY F 127 7.21 -62.63 -17.52
C GLY F 127 6.14 -61.59 -17.69
N THR F 128 6.52 -60.29 -17.82
CA THR F 128 5.57 -59.18 -17.96
C THR F 128 5.79 -58.41 -19.26
N ALA F 129 4.74 -57.76 -19.78
CA ALA F 129 4.83 -56.95 -21.00
C ALA F 129 4.16 -55.60 -20.81
N SER F 130 4.95 -54.53 -20.79
CA SER F 130 4.41 -53.18 -20.69
C SER F 130 4.56 -52.55 -22.08
N VAL F 131 3.43 -52.11 -22.65
CA VAL F 131 3.38 -51.48 -23.95
C VAL F 131 3.14 -50.01 -23.65
N VAL F 132 3.98 -49.12 -24.19
CA VAL F 132 3.89 -47.70 -23.89
C VAL F 132 3.47 -46.87 -25.09
N CYS F 133 2.40 -46.09 -24.94
CA CYS F 133 1.94 -45.16 -25.95
C CYS F 133 2.24 -43.76 -25.42
N LEU F 134 2.94 -42.97 -26.22
CA LEU F 134 3.39 -41.63 -25.84
C LEU F 134 2.70 -40.56 -26.70
N LEU F 135 2.07 -39.58 -26.03
CA LEU F 135 1.43 -38.42 -26.63
C LEU F 135 2.32 -37.25 -26.23
N ASN F 136 3.03 -36.69 -27.19
CA ASN F 136 4.00 -35.65 -26.92
C ASN F 136 3.57 -34.25 -27.35
N ASN F 137 3.81 -33.27 -26.45
CA ASN F 137 3.65 -31.83 -26.67
C ASN F 137 2.36 -31.36 -27.30
N PHE F 138 1.27 -31.56 -26.57
CA PHE F 138 -0.07 -31.19 -27.02
C PHE F 138 -0.80 -30.18 -26.09
N TYR F 139 -1.81 -29.53 -26.63
CA TYR F 139 -2.69 -28.59 -25.94
C TYR F 139 -4.07 -28.65 -26.57
N PRO F 140 -5.18 -28.78 -25.78
CA PRO F 140 -5.26 -28.82 -24.30
C PRO F 140 -4.94 -30.19 -23.68
N ARG F 141 -4.95 -30.30 -22.33
CA ARG F 141 -4.63 -31.52 -21.56
C ARG F 141 -5.61 -32.68 -21.88
N GLU F 142 -6.86 -32.32 -22.18
CA GLU F 142 -7.93 -33.26 -22.50
C GLU F 142 -7.57 -34.08 -23.75
N ALA F 143 -7.41 -35.40 -23.56
CA ALA F 143 -7.06 -36.38 -24.59
C ALA F 143 -7.55 -37.77 -24.21
N LYS F 144 -8.12 -38.49 -25.18
CA LYS F 144 -8.61 -39.86 -25.03
C LYS F 144 -7.59 -40.82 -25.71
N VAL F 145 -7.06 -41.77 -24.93
CA VAL F 145 -6.14 -42.81 -25.40
C VAL F 145 -6.89 -44.13 -25.24
N GLN F 146 -7.00 -44.88 -26.33
CA GLN F 146 -7.69 -46.17 -26.36
C GLN F 146 -6.74 -47.26 -26.86
N TRP F 147 -6.62 -48.35 -26.12
CA TRP F 147 -5.80 -49.48 -26.50
C TRP F 147 -6.64 -50.52 -27.21
N LYS F 148 -6.10 -51.04 -28.31
CA LYS F 148 -6.74 -52.08 -29.12
C LYS F 148 -5.71 -53.19 -29.35
N VAL F 149 -6.08 -54.43 -29.02
CA VAL F 149 -5.24 -55.60 -29.19
C VAL F 149 -6.00 -56.55 -30.16
N ASP F 150 -5.52 -56.63 -31.43
CA ASP F 150 -6.15 -57.39 -32.52
C ASP F 150 -7.58 -56.85 -32.76
N ASN F 151 -7.71 -55.50 -32.73
CA ASN F 151 -8.92 -54.70 -32.89
C ASN F 151 -9.89 -54.75 -31.70
N ALA F 152 -9.53 -55.53 -30.66
CA ALA F 152 -10.34 -55.68 -29.46
C ALA F 152 -9.99 -54.57 -28.48
N LEU F 153 -10.98 -53.70 -28.21
CA LEU F 153 -10.87 -52.56 -27.28
C LEU F 153 -10.58 -53.09 -25.86
N GLN F 154 -9.58 -52.49 -25.21
CA GLN F 154 -9.14 -52.90 -23.88
C GLN F 154 -9.73 -52.05 -22.77
N SER F 155 -9.87 -52.64 -21.58
CA SER F 155 -10.36 -51.91 -20.40
C SER F 155 -9.81 -52.47 -19.09
N GLY F 156 -9.40 -51.56 -18.21
CA GLY F 156 -8.84 -51.86 -16.89
C GLY F 156 -7.44 -52.46 -16.85
N ASN F 157 -6.70 -52.46 -17.97
CA ASN F 157 -5.34 -53.01 -18.04
C ASN F 157 -4.28 -51.95 -18.42
N SER F 158 -4.67 -50.67 -18.36
CA SER F 158 -3.81 -49.56 -18.71
C SER F 158 -3.86 -48.45 -17.68
N GLN F 159 -2.74 -47.73 -17.50
CA GLN F 159 -2.62 -46.59 -16.59
C GLN F 159 -1.99 -45.43 -17.37
N GLU F 160 -2.44 -44.20 -17.08
CA GLU F 160 -2.02 -42.96 -17.72
C GLU F 160 -1.37 -42.06 -16.71
N SER F 161 -0.45 -41.22 -17.19
CA SER F 161 0.28 -40.25 -16.40
C SER F 161 0.51 -39.05 -17.33
N VAL F 162 0.26 -37.82 -16.84
CA VAL F 162 0.40 -36.58 -17.61
C VAL F 162 1.49 -35.74 -16.95
N THR F 163 2.37 -35.11 -17.76
CA THR F 163 3.39 -34.24 -17.21
C THR F 163 2.69 -32.95 -16.79
N GLU F 164 3.40 -32.12 -16.04
CA GLU F 164 2.86 -30.83 -15.70
C GLU F 164 3.14 -29.96 -16.93
N GLN F 165 2.41 -28.86 -17.09
CA GLN F 165 2.57 -27.97 -18.23
C GLN F 165 4.02 -27.47 -18.38
N ASP F 166 4.56 -27.47 -19.61
CA ASP F 166 5.92 -27.00 -19.93
C ASP F 166 6.05 -25.47 -19.80
N SER F 167 7.13 -24.98 -19.15
CA SER F 167 7.42 -23.55 -18.88
C SER F 167 7.79 -22.71 -20.12
N LYS F 168 7.96 -23.35 -21.28
CA LYS F 168 8.32 -22.65 -22.52
C LYS F 168 7.20 -22.66 -23.56
N ASP F 169 6.69 -23.86 -23.91
CA ASP F 169 5.64 -23.99 -24.92
C ASP F 169 4.22 -24.22 -24.40
N SER F 170 4.03 -24.25 -23.06
CA SER F 170 2.73 -24.44 -22.39
C SER F 170 1.98 -25.71 -22.84
N THR F 171 2.71 -26.76 -23.26
CA THR F 171 2.11 -28.02 -23.67
C THR F 171 2.21 -29.06 -22.55
N TYR F 172 1.54 -30.19 -22.75
CA TYR F 172 1.52 -31.37 -21.90
C TYR F 172 2.00 -32.56 -22.73
N SER F 173 2.44 -33.61 -22.04
CA SER F 173 2.80 -34.88 -22.63
C SER F 173 2.14 -35.93 -21.76
N LEU F 174 1.77 -37.05 -22.36
CA LEU F 174 1.06 -38.09 -21.66
C LEU F 174 1.66 -39.44 -22.05
N SER F 175 1.78 -40.34 -21.07
CA SER F 175 2.19 -41.72 -21.36
C SER F 175 1.05 -42.64 -20.88
N SER F 176 0.67 -43.62 -21.72
CA SER F 176 -0.32 -44.64 -21.39
C SER F 176 0.41 -45.98 -21.48
N THR F 177 0.33 -46.76 -20.40
CA THR F 177 0.99 -48.05 -20.33
C THR F 177 -0.03 -49.18 -20.27
N LEU F 178 0.04 -50.06 -21.27
CA LEU F 178 -0.77 -51.25 -21.31
C LEU F 178 0.08 -52.38 -20.69
N THR F 179 -0.40 -53.00 -19.60
CA THR F 179 0.33 -54.08 -18.95
C THR F 179 -0.42 -55.40 -19.13
N LEU F 180 0.31 -56.41 -19.63
CA LEU F 180 -0.17 -57.77 -19.86
C LEU F 180 0.88 -58.74 -19.34
N SER F 181 0.52 -60.02 -19.21
CA SER F 181 1.49 -61.05 -18.85
C SER F 181 2.22 -61.42 -20.17
N LYS F 182 3.40 -62.09 -20.09
CA LYS F 182 4.13 -62.54 -21.26
C LYS F 182 3.24 -63.51 -22.07
N ALA F 183 2.52 -64.42 -21.36
CA ALA F 183 1.60 -65.42 -21.95
C ALA F 183 0.46 -64.78 -22.75
N ASP F 184 -0.19 -63.73 -22.18
CA ASP F 184 -1.29 -62.99 -22.82
C ASP F 184 -0.78 -62.20 -24.04
N TYR F 185 0.37 -61.48 -23.87
CA TYR F 185 1.03 -60.67 -24.90
C TYR F 185 1.37 -61.48 -26.15
N GLU F 186 1.89 -62.70 -25.94
CA GLU F 186 2.29 -63.61 -27.02
C GLU F 186 1.10 -64.23 -27.77
N LYS F 187 -0.09 -64.19 -27.16
CA LYS F 187 -1.34 -64.70 -27.77
C LYS F 187 -1.90 -63.74 -28.83
N HIS F 188 -1.33 -62.52 -28.96
CA HIS F 188 -1.81 -61.51 -29.92
C HIS F 188 -0.74 -60.92 -30.83
N LYS F 189 -1.17 -60.32 -31.95
CA LYS F 189 -0.32 -59.74 -33.00
C LYS F 189 -0.29 -58.21 -33.04
N VAL F 190 -1.45 -57.54 -33.20
CA VAL F 190 -1.55 -56.09 -33.38
C VAL F 190 -1.87 -55.36 -32.09
N TYR F 191 -0.98 -54.44 -31.72
CA TYR F 191 -1.05 -53.59 -30.52
C TYR F 191 -1.14 -52.18 -31.00
N ALA F 192 -2.33 -51.59 -30.82
CA ALA F 192 -2.66 -50.27 -31.28
C ALA F 192 -3.08 -49.35 -30.17
N CYS F 193 -2.67 -48.11 -30.31
CA CYS F 193 -2.99 -47.03 -29.43
C CYS F 193 -3.73 -46.02 -30.31
N GLU F 194 -4.99 -45.72 -29.96
CA GLU F 194 -5.83 -44.77 -30.71
C GLU F 194 -6.03 -43.50 -29.91
N VAL F 195 -5.66 -42.37 -30.51
CA VAL F 195 -5.67 -41.07 -29.85
C VAL F 195 -6.71 -40.12 -30.39
N THR F 196 -7.52 -39.57 -29.46
CA THR F 196 -8.55 -38.59 -29.76
C THR F 196 -8.14 -37.30 -29.06
N HIS F 197 -8.01 -36.23 -29.85
CA HIS F 197 -7.60 -34.92 -29.35
C HIS F 197 -8.18 -33.81 -30.23
N GLN F 198 -8.42 -32.61 -29.64
CA GLN F 198 -8.96 -31.41 -30.28
C GLN F 198 -8.15 -30.98 -31.54
N GLY F 199 -6.82 -31.19 -31.51
CA GLY F 199 -5.91 -30.84 -32.59
C GLY F 199 -5.84 -31.81 -33.75
N LEU F 200 -6.49 -32.99 -33.60
CA LEU F 200 -6.58 -34.04 -34.61
C LEU F 200 -7.98 -34.00 -35.21
N SER F 201 -8.06 -33.88 -36.56
CA SER F 201 -9.33 -33.82 -37.31
C SER F 201 -10.13 -35.12 -37.14
N SER F 202 -9.42 -36.27 -37.17
CA SER F 202 -9.97 -37.61 -36.97
C SER F 202 -8.99 -38.40 -36.08
N PRO F 203 -9.48 -39.37 -35.25
CA PRO F 203 -8.55 -40.10 -34.36
C PRO F 203 -7.36 -40.76 -35.04
N VAL F 204 -6.18 -40.62 -34.41
CA VAL F 204 -4.90 -41.14 -34.88
C VAL F 204 -4.56 -42.48 -34.19
N THR F 205 -4.24 -43.50 -35.00
CA THR F 205 -3.85 -44.83 -34.51
C THR F 205 -2.36 -45.05 -34.77
N LYS F 206 -1.65 -45.51 -33.72
CA LYS F 206 -0.24 -45.88 -33.75
C LYS F 206 -0.19 -47.33 -33.32
N SER F 207 0.40 -48.19 -34.15
CA SER F 207 0.44 -49.62 -33.91
C SER F 207 1.76 -50.29 -34.34
N PHE F 208 1.95 -51.52 -33.87
CA PHE F 208 3.04 -52.42 -34.23
C PHE F 208 2.49 -53.86 -34.19
N ASN F 209 3.16 -54.75 -34.91
CA ASN F 209 2.88 -56.17 -34.95
C ASN F 209 4.03 -56.88 -34.19
N ARG F 210 3.71 -57.72 -33.19
CA ARG F 210 4.76 -58.45 -32.48
C ARG F 210 5.06 -59.81 -33.10
#